data_3N2O
#
_entry.id   3N2O
#
_cell.length_a   101.648
_cell.length_b   119.365
_cell.length_c   121.840
_cell.angle_alpha   90.00
_cell.angle_beta   96.30
_cell.angle_gamma   90.00
#
_symmetry.space_group_name_H-M   'P 1 21 1'
#
loop_
_entity.id
_entity.type
_entity.pdbx_description
1 polymer 'Biosynthetic arginine decarboxylase'
2 non-polymer "PYRIDOXAL-5'-PHOSPHATE"
3 non-polymer AGMATINE
4 water water
#
_entity_poly.entity_id   1
_entity_poly.type   'polypeptide(L)'
_entity_poly.pdbx_seq_one_letter_code
;MRLDVEQTSKLDRVRADYNVHYWSQGFYGIDDQGEMYVSPRSDNAHQIQLSKIVKQLEERQLNVPVLVRFPQILHQRVHS
ICDAFNQAIEEYQYPNKYLLVYPIKVNQQREVVDEILASQAQLETKQLGLEAGSKPELLAVLAMAQHASSVIVCNGYKDR
EYIRLALIGEKLGHKVFIVLEKMSELDLVLREAKSLGVTPRLGIRIRLASQGAGKWQASGGEKSKFGLSASQVLNVISRL
KKENQLDTLQLVHFHLGSQMANIRDVRNGVNESARFYCELRTLGANITYFDVGGGLAIDYDGTRSQSSNSMNYGLVEYAR
NIVNTVGDVCKDYKQPMPVIISESGRSLTAHHAVLISNVIGTETYKPETVTEPEEDFPLLLNNMWRSWLNLHNGTDARAL
IEIYNDTQSDLAEVHSQFATGVLTLEHRAWAEQTSLRIYYELNRLMSTKNRFHRPILDELSERLADKFFVNFSLFQSLPD
SWGIDQVFPVLPLSGLQNAADRRAVMLDITCDSDGAIDAYVDGQGIESTLPVPAWNEDEPYLMGFFLVGAYQEILGDMHN
LFGDTHSVVVNVGDQGEINIDFINEGDTVEDMMRYVHIDVDQIRKNYHSLVSQRVDQEEQQQILAELEQGLSGYTYLEDF
LEHHHHHH
;
_entity_poly.pdbx_strand_id   A,B,C,D
#
# COMPACT_ATOMS: atom_id res chain seq x y z
N LYS A 10 -21.62 36.12 8.91
CA LYS A 10 -21.64 35.86 10.39
C LYS A 10 -20.34 35.21 10.91
N LEU A 11 -19.88 35.75 12.03
CA LEU A 11 -18.68 35.29 12.71
C LEU A 11 -18.85 33.96 13.41
N ASP A 12 -20.05 33.71 13.92
CA ASP A 12 -20.30 32.59 14.83
C ASP A 12 -20.42 31.31 14.02
N ARG A 13 -20.81 31.45 12.76
CA ARG A 13 -20.78 30.37 11.78
C ARG A 13 -19.35 30.16 11.28
N VAL A 14 -18.56 31.24 11.19
CA VAL A 14 -17.11 31.14 10.90
C VAL A 14 -16.43 30.38 12.04
N ARG A 15 -16.78 30.69 13.29
CA ARG A 15 -16.21 29.99 14.43
C ARG A 15 -16.38 28.47 14.34
N ALA A 16 -17.55 28.00 13.90
CA ALA A 16 -17.71 26.57 13.67
C ALA A 16 -16.95 26.07 12.44
N ASP A 17 -16.65 26.92 11.45
CA ASP A 17 -15.83 26.43 10.31
C ASP A 17 -14.36 26.13 10.68
N TYR A 18 -13.80 26.91 11.61
CA TYR A 18 -12.44 26.68 12.12
C TYR A 18 -12.35 25.81 13.38
N ASN A 19 -13.26 26.01 14.33
CA ASN A 19 -13.22 25.27 15.62
C ASN A 19 -11.83 25.30 16.27
N VAL A 20 -11.28 26.50 16.43
CA VAL A 20 -9.98 26.77 17.02
C VAL A 20 -9.82 26.12 18.38
N HIS A 21 -10.91 26.12 19.14
CA HIS A 21 -10.88 25.56 20.50
C HIS A 21 -10.50 24.08 20.56
N TYR A 22 -10.74 23.32 19.51
CA TYR A 22 -10.30 21.93 19.54
C TYR A 22 -8.78 21.72 19.69
N TRP A 23 -7.96 22.63 19.11
CA TRP A 23 -6.51 22.53 19.22
C TRP A 23 -5.90 23.62 20.16
N SER A 24 -6.60 24.70 20.48
CA SER A 24 -5.90 25.86 21.05
C SER A 24 -5.69 25.78 22.53
N GLN A 25 -6.43 24.88 23.18
CA GLN A 25 -6.46 24.75 24.63
C GLN A 25 -6.82 26.09 25.28
N GLY A 26 -7.68 26.87 24.65
CA GLY A 26 -8.08 28.15 25.21
C GLY A 26 -7.00 29.25 25.14
N PHE A 27 -5.87 29.01 24.43
CA PHE A 27 -4.82 30.04 24.35
C PHE A 27 -5.03 31.01 23.23
N TYR A 28 -5.75 30.57 22.20
CA TYR A 28 -6.03 31.36 20.99
C TYR A 28 -7.51 31.20 20.66
N GLY A 29 -8.09 32.21 20.00
CA GLY A 29 -9.45 32.11 19.58
C GLY A 29 -9.77 33.28 18.65
N ILE A 30 -11.00 33.32 18.20
CA ILE A 30 -11.45 34.38 17.34
C ILE A 30 -12.45 35.23 18.14
N ASP A 31 -12.12 36.51 18.32
CA ASP A 31 -12.95 37.43 19.09
C ASP A 31 -14.10 37.97 18.24
N ASP A 32 -14.92 38.85 18.80
CA ASP A 32 -16.12 39.38 18.07
C ASP A 32 -15.93 40.39 16.95
N GLN A 33 -14.78 41.09 16.94
CA GLN A 33 -14.38 41.90 15.79
C GLN A 33 -13.80 41.03 14.66
N GLY A 34 -13.87 39.72 14.82
CA GLY A 34 -13.27 38.79 13.85
C GLY A 34 -11.74 38.80 13.80
N GLU A 35 -11.11 39.03 14.93
CA GLU A 35 -9.66 39.06 15.02
C GLU A 35 -9.20 37.90 15.84
N MET A 36 -8.08 37.29 15.49
CA MET A 36 -7.47 36.25 16.30
C MET A 36 -6.79 36.86 17.50
N TYR A 37 -7.00 36.28 18.64
CA TYR A 37 -6.32 36.73 19.82
C TYR A 37 -5.54 35.64 20.48
N VAL A 38 -4.62 36.04 21.36
CA VAL A 38 -4.02 35.13 22.31
C VAL A 38 -4.46 35.53 23.71
N SER A 39 -4.68 34.53 24.57
CA SER A 39 -5.05 34.79 25.95
C SER A 39 -4.07 34.01 26.79
N PRO A 40 -2.95 34.64 27.16
CA PRO A 40 -1.83 33.82 27.62
C PRO A 40 -1.69 33.75 29.14
N ARG A 41 -2.34 34.68 29.83
CA ARG A 41 -2.25 34.79 31.28
C ARG A 41 -3.13 33.72 31.93
N SER A 42 -2.69 33.27 33.10
CA SER A 42 -3.43 32.29 33.88
C SER A 42 -4.70 32.88 34.43
N ASP A 43 -4.68 34.17 34.80
CA ASP A 43 -5.95 34.75 35.26
C ASP A 43 -6.90 34.92 34.09
N ASN A 44 -6.48 34.53 32.89
CA ASN A 44 -7.25 34.77 31.66
C ASN A 44 -7.73 36.20 31.45
N ALA A 45 -7.06 37.14 32.12
CA ALA A 45 -7.59 38.49 32.26
C ALA A 45 -7.72 39.28 30.95
N HIS A 46 -6.67 39.38 30.16
CA HIS A 46 -6.76 40.24 28.98
C HIS A 46 -6.47 39.43 27.73
N GLN A 47 -7.34 39.54 26.73
CA GLN A 47 -7.03 39.00 25.42
C GLN A 47 -6.30 40.06 24.63
N ILE A 48 -5.44 39.64 23.70
CA ILE A 48 -4.72 40.61 22.89
C ILE A 48 -4.84 40.15 21.45
N GLN A 49 -5.23 41.07 20.57
CA GLN A 49 -5.30 40.73 19.15
C GLN A 49 -3.90 40.62 18.55
N LEU A 50 -3.62 39.47 17.96
CA LEU A 50 -2.31 39.23 17.41
C LEU A 50 -1.94 40.29 16.38
N SER A 51 -2.90 40.73 15.58
CA SER A 51 -2.64 41.81 14.63
C SER A 51 -2.18 43.11 15.32
N LYS A 52 -2.65 43.34 16.55
CA LYS A 52 -2.21 44.49 17.33
C LYS A 52 -0.81 44.27 17.84
N ILE A 53 -0.38 43.04 18.02
CA ILE A 53 1.00 42.83 18.37
C ILE A 53 1.85 43.13 17.18
N VAL A 54 1.41 42.70 16.02
CA VAL A 54 2.10 43.04 14.79
C VAL A 54 2.20 44.53 14.52
N LYS A 55 1.11 45.27 14.77
CA LYS A 55 1.10 46.72 14.52
C LYS A 55 2.19 47.35 15.36
N GLN A 56 2.31 46.91 16.60
CA GLN A 56 3.32 47.38 17.52
C GLN A 56 4.78 46.97 17.13
N LEU A 57 4.97 45.81 16.54
CA LEU A 57 6.28 45.48 15.98
C LEU A 57 6.66 46.40 14.82
N GLU A 58 5.69 46.72 13.95
CA GLU A 58 5.91 47.60 12.79
C GLU A 58 6.38 49.01 13.26
N GLU A 59 5.74 49.53 14.30
CA GLU A 59 6.13 50.82 14.89
C GLU A 59 7.61 50.82 15.27
N ARG A 60 8.08 49.71 15.79
CA ARG A 60 9.45 49.51 16.24
C ARG A 60 10.39 49.07 15.11
N GLN A 61 9.90 49.15 13.88
CA GLN A 61 10.65 48.81 12.65
C GLN A 61 11.04 47.33 12.54
N LEU A 62 10.17 46.44 13.04
CA LEU A 62 10.31 45.02 12.74
C LEU A 62 9.18 44.61 11.84
N ASN A 63 9.53 44.15 10.63
CA ASN A 63 8.59 43.59 9.68
C ASN A 63 8.47 42.06 9.78
N VAL A 64 7.33 41.54 9.37
CA VAL A 64 7.08 40.13 9.31
C VAL A 64 7.99 39.59 8.19
N PRO A 65 8.31 38.28 8.19
CA PRO A 65 7.85 37.31 9.19
C PRO A 65 8.45 37.55 10.59
N VAL A 66 7.67 37.16 11.60
CA VAL A 66 8.08 37.22 13.01
C VAL A 66 7.64 35.98 13.80
N LEU A 67 8.51 35.53 14.69
CA LEU A 67 8.15 34.49 15.60
C LEU A 67 7.86 35.07 17.01
N VAL A 68 6.66 34.83 17.53
CA VAL A 68 6.25 35.48 18.74
C VAL A 68 6.06 34.40 19.78
N ARG A 69 6.71 34.54 20.94
CA ARG A 69 6.63 33.63 22.11
C ARG A 69 5.83 34.26 23.24
N PHE A 70 5.02 33.43 23.90
CA PHE A 70 4.29 33.85 25.10
C PHE A 70 4.68 33.00 26.31
N PRO A 71 5.61 33.50 27.13
CA PRO A 71 6.05 32.76 28.32
C PRO A 71 4.92 32.47 29.26
N GLN A 72 3.91 33.31 29.25
CA GLN A 72 2.85 33.12 30.24
C GLN A 72 2.18 31.81 29.92
N ILE A 73 2.20 31.40 28.64
CA ILE A 73 1.71 30.10 28.21
C ILE A 73 2.60 28.94 28.68
N LEU A 74 3.93 29.08 28.59
CA LEU A 74 4.83 28.08 29.18
C LEU A 74 4.49 27.83 30.68
N HIS A 75 4.24 28.90 31.44
CA HIS A 75 3.93 28.81 32.87
C HIS A 75 2.70 27.93 33.08
N GLN A 76 1.67 28.13 32.27
CA GLN A 76 0.41 27.42 32.45
C GLN A 76 0.59 25.94 32.16
N ARG A 77 1.40 25.61 31.14
CA ARG A 77 1.63 24.20 30.75
C ARG A 77 2.38 23.45 31.86
N VAL A 78 3.45 24.05 32.38
CA VAL A 78 4.11 23.55 33.56
C VAL A 78 3.06 23.23 34.66
N HIS A 79 2.12 24.15 34.90
CA HIS A 79 1.20 23.94 36.03
C HIS A 79 0.13 22.88 35.72
N SER A 80 -0.26 22.80 34.45
CA SER A 80 -1.26 21.86 34.02
C SER A 80 -0.73 20.45 34.05
N ILE A 81 0.53 20.26 33.63
CA ILE A 81 1.05 18.94 33.61
C ILE A 81 1.21 18.44 35.05
N CYS A 82 1.79 19.29 35.91
CA CYS A 82 1.91 18.99 37.34
C CYS A 82 0.57 18.82 37.99
N ASP A 83 -0.41 19.63 37.62
CA ASP A 83 -1.75 19.45 38.19
C ASP A 83 -2.35 18.12 37.78
N ALA A 84 -2.09 17.71 36.54
CA ALA A 84 -2.69 16.46 36.05
C ALA A 84 -2.12 15.30 36.82
N PHE A 85 -0.82 15.26 37.04
CA PHE A 85 -0.27 14.12 37.79
C PHE A 85 -0.67 14.16 39.24
N ASN A 86 -0.73 15.33 39.84
CA ASN A 86 -1.23 15.48 41.18
C ASN A 86 -2.66 14.99 41.35
N GLN A 87 -3.52 15.28 40.39
CA GLN A 87 -4.89 14.83 40.49
C GLN A 87 -4.91 13.32 40.54
N ALA A 88 -4.08 12.72 39.68
CA ALA A 88 -4.01 11.28 39.54
C ALA A 88 -3.47 10.63 40.80
N ILE A 89 -2.46 11.28 41.37
CA ILE A 89 -1.84 10.85 42.63
C ILE A 89 -2.89 10.89 43.75
N GLU A 90 -3.72 11.90 43.76
CA GLU A 90 -4.72 12.05 44.82
C GLU A 90 -5.80 11.01 44.67
N GLU A 91 -6.20 10.75 43.42
CA GLU A 91 -7.28 9.82 43.14
C GLU A 91 -6.89 8.40 43.46
N TYR A 92 -5.64 8.06 43.19
CA TYR A 92 -5.16 6.71 43.47
C TYR A 92 -4.74 6.58 44.94
N GLN A 93 -4.59 7.73 45.60
CA GLN A 93 -3.90 7.85 46.91
C GLN A 93 -2.48 7.34 46.79
N TYR A 94 -1.78 7.80 45.76
CA TYR A 94 -0.42 7.34 45.46
C TYR A 94 0.52 8.00 46.45
N PRO A 95 1.45 7.21 47.01
CA PRO A 95 2.14 7.68 48.21
C PRO A 95 3.51 8.30 47.93
N ASN A 96 3.69 8.95 46.79
CA ASN A 96 4.95 9.57 46.46
C ASN A 96 4.66 10.69 45.49
N LYS A 97 5.72 11.33 44.99
CA LYS A 97 5.58 12.57 44.28
C LYS A 97 5.76 12.42 42.78
N TYR A 98 5.34 13.46 42.06
CA TYR A 98 5.60 13.65 40.64
C TYR A 98 6.62 14.76 40.47
N LEU A 99 7.63 14.55 39.64
CA LEU A 99 8.55 15.59 39.31
C LEU A 99 8.56 15.86 37.76
N LEU A 100 8.32 17.11 37.35
CA LEU A 100 8.47 17.52 35.92
C LEU A 100 9.93 17.81 35.61
N VAL A 101 10.42 17.28 34.48
CA VAL A 101 11.77 17.51 34.01
C VAL A 101 11.72 17.91 32.52
N TYR A 102 12.34 19.03 32.16
CA TYR A 102 12.26 19.52 30.79
C TYR A 102 13.44 19.11 29.88
N PRO A 103 13.20 18.32 28.83
CA PRO A 103 14.33 17.94 27.96
C PRO A 103 14.62 19.10 27.03
N ILE A 104 15.80 19.65 27.06
CA ILE A 104 16.08 20.81 26.26
C ILE A 104 16.11 20.65 24.73
N LYS A 105 16.19 19.42 24.24
CA LYS A 105 16.24 19.10 22.83
C LYS A 105 15.03 19.61 22.08
N VAL A 106 13.91 19.68 22.74
CA VAL A 106 12.70 20.16 22.19
C VAL A 106 12.76 21.65 21.82
N ASN A 107 13.34 22.47 22.66
CA ASN A 107 13.63 23.85 22.41
C ASN A 107 14.69 24.40 23.36
N GLN A 108 15.86 24.72 22.85
CA GLN A 108 16.97 25.12 23.67
C GLN A 108 17.12 26.59 24.02
N GLN A 109 16.27 27.46 23.49
CA GLN A 109 16.39 28.89 23.61
C GLN A 109 16.35 29.36 25.05
N ARG A 110 17.31 30.21 25.43
CA ARG A 110 17.46 30.59 26.82
C ARG A 110 16.16 31.20 27.34
N GLU A 111 15.52 32.01 26.52
CA GLU A 111 14.26 32.61 26.92
C GLU A 111 13.06 31.64 27.10
N VAL A 112 13.10 30.46 26.50
CA VAL A 112 12.09 29.44 26.76
C VAL A 112 12.42 28.73 28.07
N VAL A 113 13.69 28.35 28.20
CA VAL A 113 14.11 27.53 29.31
C VAL A 113 14.04 28.26 30.63
N ASP A 114 14.29 29.58 30.61
CA ASP A 114 14.19 30.41 31.81
C ASP A 114 12.77 30.49 32.28
N GLU A 115 11.83 30.55 31.36
CA GLU A 115 10.47 30.69 31.79
C GLU A 115 9.98 29.37 32.34
N ILE A 116 10.32 28.28 31.67
CA ILE A 116 10.05 26.97 32.27
C ILE A 116 10.67 26.86 33.68
N LEU A 117 11.97 27.20 33.84
CA LEU A 117 12.57 27.18 35.22
C LEU A 117 11.78 28.04 36.20
N ALA A 118 11.41 29.26 35.80
CA ALA A 118 10.68 30.19 36.64
C ALA A 118 9.32 29.69 37.19
N SER A 119 8.60 28.86 36.46
CA SER A 119 7.34 28.36 37.02
C SER A 119 7.60 27.21 37.97
N GLN A 120 8.50 26.32 37.57
CA GLN A 120 8.98 25.18 38.41
C GLN A 120 9.37 25.64 39.83
N ALA A 121 9.86 26.87 39.95
CA ALA A 121 10.16 27.45 41.24
C ALA A 121 8.88 27.82 41.98
N GLN A 122 7.83 28.23 41.27
CA GLN A 122 6.53 28.57 41.91
C GLN A 122 5.75 27.33 42.39
N LEU A 123 6.19 26.14 42.00
CA LEU A 123 5.52 24.87 42.34
C LEU A 123 5.86 24.39 43.76
N GLU A 124 4.97 23.59 44.35
CA GLU A 124 5.12 23.23 45.76
C GLU A 124 6.42 22.47 46.11
N THR A 125 6.82 21.52 45.26
CA THR A 125 8.12 20.85 45.36
C THR A 125 9.27 21.86 45.37
N LYS A 126 9.02 23.05 44.83
CA LYS A 126 10.06 24.04 44.47
C LYS A 126 11.26 23.31 43.84
N GLN A 127 10.98 22.54 42.79
CA GLN A 127 11.99 21.63 42.25
C GLN A 127 12.23 21.80 40.77
N LEU A 128 13.43 22.31 40.49
CA LEU A 128 13.95 22.47 39.13
C LEU A 128 14.33 21.12 38.51
N GLY A 129 13.90 20.88 37.26
CA GLY A 129 14.23 19.67 36.52
C GLY A 129 14.54 19.90 35.03
N LEU A 130 15.74 19.54 34.60
CA LEU A 130 16.17 19.61 33.19
C LEU A 130 16.88 18.33 32.79
N GLU A 131 16.80 18.03 31.48
CA GLU A 131 17.38 16.85 30.91
C GLU A 131 18.18 17.27 29.69
N ALA A 132 19.41 16.74 29.57
CA ALA A 132 20.28 17.00 28.41
C ALA A 132 20.48 15.68 27.67
N GLY A 133 20.55 15.73 26.34
CA GLY A 133 20.73 14.52 25.58
C GLY A 133 22.06 14.48 24.87
N SER A 134 23.02 15.30 25.26
CA SER A 134 24.32 15.32 24.57
C SER A 134 25.27 16.24 25.31
N LYS A 135 26.57 16.09 25.00
CA LYS A 135 27.59 16.96 25.58
C LYS A 135 27.25 18.45 25.49
N PRO A 136 27.11 18.93 24.25
CA PRO A 136 26.81 20.37 24.19
C PRO A 136 25.57 20.73 25.01
N GLU A 137 24.53 19.91 24.97
CA GLU A 137 23.33 20.20 25.79
C GLU A 137 23.62 20.23 27.27
N LEU A 138 24.54 19.41 27.77
CA LEU A 138 24.82 19.44 29.21
C LEU A 138 25.39 20.76 29.64
N LEU A 139 26.38 21.24 28.89
CA LEU A 139 26.98 22.52 29.12
C LEU A 139 25.95 23.64 29.07
N ALA A 140 25.01 23.55 28.12
CA ALA A 140 23.94 24.54 28.08
C ALA A 140 23.04 24.42 29.32
N VAL A 141 22.77 23.20 29.72
CA VAL A 141 21.86 23.01 30.84
C VAL A 141 22.47 23.56 32.15
N LEU A 142 23.79 23.35 32.30
CA LEU A 142 24.52 23.77 33.50
C LEU A 142 24.60 25.27 33.53
N ALA A 143 24.74 25.88 32.35
CA ALA A 143 24.68 27.34 32.26
C ALA A 143 23.33 27.91 32.67
N MET A 144 22.26 27.26 32.29
CA MET A 144 20.96 27.79 32.51
C MET A 144 20.41 27.46 33.88
N ALA A 145 21.06 26.59 34.61
CA ALA A 145 20.68 26.31 36.02
C ALA A 145 21.82 26.72 36.97
N GLN A 146 22.63 27.68 36.54
CA GLN A 146 23.75 28.16 37.37
C GLN A 146 23.31 28.81 38.68
N HIS A 147 22.12 29.36 38.69
CA HIS A 147 21.59 30.11 39.82
C HIS A 147 21.13 29.24 41.01
N ALA A 148 20.56 28.06 40.75
CA ALA A 148 20.09 27.23 41.86
C ALA A 148 20.27 25.74 41.66
N SER A 149 20.37 24.99 42.76
CA SER A 149 20.47 23.53 42.71
C SER A 149 19.30 22.87 41.98
N SER A 150 19.60 21.95 41.06
CA SER A 150 18.63 21.47 40.10
C SER A 150 18.78 19.98 39.85
N VAL A 151 17.69 19.29 39.57
CA VAL A 151 17.81 17.94 39.05
C VAL A 151 18.25 18.01 37.57
N ILE A 152 19.31 17.31 37.22
CA ILE A 152 19.78 17.26 35.84
C ILE A 152 19.89 15.81 35.42
N VAL A 153 19.11 15.38 34.41
CA VAL A 153 19.17 13.99 33.90
C VAL A 153 20.00 13.97 32.59
N CYS A 154 21.04 13.13 32.52
CA CYS A 154 21.98 13.10 31.40
C CYS A 154 21.75 11.84 30.56
N ASN A 155 21.35 12.01 29.32
CA ASN A 155 21.14 10.95 28.37
C ASN A 155 22.10 11.12 27.19
N GLY A 156 22.13 10.15 26.29
CA GLY A 156 22.90 10.30 25.04
C GLY A 156 24.23 9.55 24.98
N TYR A 157 25.01 9.77 23.93
CA TYR A 157 26.33 9.22 23.89
C TYR A 157 27.35 9.99 24.78
N LYS A 158 27.92 9.22 25.72
CA LYS A 158 28.80 9.78 26.74
C LYS A 158 30.27 9.49 26.50
N ASP A 159 31.06 10.48 26.09
CA ASP A 159 32.54 10.29 26.09
C ASP A 159 33.08 10.72 27.46
N ARG A 160 34.40 10.67 27.63
CA ARG A 160 35.09 11.03 28.86
C ARG A 160 34.73 12.45 29.26
N GLU A 161 34.80 13.34 28.31
CA GLU A 161 34.59 14.73 28.65
C GLU A 161 33.13 14.95 29.09
N TYR A 162 32.17 14.29 28.46
CA TYR A 162 30.78 14.42 28.90
C TYR A 162 30.56 13.91 30.36
N ILE A 163 31.17 12.76 30.68
CA ILE A 163 31.06 12.18 32.01
C ILE A 163 31.71 13.08 33.05
N ARG A 164 32.90 13.61 32.75
CA ARG A 164 33.62 14.44 33.74
C ARG A 164 32.87 15.75 33.98
N LEU A 165 32.25 16.31 32.93
CA LEU A 165 31.44 17.53 33.12
C LEU A 165 30.24 17.28 34.01
N ALA A 166 29.61 16.13 33.81
CA ALA A 166 28.44 15.73 34.59
C ALA A 166 28.76 15.53 36.09
N LEU A 167 29.91 14.93 36.34
CA LEU A 167 30.37 14.76 37.71
C LEU A 167 30.79 16.11 38.30
N ILE A 168 31.32 17.01 37.46
CA ILE A 168 31.60 18.34 37.96
C ILE A 168 30.34 19.04 38.38
N GLY A 169 29.28 18.87 37.61
CA GLY A 169 28.00 19.40 38.01
C GLY A 169 27.54 18.90 39.36
N GLU A 170 27.74 17.61 39.65
CA GLU A 170 27.36 17.05 40.93
C GLU A 170 28.28 17.67 41.99
N LYS A 171 29.57 17.68 41.76
CA LYS A 171 30.49 18.40 42.65
C LYS A 171 30.01 19.81 43.02
N LEU A 172 29.54 20.58 42.05
CA LEU A 172 29.12 21.95 42.30
C LEU A 172 27.71 22.10 42.87
N GLY A 173 27.03 21.00 43.15
CA GLY A 173 25.80 21.09 43.94
C GLY A 173 24.49 20.75 43.24
N HIS A 174 24.56 20.50 41.95
CA HIS A 174 23.42 19.88 41.28
C HIS A 174 23.28 18.39 41.61
N LYS A 175 22.05 17.88 41.50
CA LYS A 175 21.74 16.42 41.49
C LYS A 175 21.76 15.89 40.04
N VAL A 176 22.88 15.32 39.65
CA VAL A 176 23.08 14.98 38.27
C VAL A 176 22.92 13.51 38.12
N PHE A 177 21.97 13.08 37.32
CA PHE A 177 21.77 11.64 37.08
C PHE A 177 22.39 11.25 35.76
N ILE A 178 23.36 10.35 35.78
CA ILE A 178 23.96 9.94 34.54
C ILE A 178 23.25 8.63 34.16
N VAL A 179 22.51 8.67 33.07
CA VAL A 179 21.66 7.56 32.73
C VAL A 179 22.44 6.66 31.85
N LEU A 180 22.68 5.46 32.35
CA LEU A 180 23.44 4.50 31.59
C LEU A 180 22.63 4.00 30.38
N GLU A 181 23.17 4.25 29.19
CA GLU A 181 22.54 3.86 27.93
C GLU A 181 23.35 2.90 27.08
N LYS A 182 24.57 2.62 27.48
CA LYS A 182 25.41 1.67 26.80
C LYS A 182 26.16 1.00 27.95
N MET A 183 26.43 -0.28 27.87
CA MET A 183 27.09 -1.03 28.92
C MET A 183 28.50 -0.57 29.29
N SER A 184 29.31 -0.23 28.32
CA SER A 184 30.65 0.29 28.55
C SER A 184 30.69 1.60 29.34
N GLU A 185 29.59 2.35 29.40
CA GLU A 185 29.67 3.61 30.08
C GLU A 185 29.77 3.45 31.62
N LEU A 186 29.30 2.29 32.14
CA LEU A 186 29.31 2.07 33.55
C LEU A 186 30.75 2.12 34.02
N ASP A 187 31.62 1.35 33.36
CA ASP A 187 33.03 1.32 33.73
C ASP A 187 33.71 2.71 33.64
N LEU A 188 33.26 3.53 32.71
CA LEU A 188 33.84 4.85 32.50
C LEU A 188 33.42 5.81 33.63
N VAL A 189 32.15 5.71 34.02
CA VAL A 189 31.62 6.53 35.10
C VAL A 189 32.33 6.23 36.41
N LEU A 190 32.54 4.95 36.73
CA LEU A 190 33.17 4.61 38.03
C LEU A 190 34.59 5.14 38.13
N ARG A 191 35.36 5.05 37.03
CA ARG A 191 36.72 5.49 36.97
C ARG A 191 36.79 7.00 37.07
N GLU A 192 35.89 7.71 36.39
CA GLU A 192 36.00 9.15 36.33
C GLU A 192 35.56 9.72 37.65
N ALA A 193 34.65 9.01 38.34
CA ALA A 193 34.14 9.47 39.62
C ALA A 193 35.22 9.31 40.66
N LYS A 194 35.91 8.18 40.57
CA LYS A 194 37.04 7.97 41.46
C LYS A 194 38.05 9.13 41.25
N SER A 195 38.35 9.46 39.99
CA SER A 195 39.35 10.48 39.64
C SER A 195 39.00 11.90 40.12
N LEU A 196 37.70 12.20 40.15
CA LEU A 196 37.21 13.46 40.65
C LEU A 196 36.80 13.44 42.14
N GLY A 197 36.89 12.29 42.81
CA GLY A 197 36.36 12.16 44.17
C GLY A 197 34.88 12.56 44.28
N VAL A 198 34.02 12.05 43.40
CA VAL A 198 32.60 12.37 43.49
C VAL A 198 31.82 11.08 43.76
N THR A 199 30.73 11.14 44.51
CA THR A 199 29.80 10.03 44.57
C THR A 199 28.81 10.15 43.40
N PRO A 200 28.93 9.27 42.40
CA PRO A 200 28.05 9.49 41.27
C PRO A 200 26.58 9.10 41.59
N ARG A 201 25.63 9.72 40.92
CA ARG A 201 24.24 9.21 40.79
C ARG A 201 24.01 8.64 39.40
N LEU A 202 23.42 7.47 39.38
CA LEU A 202 23.26 6.64 38.23
C LEU A 202 21.80 6.42 38.02
N GLY A 203 21.39 6.49 36.74
CA GLY A 203 20.13 5.99 36.27
C GLY A 203 20.48 4.88 35.27
N ILE A 204 19.50 4.08 34.91
CA ILE A 204 19.71 3.11 33.87
C ILE A 204 18.60 3.29 32.89
N ARG A 205 18.96 3.25 31.62
CA ARG A 205 17.95 3.18 30.58
C ARG A 205 17.65 1.72 30.13
N ILE A 206 16.39 1.35 30.21
CA ILE A 206 15.99 -0.02 29.95
C ILE A 206 15.43 -0.17 28.52
N ARG A 207 15.80 -1.28 27.90
CA ARG A 207 15.20 -1.74 26.66
C ARG A 207 13.93 -2.52 26.91
N LEU A 208 12.94 -2.22 26.10
CA LEU A 208 11.61 -2.77 26.25
C LEU A 208 11.30 -3.74 25.13
N ALA A 209 10.54 -4.77 25.44
CA ALA A 209 10.10 -5.76 24.45
C ALA A 209 8.63 -5.56 24.00
N SER A 210 7.90 -4.66 24.65
CA SER A 210 6.50 -4.42 24.30
C SER A 210 6.24 -3.32 23.22
N GLN A 211 7.28 -2.84 22.57
CA GLN A 211 7.13 -1.72 21.65
C GLN A 211 7.56 -2.01 20.22
N GLY A 212 7.66 -3.29 19.84
CA GLY A 212 8.20 -3.69 18.52
C GLY A 212 9.31 -4.74 18.48
N ALA A 213 9.39 -5.50 17.40
CA ALA A 213 10.50 -6.43 17.17
C ALA A 213 11.88 -5.75 17.36
N GLY A 214 12.77 -6.46 18.07
CA GLY A 214 14.20 -6.10 18.06
C GLY A 214 14.70 -5.11 19.09
N LYS A 215 13.79 -4.36 19.73
CA LYS A 215 14.17 -3.23 20.58
C LYS A 215 14.78 -3.65 21.90
N TRP A 216 14.52 -4.91 22.29
CA TRP A 216 15.05 -5.49 23.52
C TRP A 216 16.57 -5.67 23.45
N GLN A 217 17.11 -5.67 22.24
CA GLN A 217 18.49 -6.10 21.95
C GLN A 217 19.35 -4.84 21.83
N ALA A 218 20.50 -4.85 22.52
CA ALA A 218 21.44 -3.75 22.46
C ALA A 218 22.24 -3.78 21.16
N SER A 219 22.77 -4.95 20.79
CA SER A 219 23.38 -5.11 19.47
C SER A 219 22.29 -5.30 18.41
N GLY A 220 22.63 -5.78 17.21
CA GLY A 220 21.64 -5.95 16.12
C GLY A 220 21.32 -4.69 15.32
N GLY A 221 20.55 -4.85 14.23
CA GLY A 221 20.33 -3.77 13.25
C GLY A 221 19.03 -3.01 13.44
N GLU A 222 18.27 -3.37 14.48
CA GLU A 222 17.17 -2.55 14.92
C GLU A 222 17.73 -1.24 15.48
N LYS A 223 17.04 -0.15 15.16
CA LYS A 223 17.55 1.21 15.33
C LYS A 223 17.36 1.93 16.66
N SER A 224 16.84 1.31 17.71
CA SER A 224 16.80 2.02 18.99
C SER A 224 18.19 2.06 19.53
N LYS A 225 18.75 3.26 19.66
CA LYS A 225 20.15 3.41 19.97
C LYS A 225 20.54 3.12 21.41
N PHE A 226 19.68 3.49 22.34
CA PHE A 226 20.12 3.50 23.71
C PHE A 226 19.33 2.55 24.59
N GLY A 227 20.03 2.01 25.57
CA GLY A 227 19.33 1.32 26.61
C GLY A 227 20.01 0.03 26.84
N LEU A 228 19.91 -0.44 28.06
CA LEU A 228 20.58 -1.71 28.34
C LEU A 228 19.59 -2.82 28.17
N SER A 229 20.06 -3.92 27.58
CA SER A 229 19.43 -5.26 27.65
C SER A 229 19.11 -5.71 29.08
N ALA A 230 18.21 -6.68 29.22
CA ALA A 230 17.95 -7.37 30.49
C ALA A 230 19.27 -7.94 31.11
N SER A 231 20.00 -8.62 30.26
CA SER A 231 21.25 -9.18 30.66
C SER A 231 22.20 -8.09 31.16
N GLN A 232 22.36 -7.01 30.36
CA GLN A 232 23.22 -5.90 30.69
C GLN A 232 22.80 -5.20 32.01
N VAL A 233 21.51 -5.12 32.24
CA VAL A 233 21.00 -4.53 33.45
C VAL A 233 21.55 -5.33 34.63
N LEU A 234 21.42 -6.66 34.54
CA LEU A 234 21.92 -7.56 35.55
C LEU A 234 23.41 -7.41 35.85
N ASN A 235 24.23 -7.26 34.80
CA ASN A 235 25.64 -6.99 34.94
C ASN A 235 25.94 -5.71 35.69
N VAL A 236 25.18 -4.65 35.41
CA VAL A 236 25.28 -3.40 36.16
C VAL A 236 25.11 -3.67 37.66
N ILE A 237 23.98 -4.26 38.06
CA ILE A 237 23.73 -4.56 39.47
C ILE A 237 24.91 -5.35 40.10
N SER A 238 25.38 -6.35 39.37
CA SER A 238 26.49 -7.16 39.76
C SER A 238 27.80 -6.36 39.88
N ARG A 239 28.08 -5.47 38.94
CA ARG A 239 29.26 -4.66 39.07
C ARG A 239 29.14 -3.66 40.22
N LEU A 240 27.95 -3.12 40.45
CA LEU A 240 27.80 -2.19 41.55
C LEU A 240 27.92 -2.88 42.88
N LYS A 241 27.34 -4.08 43.02
CA LYS A 241 27.41 -4.78 44.29
C LYS A 241 28.85 -5.01 44.65
N LYS A 242 29.65 -5.39 43.67
CA LYS A 242 31.04 -5.68 43.84
C LYS A 242 31.87 -4.49 44.35
N GLU A 243 31.46 -3.28 43.95
CA GLU A 243 32.19 -2.05 44.26
C GLU A 243 31.56 -1.35 45.44
N ASN A 244 30.55 -1.97 46.07
CA ASN A 244 29.80 -1.36 47.17
C ASN A 244 29.21 -0.03 46.78
N GLN A 245 28.64 -0.01 45.58
CA GLN A 245 28.01 1.20 45.02
C GLN A 245 26.58 1.05 44.52
N LEU A 246 25.87 0.03 44.98
CA LEU A 246 24.50 -0.18 44.58
C LEU A 246 23.62 0.96 44.96
N ASP A 247 23.97 1.67 46.04
CA ASP A 247 23.17 2.78 46.44
C ASP A 247 23.28 4.01 45.47
N THR A 248 24.28 4.01 44.61
CA THR A 248 24.34 5.03 43.58
C THR A 248 23.28 4.90 42.44
N LEU A 249 22.68 3.71 42.26
CA LEU A 249 21.59 3.54 41.29
C LEU A 249 20.26 4.02 41.84
N GLN A 250 19.75 5.11 41.26
CA GLN A 250 18.69 5.82 41.94
C GLN A 250 17.55 5.99 40.99
N LEU A 251 17.82 5.72 39.73
CA LEU A 251 16.85 6.10 38.69
C LEU A 251 16.70 5.05 37.61
N VAL A 252 15.43 4.77 37.26
CA VAL A 252 15.13 3.92 36.12
C VAL A 252 14.47 4.74 35.03
N HIS A 253 14.94 4.56 33.80
CA HIS A 253 14.51 5.40 32.66
C HIS A 253 14.08 4.58 31.40
N PHE A 254 13.00 5.00 30.75
CA PHE A 254 12.71 4.55 29.42
C PHE A 254 12.15 5.68 28.61
N HIS A 255 12.40 5.60 27.31
CA HIS A 255 11.84 6.57 26.36
C HIS A 255 11.23 5.82 25.19
N LEU A 256 9.90 5.95 25.05
CA LEU A 256 9.12 5.33 23.97
C LEU A 256 9.28 6.01 22.60
N GLY A 257 9.57 7.32 22.61
CA GLY A 257 9.70 8.13 21.40
C GLY A 257 8.72 9.29 21.52
N SER A 258 8.89 10.30 20.67
CA SER A 258 8.08 11.50 20.74
C SER A 258 6.67 11.23 20.15
N GLN A 259 5.66 11.96 20.65
CA GLN A 259 4.32 12.04 20.06
C GLN A 259 3.65 10.65 20.00
N MET A 260 3.44 10.05 21.14
CA MET A 260 2.83 8.75 21.21
C MET A 260 1.38 9.00 21.04
N ALA A 261 0.84 8.44 19.97
CA ALA A 261 -0.51 8.68 19.55
C ALA A 261 -1.55 7.75 20.23
N ASN A 262 -1.06 6.62 20.75
CA ASN A 262 -1.93 5.60 21.29
C ASN A 262 -1.65 5.34 22.78
N ILE A 263 -2.64 5.61 23.64
CA ILE A 263 -2.49 5.52 25.10
C ILE A 263 -2.12 4.10 25.51
N ARG A 264 -2.45 3.12 24.67
CA ARG A 264 -2.24 1.72 24.94
C ARG A 264 -0.72 1.46 25.05
N ASP A 265 0.03 2.09 24.14
CA ASP A 265 1.50 1.95 24.07
C ASP A 265 2.11 2.54 25.34
N VAL A 266 1.56 3.65 25.81
CA VAL A 266 2.04 4.25 27.04
C VAL A 266 1.81 3.25 28.17
N ARG A 267 0.59 2.81 28.35
CA ARG A 267 0.32 1.76 29.33
C ARG A 267 1.25 0.51 29.28
N ASN A 268 1.43 -0.05 28.07
CA ASN A 268 2.24 -1.28 27.90
C ASN A 268 3.65 -0.98 28.32
N GLY A 269 4.20 0.17 27.87
CA GLY A 269 5.51 0.63 28.27
C GLY A 269 5.71 0.80 29.78
N VAL A 270 4.74 1.41 30.43
CA VAL A 270 4.85 1.63 31.84
C VAL A 270 4.72 0.31 32.58
N ASN A 271 3.82 -0.53 32.08
CA ASN A 271 3.66 -1.83 32.66
C ASN A 271 4.96 -2.58 32.66
N GLU A 272 5.60 -2.67 31.50
CA GLU A 272 6.85 -3.44 31.44
C GLU A 272 7.93 -2.82 32.33
N SER A 273 8.05 -1.50 32.32
CA SER A 273 9.08 -0.80 33.07
C SER A 273 8.94 -0.95 34.56
N ALA A 274 7.72 -0.78 35.06
CA ALA A 274 7.39 -0.99 36.47
C ALA A 274 7.85 -2.37 36.93
N ARG A 275 7.70 -3.37 36.05
CA ARG A 275 8.17 -4.67 36.45
C ARG A 275 9.69 -4.69 36.59
N PHE A 276 10.40 -3.98 35.72
CA PHE A 276 11.84 -3.92 35.79
C PHE A 276 12.20 -3.27 37.11
N TYR A 277 11.46 -2.21 37.45
CA TYR A 277 11.78 -1.42 38.63
C TYR A 277 11.65 -2.34 39.86
N CYS A 278 10.61 -3.16 39.89
CA CYS A 278 10.36 -4.00 41.05
C CYS A 278 11.39 -5.11 41.13
N GLU A 279 11.84 -5.60 39.97
CA GLU A 279 12.86 -6.64 39.93
C GLU A 279 14.21 -6.06 40.41
N LEU A 280 14.50 -4.82 40.04
CA LEU A 280 15.74 -4.24 40.52
C LEU A 280 15.71 -4.09 42.04
N ARG A 281 14.61 -3.57 42.62
CA ARG A 281 14.54 -3.51 44.09
C ARG A 281 14.70 -4.91 44.69
N THR A 282 14.20 -5.93 44.00
CA THR A 282 14.29 -7.28 44.51
C THR A 282 15.75 -7.69 44.59
N LEU A 283 16.56 -7.32 43.60
CA LEU A 283 17.99 -7.62 43.61
C LEU A 283 18.78 -6.71 44.53
N GLY A 284 18.07 -5.83 45.25
CA GLY A 284 18.68 -4.97 46.27
C GLY A 284 18.97 -3.51 45.93
N ALA A 285 18.59 -3.08 44.73
CA ALA A 285 18.85 -1.71 44.40
C ALA A 285 17.78 -0.78 45.01
N ASN A 286 18.16 0.40 45.46
CA ASN A 286 17.14 1.33 45.96
C ASN A 286 16.85 2.42 44.91
N ILE A 287 15.94 2.10 43.98
CA ILE A 287 15.60 3.01 42.92
C ILE A 287 14.62 4.00 43.56
N THR A 288 14.91 5.30 43.45
CA THR A 288 14.06 6.30 44.05
C THR A 288 13.15 6.83 42.97
N TYR A 289 13.67 6.94 41.75
CA TYR A 289 12.99 7.65 40.67
C TYR A 289 12.65 6.75 39.47
N PHE A 290 11.51 7.02 38.85
CA PHE A 290 11.02 6.24 37.72
C PHE A 290 10.64 7.27 36.64
N ASP A 291 11.44 7.31 35.59
CA ASP A 291 11.34 8.36 34.61
C ASP A 291 10.75 7.78 33.32
N VAL A 292 9.53 8.20 33.00
CA VAL A 292 8.77 7.70 31.81
C VAL A 292 9.12 8.36 30.45
N GLY A 293 10.14 9.24 30.44
CA GLY A 293 10.60 9.86 29.22
C GLY A 293 9.58 10.81 28.59
N GLY A 294 9.79 11.12 27.30
CA GLY A 294 8.88 11.97 26.54
C GLY A 294 7.72 11.15 25.94
N GLY A 295 7.00 11.75 24.99
CA GLY A 295 5.97 10.97 24.31
C GLY A 295 4.58 11.53 24.52
N LEU A 296 4.37 12.33 25.60
CA LEU A 296 3.07 12.97 25.81
C LEU A 296 2.83 13.86 24.59
N ALA A 297 1.85 13.47 23.78
CA ALA A 297 1.58 14.09 22.48
C ALA A 297 0.88 15.45 22.61
N ILE A 298 0.97 16.20 21.52
CA ILE A 298 0.13 17.37 21.30
C ILE A 298 -0.90 17.09 20.20
N ASP A 299 -2.12 17.56 20.43
CA ASP A 299 -3.20 17.43 19.45
C ASP A 299 -3.21 18.47 18.35
N TYR A 300 -2.38 18.28 17.34
CA TYR A 300 -2.15 19.26 16.33
C TYR A 300 -3.34 19.55 15.42
N ASP A 301 -4.18 18.55 15.18
CA ASP A 301 -5.29 18.73 14.26
C ASP A 301 -6.66 18.80 14.95
N GLY A 302 -6.67 18.70 16.28
CA GLY A 302 -7.91 18.84 17.04
C GLY A 302 -8.83 17.63 17.06
N THR A 303 -8.48 16.55 16.34
CA THR A 303 -9.39 15.41 16.21
C THR A 303 -9.39 14.35 17.31
N ARG A 304 -8.50 14.46 18.31
CA ARG A 304 -8.29 13.41 19.35
C ARG A 304 -8.34 11.98 18.78
N SER A 305 -7.61 11.74 17.69
CA SER A 305 -7.63 10.44 17.09
C SER A 305 -6.27 9.78 17.21
N GLN A 306 -6.27 8.48 17.00
CA GLN A 306 -5.07 7.69 16.95
C GLN A 306 -4.49 7.80 15.55
N SER A 307 -3.78 8.89 15.32
CA SER A 307 -3.25 9.27 14.02
C SER A 307 -1.98 10.01 14.37
N SER A 308 -1.06 10.19 13.43
CA SER A 308 0.30 10.60 13.78
C SER A 308 0.37 12.08 14.10
N ASN A 309 -0.69 12.80 13.79
CA ASN A 309 -0.75 14.21 14.15
C ASN A 309 -1.65 14.49 15.34
N SER A 310 -2.07 13.43 16.02
CA SER A 310 -3.03 13.60 17.11
C SER A 310 -2.77 12.62 18.25
N MET A 311 -3.69 12.43 19.17
CA MET A 311 -3.58 11.38 20.14
C MET A 311 -4.95 10.93 20.55
N ASN A 312 -5.14 9.70 20.93
CA ASN A 312 -6.47 9.33 21.37
C ASN A 312 -6.70 9.49 22.86
N TYR A 313 -5.98 10.40 23.55
CA TYR A 313 -6.10 10.53 25.02
C TYR A 313 -5.94 11.96 25.49
N GLY A 314 -6.35 12.25 26.72
CA GLY A 314 -6.14 13.62 27.28
C GLY A 314 -4.99 13.65 28.29
N LEU A 315 -4.76 14.81 28.88
CA LEU A 315 -3.67 14.98 29.80
C LEU A 315 -3.81 14.16 31.10
N VAL A 316 -4.95 14.29 31.76
CA VAL A 316 -5.24 13.56 33.00
C VAL A 316 -5.22 12.05 32.76
N GLU A 317 -5.77 11.63 31.65
CA GLU A 317 -5.83 10.20 31.37
C GLU A 317 -4.43 9.66 31.16
N TYR A 318 -3.53 10.48 30.63
CA TYR A 318 -2.14 10.05 30.49
C TYR A 318 -1.54 9.89 31.87
N ALA A 319 -1.76 10.89 32.71
CA ALA A 319 -1.34 10.79 34.12
C ALA A 319 -1.84 9.52 34.83
N ARG A 320 -3.16 9.25 34.78
CA ARG A 320 -3.74 8.05 35.40
C ARG A 320 -3.16 6.78 34.88
N ASN A 321 -3.03 6.65 33.55
CA ASN A 321 -2.44 5.41 33.04
C ASN A 321 -1.07 5.22 33.66
N ILE A 322 -0.31 6.31 33.87
CA ILE A 322 1.04 6.14 34.42
C ILE A 322 1.02 5.80 35.92
N VAL A 323 0.26 6.58 36.68
CA VAL A 323 0.19 6.42 38.12
C VAL A 323 -0.41 5.05 38.49
N ASN A 324 -1.57 4.72 37.89
CA ASN A 324 -2.28 3.46 38.19
C ASN A 324 -1.50 2.24 37.85
N THR A 325 -0.72 2.29 36.77
CA THR A 325 -0.04 1.12 36.29
C THR A 325 1.16 0.85 37.19
N VAL A 326 1.88 1.90 37.50
CA VAL A 326 3.02 1.80 38.36
C VAL A 326 2.58 1.37 39.75
N GLY A 327 1.48 1.92 40.22
CA GLY A 327 0.99 1.63 41.57
C GLY A 327 0.51 0.18 41.70
N ASP A 328 -0.30 -0.25 40.71
CA ASP A 328 -0.77 -1.63 40.65
C ASP A 328 0.39 -2.62 40.59
N VAL A 329 1.44 -2.33 39.84
CA VAL A 329 2.56 -3.27 39.74
C VAL A 329 3.34 -3.32 41.05
N CYS A 330 3.61 -2.16 41.66
CA CYS A 330 4.14 -2.15 43.03
C CYS A 330 3.29 -2.88 44.08
N LYS A 331 1.97 -2.68 44.09
CA LYS A 331 1.13 -3.47 45.04
C LYS A 331 1.30 -4.96 44.86
N ASP A 332 1.51 -5.43 43.63
CA ASP A 332 1.69 -6.87 43.45
C ASP A 332 2.98 -7.40 43.97
N TYR A 333 4.00 -6.57 43.94
CA TYR A 333 5.27 -6.96 44.40
C TYR A 333 5.42 -6.59 45.85
N LYS A 334 4.46 -5.84 46.39
CA LYS A 334 4.55 -5.34 47.74
C LYS A 334 5.79 -4.46 47.89
N GLN A 335 6.19 -3.72 46.83
CA GLN A 335 7.31 -2.76 46.87
C GLN A 335 6.84 -1.32 47.03
N PRO A 336 7.69 -0.45 47.58
CA PRO A 336 7.20 0.91 47.69
C PRO A 336 7.25 1.66 46.34
N MET A 337 6.47 2.72 46.22
CA MET A 337 6.34 3.45 44.99
C MET A 337 7.28 4.65 44.83
N PRO A 338 7.97 4.73 43.70
CA PRO A 338 8.98 5.69 43.34
C PRO A 338 8.42 7.06 43.05
N VAL A 339 9.30 8.05 42.99
CA VAL A 339 8.89 9.36 42.50
C VAL A 339 8.73 9.18 40.99
N ILE A 340 7.64 9.66 40.46
CA ILE A 340 7.41 9.57 39.02
C ILE A 340 7.94 10.85 38.36
N ILE A 341 8.74 10.65 37.32
CA ILE A 341 9.21 11.75 36.50
C ILE A 341 8.66 11.61 35.06
N SER A 342 8.25 12.71 34.44
CA SER A 342 8.08 12.65 32.99
C SER A 342 8.91 13.74 32.35
N GLU A 343 9.46 13.43 31.18
CA GLU A 343 10.21 14.41 30.38
C GLU A 343 9.38 14.94 29.23
N SER A 344 8.35 15.70 29.53
CA SER A 344 7.40 16.10 28.50
C SER A 344 7.69 17.42 27.80
N GLY A 345 8.70 17.45 26.96
CA GLY A 345 9.07 18.71 26.24
C GLY A 345 8.04 19.32 25.30
N ARG A 346 7.63 18.53 24.30
CA ARG A 346 6.64 18.93 23.33
C ARG A 346 5.36 19.49 24.01
N SER A 347 4.78 18.75 24.95
CA SER A 347 3.58 19.23 25.64
C SER A 347 3.80 20.60 26.32
N LEU A 348 4.99 20.77 26.87
CA LEU A 348 5.34 22.05 27.49
C LEU A 348 5.43 23.23 26.55
N THR A 349 5.85 23.00 25.29
CA THR A 349 6.34 24.08 24.44
C THR A 349 5.56 24.37 23.16
N ALA A 350 4.77 23.40 22.69
CA ALA A 350 4.15 23.55 21.36
C ALA A 350 3.30 24.84 21.23
N HIS A 351 2.36 25.04 22.18
CA HIS A 351 1.40 26.19 22.11
C HIS A 351 1.97 27.61 22.28
N HIS A 352 3.16 27.75 22.88
CA HIS A 352 3.57 29.09 23.32
C HIS A 352 4.03 29.98 22.18
N ALA A 353 4.21 29.41 20.98
CA ALA A 353 4.78 30.19 19.88
C ALA A 353 3.91 30.21 18.63
N VAL A 354 3.90 31.34 17.96
CA VAL A 354 3.17 31.50 16.74
C VAL A 354 4.04 32.20 15.74
N LEU A 355 4.06 31.68 14.52
CA LEU A 355 4.81 32.33 13.48
C LEU A 355 3.86 33.20 12.73
N ILE A 356 4.18 34.49 12.58
CA ILE A 356 3.33 35.38 11.81
C ILE A 356 3.99 35.89 10.52
N SER A 357 3.27 35.81 9.42
CA SER A 357 3.72 36.52 8.29
C SER A 357 2.59 36.98 7.38
N ASN A 358 2.97 37.56 6.24
CA ASN A 358 2.00 38.09 5.34
C ASN A 358 1.91 37.33 4.00
N VAL A 359 0.72 37.38 3.42
CA VAL A 359 0.46 36.95 2.06
C VAL A 359 0.80 38.09 1.13
N ILE A 360 1.82 37.90 0.31
CA ILE A 360 2.29 39.01 -0.48
C ILE A 360 1.82 39.02 -1.90
N GLY A 361 1.28 37.91 -2.38
CA GLY A 361 0.50 37.86 -3.62
C GLY A 361 -0.33 36.57 -3.70
N THR A 362 -1.06 36.43 -4.80
CA THR A 362 -1.99 35.33 -4.95
C THR A 362 -2.01 35.02 -6.44
N GLU A 363 -2.41 33.79 -6.79
CA GLU A 363 -2.85 33.47 -8.13
C GLU A 363 -4.26 32.91 -8.00
N THR A 364 -5.23 33.63 -8.54
CA THR A 364 -6.61 33.28 -8.33
C THR A 364 -7.31 33.21 -9.66
N TYR A 365 -8.39 32.47 -9.74
CA TYR A 365 -9.04 32.41 -11.03
C TYR A 365 -10.09 33.52 -11.12
N LYS A 366 -9.97 34.43 -12.08
CA LYS A 366 -11.07 35.41 -12.26
C LYS A 366 -12.03 35.02 -13.42
N PRO A 367 -13.32 34.88 -13.13
CA PRO A 367 -14.15 34.45 -14.26
C PRO A 367 -14.12 35.49 -15.38
N GLU A 368 -13.77 35.04 -16.58
CA GLU A 368 -13.82 35.87 -17.76
C GLU A 368 -14.84 35.27 -18.73
N THR A 369 -15.12 35.98 -19.80
CA THR A 369 -16.15 35.61 -20.73
C THR A 369 -15.61 34.54 -21.65
N VAL A 370 -16.39 33.50 -21.91
CA VAL A 370 -16.06 32.50 -22.92
C VAL A 370 -16.30 33.04 -24.31
N THR A 371 -15.26 33.23 -25.09
CA THR A 371 -15.43 33.77 -26.43
C THR A 371 -15.90 32.61 -27.29
N GLU A 372 -16.82 32.86 -28.21
CA GLU A 372 -17.31 31.80 -29.11
C GLU A 372 -16.20 31.29 -30.07
N PRO A 373 -16.22 29.99 -30.44
CA PRO A 373 -15.30 29.48 -31.45
C PRO A 373 -15.31 30.22 -32.79
N GLU A 374 -14.13 30.64 -33.24
CA GLU A 374 -13.96 31.09 -34.63
C GLU A 374 -14.04 29.89 -35.59
N GLU A 375 -14.38 30.17 -36.85
CA GLU A 375 -14.52 29.17 -37.93
C GLU A 375 -13.34 28.23 -37.98
N ASP A 376 -12.20 28.73 -37.55
CA ASP A 376 -10.94 27.99 -37.50
C ASP A 376 -10.89 26.83 -36.45
N PHE A 377 -11.87 26.74 -35.54
CA PHE A 377 -11.66 25.84 -34.39
C PHE A 377 -12.03 24.44 -34.80
N PRO A 378 -11.38 23.42 -34.21
CA PRO A 378 -11.69 21.99 -34.42
C PRO A 378 -12.93 21.49 -33.66
N LEU A 379 -13.51 20.39 -34.13
CA LEU A 379 -14.66 19.82 -33.46
C LEU A 379 -14.55 19.78 -31.93
N LEU A 380 -13.41 19.28 -31.44
CA LEU A 380 -13.19 19.17 -30.01
C LEU A 380 -13.48 20.48 -29.26
N LEU A 381 -12.97 21.58 -29.78
CA LEU A 381 -13.24 22.84 -29.12
C LEU A 381 -14.69 23.30 -29.25
N ASN A 382 -15.36 23.04 -30.40
CA ASN A 382 -16.84 23.33 -30.49
C ASN A 382 -17.59 22.54 -29.45
N ASN A 383 -17.17 21.29 -29.23
CA ASN A 383 -17.85 20.45 -28.27
C ASN A 383 -17.88 21.09 -26.87
N MET A 384 -16.78 21.72 -26.49
CA MET A 384 -16.62 22.44 -25.25
C MET A 384 -17.46 23.69 -25.12
N TRP A 385 -17.52 24.46 -26.20
CA TRP A 385 -18.46 25.55 -26.39
C TRP A 385 -19.92 25.08 -26.17
N ARG A 386 -20.36 24.00 -26.83
CA ARG A 386 -21.70 23.42 -26.58
C ARG A 386 -21.93 22.99 -25.15
N SER A 387 -20.91 22.40 -24.52
CA SER A 387 -21.03 22.16 -23.06
C SER A 387 -21.27 23.44 -22.25
N TRP A 388 -20.50 24.49 -22.55
CA TRP A 388 -20.68 25.75 -21.87
C TRP A 388 -22.11 26.33 -22.08
N LEU A 389 -22.67 26.22 -23.27
CA LEU A 389 -24.02 26.75 -23.47
C LEU A 389 -25.08 25.93 -22.71
N ASN A 390 -24.83 24.64 -22.46
CA ASN A 390 -25.85 23.78 -21.85
C ASN A 390 -25.73 23.91 -20.37
N LEU A 391 -24.82 24.76 -19.90
CA LEU A 391 -24.56 24.77 -18.45
C LEU A 391 -25.21 26.03 -17.95
N HIS A 392 -26.23 25.86 -17.11
CA HIS A 392 -26.95 26.99 -16.52
C HIS A 392 -27.85 26.52 -15.37
N ASN A 393 -28.59 27.46 -14.77
CA ASN A 393 -29.64 27.12 -13.78
C ASN A 393 -30.69 26.07 -14.17
N GLY A 394 -30.90 25.81 -15.46
CA GLY A 394 -31.91 24.83 -15.86
C GLY A 394 -31.41 23.43 -16.17
N THR A 395 -30.10 23.22 -15.97
CA THR A 395 -29.40 21.93 -16.23
C THR A 395 -29.64 21.05 -15.04
N ASP A 396 -30.16 19.85 -15.22
CA ASP A 396 -30.48 19.05 -14.03
C ASP A 396 -29.27 18.42 -13.34
N ALA A 397 -29.53 17.85 -12.17
CA ALA A 397 -28.51 17.44 -11.26
C ALA A 397 -27.62 16.39 -11.94
N ARG A 398 -28.24 15.43 -12.63
CA ARG A 398 -27.47 14.42 -13.41
C ARG A 398 -26.63 15.07 -14.48
N ALA A 399 -27.23 15.96 -15.27
CA ALA A 399 -26.56 16.55 -16.43
C ALA A 399 -25.38 17.49 -16.06
N LEU A 400 -25.35 17.98 -14.82
CA LEU A 400 -24.21 18.75 -14.35
C LEU A 400 -22.98 17.86 -14.20
N ILE A 401 -23.21 16.64 -13.68
CA ILE A 401 -22.17 15.63 -13.52
C ILE A 401 -21.63 15.23 -14.89
N GLU A 402 -22.54 14.95 -15.82
CA GLU A 402 -22.12 14.69 -17.18
C GLU A 402 -21.21 15.80 -17.71
N ILE A 403 -21.49 17.03 -17.33
CA ILE A 403 -20.79 18.11 -18.00
C ILE A 403 -19.39 18.24 -17.40
N TYR A 404 -19.32 18.02 -16.10
CA TYR A 404 -18.03 17.82 -15.46
C TYR A 404 -17.18 16.70 -16.17
N ASN A 405 -17.77 15.52 -16.34
CA ASN A 405 -17.04 14.40 -16.95
C ASN A 405 -16.65 14.73 -18.38
N ASP A 406 -17.57 15.28 -19.17
CA ASP A 406 -17.21 15.63 -20.57
C ASP A 406 -16.07 16.66 -20.58
N THR A 407 -16.10 17.59 -19.66
CA THR A 407 -15.18 18.71 -19.72
C THR A 407 -13.76 18.27 -19.38
N GLN A 408 -13.63 17.44 -18.35
CA GLN A 408 -12.35 16.76 -18.00
C GLN A 408 -11.79 15.92 -19.12
N SER A 409 -12.62 15.06 -19.73
CA SER A 409 -12.19 14.31 -20.89
C SER A 409 -11.78 15.18 -22.06
N ASP A 410 -12.54 16.24 -22.34
CA ASP A 410 -12.20 17.19 -23.40
C ASP A 410 -10.86 17.89 -23.13
N LEU A 411 -10.66 18.41 -21.91
CA LEU A 411 -9.37 19.03 -21.59
C LEU A 411 -8.25 18.00 -21.75
N ALA A 412 -8.49 16.78 -21.28
CA ALA A 412 -7.40 15.78 -21.38
C ALA A 412 -7.06 15.51 -22.84
N GLU A 413 -8.07 15.55 -23.70
CA GLU A 413 -7.79 15.30 -25.11
C GLU A 413 -7.06 16.52 -25.75
N VAL A 414 -7.42 17.73 -25.31
CA VAL A 414 -6.73 18.92 -25.73
C VAL A 414 -5.24 18.83 -25.34
N HIS A 415 -4.98 18.41 -24.12
CA HIS A 415 -3.61 18.30 -23.72
C HIS A 415 -2.80 17.30 -24.57
N SER A 416 -3.41 16.18 -24.92
CA SER A 416 -2.77 15.18 -25.79
C SER A 416 -2.56 15.67 -27.19
N GLN A 417 -3.51 16.44 -27.71
CA GLN A 417 -3.36 16.93 -29.08
C GLN A 417 -2.32 18.04 -29.19
N PHE A 418 -2.19 18.83 -28.13
CA PHE A 418 -1.16 19.79 -28.14
C PHE A 418 0.22 19.08 -28.17
N ALA A 419 0.40 18.08 -27.29
CA ALA A 419 1.62 17.30 -27.19
C ALA A 419 2.03 16.61 -28.47
N THR A 420 1.09 16.34 -29.37
CA THR A 420 1.47 15.67 -30.63
C THR A 420 1.46 16.55 -31.84
N GLY A 421 1.21 17.83 -31.66
CA GLY A 421 1.26 18.79 -32.77
C GLY A 421 -0.03 19.01 -33.53
N VAL A 422 -1.17 18.57 -32.98
CA VAL A 422 -2.47 18.71 -33.68
C VAL A 422 -2.99 20.11 -33.47
N LEU A 423 -2.81 20.63 -32.24
CA LEU A 423 -3.44 21.88 -31.78
C LEU A 423 -2.45 23.04 -31.52
N THR A 424 -2.85 24.28 -31.79
CA THR A 424 -1.97 25.44 -31.51
C THR A 424 -1.98 25.83 -30.03
N LEU A 425 -0.97 26.59 -29.63
CA LEU A 425 -0.97 27.18 -28.29
C LEU A 425 -2.29 27.90 -27.97
N GLU A 426 -2.78 28.71 -28.91
CA GLU A 426 -4.10 29.41 -28.79
C GLU A 426 -5.34 28.54 -28.52
N HIS A 427 -5.41 27.41 -29.24
CA HIS A 427 -6.41 26.41 -28.97
C HIS A 427 -6.37 25.87 -27.56
N ARG A 428 -5.16 25.47 -27.14
CA ARG A 428 -4.91 25.03 -25.79
C ARG A 428 -5.34 26.05 -24.73
N ALA A 429 -4.85 27.28 -24.86
CA ALA A 429 -5.29 28.42 -24.03
C ALA A 429 -6.79 28.59 -23.94
N TRP A 430 -7.46 28.69 -25.08
CA TRP A 430 -8.92 28.81 -25.14
C TRP A 430 -9.58 27.66 -24.35
N ALA A 431 -9.12 26.42 -24.57
CA ALA A 431 -9.77 25.22 -23.97
C ALA A 431 -9.55 25.23 -22.45
N GLU A 432 -8.34 25.64 -22.03
CA GLU A 432 -8.02 25.72 -20.62
C GLU A 432 -8.84 26.81 -19.91
N GLN A 433 -8.85 28.03 -20.45
CA GLN A 433 -9.75 29.04 -19.88
C GLN A 433 -11.24 28.68 -19.89
N THR A 434 -11.72 28.00 -20.93
CA THR A 434 -13.12 27.60 -21.01
C THR A 434 -13.48 26.55 -19.96
N SER A 435 -12.61 25.56 -19.81
CA SER A 435 -12.72 24.58 -18.73
C SER A 435 -12.78 25.19 -17.34
N LEU A 436 -11.94 26.22 -17.11
CA LEU A 436 -11.95 26.85 -15.80
C LEU A 436 -13.29 27.58 -15.53
N ARG A 437 -13.85 28.17 -16.60
CA ARG A 437 -15.15 28.85 -16.56
C ARG A 437 -16.28 27.85 -16.25
N ILE A 438 -16.25 26.70 -16.92
CA ILE A 438 -17.23 25.67 -16.67
C ILE A 438 -17.10 25.13 -15.24
N TYR A 439 -15.86 24.91 -14.78
CA TYR A 439 -15.65 24.43 -13.44
C TYR A 439 -16.22 25.44 -12.42
N TYR A 440 -15.89 26.70 -12.63
CA TYR A 440 -16.36 27.79 -11.78
C TYR A 440 -17.88 27.86 -11.69
N GLU A 441 -18.57 27.65 -12.81
CA GLU A 441 -20.01 27.64 -12.80
C GLU A 441 -20.57 26.34 -12.21
N LEU A 442 -19.96 25.19 -12.55
CA LEU A 442 -20.37 23.95 -11.96
C LEU A 442 -20.34 24.15 -10.48
N ASN A 443 -19.30 24.80 -9.99
CA ASN A 443 -19.20 25.00 -8.58
C ASN A 443 -20.32 25.85 -7.94
N ARG A 444 -21.03 26.63 -8.78
CA ARG A 444 -22.12 27.44 -8.26
C ARG A 444 -23.48 26.79 -8.48
N LEU A 445 -23.61 25.99 -9.52
CA LEU A 445 -24.86 25.35 -9.84
C LEU A 445 -25.17 24.11 -8.99
N MET A 446 -24.14 23.35 -8.65
CA MET A 446 -24.23 22.10 -7.89
C MET A 446 -24.62 22.36 -6.45
N SER A 447 -25.18 21.38 -5.77
CA SER A 447 -25.63 21.61 -4.42
C SER A 447 -24.98 20.64 -3.48
N THR A 448 -24.58 21.17 -2.32
CA THR A 448 -23.96 20.41 -1.24
C THR A 448 -24.98 19.56 -0.48
N LYS A 449 -26.25 19.75 -0.77
CA LYS A 449 -27.29 18.96 -0.18
C LYS A 449 -27.57 17.78 -1.10
N ASN A 450 -26.98 17.81 -2.29
CA ASN A 450 -27.05 16.67 -3.20
C ASN A 450 -25.84 15.75 -2.98
N ARG A 451 -26.15 14.52 -2.61
CA ARG A 451 -25.18 13.50 -2.29
C ARG A 451 -24.13 13.21 -3.40
N PHE A 452 -24.58 13.21 -4.66
CA PHE A 452 -23.68 12.95 -5.77
C PHE A 452 -22.92 14.21 -6.19
N HIS A 453 -23.36 15.41 -5.80
CA HIS A 453 -22.58 16.62 -6.10
C HIS A 453 -21.39 16.82 -5.14
N ARG A 454 -21.58 16.48 -3.88
CA ARG A 454 -20.57 16.68 -2.85
C ARG A 454 -19.15 16.18 -3.19
N PRO A 455 -19.01 14.93 -3.66
CA PRO A 455 -17.63 14.58 -4.05
C PRO A 455 -17.02 15.48 -5.13
N ILE A 456 -17.81 15.90 -6.12
CA ILE A 456 -17.38 16.80 -7.16
C ILE A 456 -17.03 18.16 -6.56
N LEU A 457 -17.82 18.61 -5.59
CA LEU A 457 -17.62 19.94 -5.04
C LEU A 457 -16.33 19.97 -4.26
N ASP A 458 -15.95 18.83 -3.66
CA ASP A 458 -14.61 18.64 -3.08
C ASP A 458 -13.58 18.73 -4.16
N GLU A 459 -13.76 18.01 -5.27
CA GLU A 459 -12.81 18.09 -6.37
C GLU A 459 -12.68 19.56 -6.81
N LEU A 460 -13.81 20.23 -7.03
CA LEU A 460 -13.86 21.58 -7.57
C LEU A 460 -13.23 22.63 -6.65
N SER A 461 -13.37 22.39 -5.35
CA SER A 461 -12.80 23.20 -4.31
C SER A 461 -11.30 23.27 -4.42
N GLU A 462 -10.66 22.18 -4.86
CA GLU A 462 -9.20 22.18 -5.06
C GLU A 462 -8.88 22.88 -6.36
N ARG A 463 -9.57 22.48 -7.40
CA ARG A 463 -9.40 23.06 -8.73
C ARG A 463 -9.54 24.63 -8.79
N LEU A 464 -10.31 25.23 -7.89
CA LEU A 464 -10.62 26.67 -7.98
C LEU A 464 -9.99 27.46 -6.83
N ALA A 465 -9.25 26.81 -5.96
CA ALA A 465 -8.65 27.48 -4.82
C ALA A 465 -7.67 28.57 -5.28
N ASP A 466 -7.54 29.61 -4.47
CA ASP A 466 -6.50 30.60 -4.65
C ASP A 466 -5.16 30.04 -4.13
N LYS A 467 -4.07 30.33 -4.87
CA LYS A 467 -2.70 30.21 -4.30
C LYS A 467 -2.33 31.50 -3.55
N PHE A 468 -1.95 31.38 -2.28
CA PHE A 468 -1.52 32.45 -1.43
C PHE A 468 -0.02 32.31 -1.24
N PHE A 469 0.75 33.32 -1.60
CA PHE A 469 2.19 33.23 -1.39
C PHE A 469 2.47 33.92 -0.08
N VAL A 470 3.00 33.15 0.86
CA VAL A 470 3.30 33.64 2.18
C VAL A 470 4.80 33.97 2.30
N ASN A 471 5.10 35.13 2.88
CA ASN A 471 6.45 35.68 2.98
C ASN A 471 7.24 34.97 4.08
N PHE A 472 7.71 33.76 3.81
CA PHE A 472 8.37 32.98 4.82
C PHE A 472 8.98 31.77 4.15
N SER A 473 9.79 31.08 4.93
CA SER A 473 10.39 29.86 4.45
C SER A 473 9.96 28.71 5.31
N LEU A 474 9.32 27.76 4.69
CA LEU A 474 8.90 26.51 5.33
C LEU A 474 10.08 25.73 5.92
N PHE A 475 11.19 25.74 5.18
CA PHE A 475 12.39 25.01 5.54
C PHE A 475 13.07 25.62 6.72
N GLN A 476 12.78 26.90 6.96
CA GLN A 476 13.42 27.64 8.00
C GLN A 476 12.55 27.63 9.28
N SER A 477 11.25 27.82 9.13
CA SER A 477 10.37 28.06 10.29
C SER A 477 9.52 26.86 10.67
N LEU A 478 9.46 25.85 9.79
CA LEU A 478 8.45 24.82 9.94
C LEU A 478 9.01 23.51 9.36
N PRO A 479 10.24 23.14 9.74
CA PRO A 479 10.90 22.06 9.02
C PRO A 479 10.16 20.73 9.08
N ASP A 480 9.46 20.41 10.18
CA ASP A 480 8.74 19.11 10.30
C ASP A 480 7.61 18.94 9.24
N SER A 481 6.99 20.05 8.83
CA SER A 481 6.03 20.10 7.73
C SER A 481 6.59 19.42 6.48
N TRP A 482 7.80 19.81 6.11
CA TRP A 482 8.48 19.23 4.97
C TRP A 482 8.95 17.84 5.28
N GLY A 483 9.67 17.67 6.39
CA GLY A 483 10.33 16.40 6.73
C GLY A 483 9.49 15.17 7.15
N ILE A 484 8.31 15.39 7.75
CA ILE A 484 7.50 14.28 8.32
C ILE A 484 5.99 14.53 8.22
N ASP A 485 5.64 15.45 7.29
CA ASP A 485 4.26 15.83 6.98
C ASP A 485 3.52 16.20 8.26
N GLN A 486 4.23 16.90 9.13
CA GLN A 486 3.62 17.39 10.33
C GLN A 486 2.62 18.46 9.89
N VAL A 487 1.48 18.46 10.55
CA VAL A 487 0.39 19.39 10.33
C VAL A 487 0.46 20.50 11.39
N PHE A 488 0.26 21.75 11.00
CA PHE A 488 0.15 22.83 11.96
C PHE A 488 -1.10 23.58 11.62
N PRO A 489 -1.85 24.01 12.62
CA PRO A 489 -2.95 24.92 12.32
C PRO A 489 -2.40 26.26 11.78
N VAL A 490 -3.05 26.79 10.74
CA VAL A 490 -2.68 28.01 9.99
C VAL A 490 -3.95 28.79 9.71
N LEU A 491 -3.98 30.10 9.99
CA LEU A 491 -5.21 30.81 9.87
C LEU A 491 -4.91 32.25 9.62
N PRO A 492 -5.82 32.94 8.87
CA PRO A 492 -5.78 34.39 8.76
C PRO A 492 -5.96 35.01 10.12
N LEU A 493 -5.31 36.15 10.35
CA LEU A 493 -5.45 36.77 11.67
C LEU A 493 -6.61 37.76 11.83
N SER A 494 -7.11 38.25 10.71
CA SER A 494 -8.04 39.38 10.68
C SER A 494 -9.12 39.16 9.68
N GLY A 495 -10.21 39.93 9.83
CA GLY A 495 -11.32 39.93 8.85
C GLY A 495 -12.03 38.61 8.80
N LEU A 496 -12.04 37.87 9.90
CA LEU A 496 -12.56 36.49 9.86
C LEU A 496 -14.08 36.43 9.70
N GLN A 497 -14.78 37.57 9.81
CA GLN A 497 -16.22 37.58 9.42
C GLN A 497 -16.41 37.08 7.97
N ASN A 498 -15.47 37.42 7.08
CA ASN A 498 -15.60 36.98 5.67
C ASN A 498 -14.89 35.69 5.29
N ALA A 499 -14.54 34.87 6.28
CA ALA A 499 -13.88 33.61 5.99
C ALA A 499 -14.64 32.68 5.03
N ALA A 500 -15.87 32.99 4.66
CA ALA A 500 -16.50 32.08 3.68
C ALA A 500 -16.25 32.49 2.22
N ASP A 501 -15.50 33.58 2.05
CA ASP A 501 -15.19 34.10 0.72
C ASP A 501 -14.59 33.09 -0.23
N ARG A 502 -13.50 32.47 0.17
CA ARG A 502 -12.70 31.68 -0.74
C ARG A 502 -12.16 30.43 -0.07
N ARG A 503 -11.57 29.61 -0.90
CA ARG A 503 -10.68 28.57 -0.46
C ARG A 503 -9.23 28.86 -0.97
N ALA A 504 -8.23 28.62 -0.13
CA ALA A 504 -6.83 28.78 -0.57
C ALA A 504 -5.84 27.69 -0.11
N VAL A 505 -4.73 27.56 -0.86
CA VAL A 505 -3.54 26.81 -0.42
C VAL A 505 -2.39 27.80 -0.20
N MET A 506 -1.53 27.52 0.76
CA MET A 506 -0.45 28.40 1.15
C MET A 506 0.87 27.87 0.60
N LEU A 507 1.64 28.72 -0.03
CA LEU A 507 2.91 28.40 -0.54
C LEU A 507 3.91 29.34 0.08
N ASP A 508 5.14 28.86 0.24
CA ASP A 508 6.19 29.77 0.67
C ASP A 508 6.91 30.43 -0.52
N ILE A 509 7.83 31.34 -0.24
CA ILE A 509 8.41 32.11 -1.34
C ILE A 509 9.72 31.49 -1.86
N THR A 510 10.06 30.29 -1.39
CA THR A 510 11.26 29.59 -1.89
C THR A 510 11.02 28.96 -3.27
N CYS A 511 12.11 28.81 -3.99
CA CYS A 511 12.08 28.28 -5.32
C CYS A 511 12.05 26.76 -5.30
N ASP A 512 11.20 26.16 -4.46
CA ASP A 512 11.20 24.72 -4.23
C ASP A 512 9.76 24.23 -4.10
N SER A 513 9.50 23.09 -4.75
CA SER A 513 8.14 22.54 -4.89
C SER A 513 7.59 22.19 -3.53
N ASP A 514 8.50 21.76 -2.67
CA ASP A 514 8.13 21.28 -1.36
C ASP A 514 7.75 22.30 -0.30
N GLY A 515 8.00 23.59 -0.57
CA GLY A 515 7.65 24.68 0.33
C GLY A 515 6.22 25.13 0.08
N ALA A 516 5.29 24.28 0.52
CA ALA A 516 3.87 24.47 0.32
C ALA A 516 3.27 23.67 1.44
N ILE A 517 2.17 24.11 2.04
CA ILE A 517 1.46 23.28 3.00
C ILE A 517 0.44 22.36 2.29
N ASP A 518 0.44 21.06 2.62
CA ASP A 518 -0.48 20.10 1.99
C ASP A 518 -1.72 19.86 2.81
N ALA A 519 -1.79 20.42 4.01
CA ALA A 519 -2.90 20.08 4.89
C ALA A 519 -3.25 21.15 5.89
N TYR A 520 -4.54 21.35 6.12
CA TYR A 520 -4.96 22.47 6.89
C TYR A 520 -5.83 21.97 8.03
N VAL A 521 -5.91 22.76 9.09
CA VAL A 521 -6.80 22.37 10.19
C VAL A 521 -8.00 23.25 10.16
N ASP A 522 -9.16 22.67 9.97
CA ASP A 522 -10.37 23.49 10.15
C ASP A 522 -11.33 22.80 11.11
N GLY A 523 -12.61 23.16 11.03
CA GLY A 523 -13.56 22.79 12.05
C GLY A 523 -13.87 21.33 12.16
N GLN A 524 -13.65 20.60 11.08
CA GLN A 524 -13.79 19.14 11.07
C GLN A 524 -12.46 18.35 10.89
N GLY A 525 -11.30 19.01 11.05
CA GLY A 525 -10.03 18.30 11.07
C GLY A 525 -9.20 18.68 9.86
N ILE A 526 -8.53 17.71 9.28
CA ILE A 526 -7.64 17.96 8.15
C ILE A 526 -8.37 18.06 6.81
N GLU A 527 -8.14 19.17 6.11
CA GLU A 527 -8.66 19.41 4.74
C GLU A 527 -7.48 19.74 3.81
N SER A 528 -7.70 19.59 2.50
CA SER A 528 -6.69 19.93 1.54
C SER A 528 -6.65 21.42 1.13
N THR A 529 -7.62 22.23 1.55
CA THR A 529 -7.58 23.68 1.32
C THR A 529 -8.19 24.30 2.55
N LEU A 530 -8.05 25.62 2.68
CA LEU A 530 -8.53 26.35 3.84
C LEU A 530 -9.52 27.49 3.43
N PRO A 531 -10.68 27.59 4.13
CA PRO A 531 -11.60 28.70 3.88
C PRO A 531 -10.96 29.99 4.36
N VAL A 532 -10.99 31.06 3.56
CA VAL A 532 -10.32 32.30 3.94
C VAL A 532 -11.04 33.54 3.41
N PRO A 533 -10.93 34.70 4.10
CA PRO A 533 -11.34 35.98 3.55
C PRO A 533 -10.59 36.24 2.26
N ALA A 534 -11.19 37.03 1.38
CA ALA A 534 -10.53 37.36 0.13
C ALA A 534 -9.36 38.30 0.38
N TRP A 535 -8.34 38.13 -0.44
CA TRP A 535 -7.12 38.94 -0.43
C TRP A 535 -7.35 40.27 -1.18
N ASN A 536 -6.87 41.40 -0.68
CA ASN A 536 -6.83 42.57 -1.57
C ASN A 536 -5.46 43.12 -1.62
N GLU A 537 -5.05 43.55 -2.81
CA GLU A 537 -3.80 44.28 -2.95
C GLU A 537 -3.65 45.47 -1.99
N ASP A 538 -4.77 46.03 -1.52
CA ASP A 538 -4.75 47.31 -0.77
C ASP A 538 -4.56 47.20 0.74
N GLU A 539 -4.87 46.04 1.30
CA GLU A 539 -4.84 45.84 2.75
C GLU A 539 -3.91 44.69 3.10
N PRO A 540 -3.17 44.83 4.20
CA PRO A 540 -2.27 43.77 4.67
C PRO A 540 -3.07 42.52 5.03
N TYR A 541 -2.53 41.36 4.76
CA TYR A 541 -3.22 40.12 5.01
C TYR A 541 -2.27 39.20 5.78
N LEU A 542 -2.55 39.05 7.05
CA LEU A 542 -1.66 38.36 7.94
C LEU A 542 -2.12 36.97 8.25
N MET A 543 -1.19 36.02 8.35
CA MET A 543 -1.46 34.62 8.64
C MET A 543 -0.65 34.10 9.82
N GLY A 544 -1.17 33.11 10.48
CA GLY A 544 -0.50 32.60 11.63
C GLY A 544 -0.34 31.11 11.52
N PHE A 545 0.84 30.63 11.89
CA PHE A 545 1.14 29.22 12.00
C PHE A 545 1.23 28.97 13.48
N PHE A 546 0.36 28.13 13.99
CA PHE A 546 0.30 27.86 15.43
C PHE A 546 0.85 26.48 15.74
N LEU A 547 1.20 26.32 17.00
CA LEU A 547 1.75 25.10 17.55
C LEU A 547 3.16 24.77 17.09
N VAL A 548 3.91 25.81 16.82
CA VAL A 548 5.26 25.78 16.31
C VAL A 548 6.32 25.82 17.41
N GLY A 549 5.87 25.80 18.63
CA GLY A 549 6.68 25.89 19.80
C GLY A 549 7.68 24.79 20.04
N ALA A 550 7.36 23.58 19.63
CA ALA A 550 8.29 22.51 19.79
C ALA A 550 8.89 22.08 18.47
N TYR A 551 10.19 22.14 18.45
CA TYR A 551 11.25 21.50 17.69
C TYR A 551 11.40 22.30 16.41
N GLN A 552 10.52 23.23 16.14
CA GLN A 552 10.68 23.98 14.95
C GLN A 552 11.87 24.92 14.76
N GLU A 553 12.16 25.72 15.76
CA GLU A 553 13.20 26.71 15.66
C GLU A 553 14.57 26.14 15.49
N ILE A 554 14.85 25.16 16.29
CA ILE A 554 16.13 24.54 16.25
C ILE A 554 16.44 23.80 14.97
N LEU A 555 15.43 23.16 14.42
CA LEU A 555 15.59 22.37 13.24
C LEU A 555 15.57 23.03 11.86
N GLY A 556 15.16 24.29 11.76
CA GLY A 556 15.09 24.95 10.47
C GLY A 556 16.42 25.25 9.82
N ASP A 557 16.45 25.38 8.51
CA ASP A 557 17.68 25.69 7.77
C ASP A 557 17.53 26.67 6.62
N MET A 558 18.67 27.16 6.14
CA MET A 558 18.75 28.25 5.19
C MET A 558 18.64 27.97 3.65
N HIS A 559 17.65 27.22 3.25
CA HIS A 559 17.36 26.92 1.90
C HIS A 559 17.07 28.22 1.19
N ASN A 560 17.67 28.37 0.03
CA ASN A 560 17.53 29.60 -0.78
C ASN A 560 18.06 30.86 -0.13
N LEU A 561 18.88 30.70 0.92
CA LEU A 561 19.49 31.79 1.72
C LEU A 561 18.45 32.69 2.40
N PHE A 562 17.29 32.13 2.64
CA PHE A 562 16.40 32.75 3.63
C PHE A 562 16.81 32.32 5.01
N GLY A 563 17.03 33.30 5.89
CA GLY A 563 17.58 33.08 7.22
C GLY A 563 16.57 33.20 8.33
N ASP A 564 17.08 33.25 9.56
CA ASP A 564 16.26 33.38 10.73
C ASP A 564 15.32 34.57 10.59
N THR A 565 14.10 34.37 11.08
CA THR A 565 13.14 35.41 11.20
C THR A 565 13.43 36.19 12.46
N HIS A 566 12.79 37.32 12.61
CA HIS A 566 12.82 38.07 13.88
C HIS A 566 12.12 37.20 14.91
N SER A 567 12.55 37.31 16.16
CA SER A 567 11.74 36.70 17.22
C SER A 567 11.62 37.64 18.43
N VAL A 568 10.46 37.62 19.07
CA VAL A 568 10.20 38.46 20.21
C VAL A 568 9.47 37.66 21.28
N VAL A 569 9.63 38.10 22.53
CA VAL A 569 8.89 37.61 23.64
C VAL A 569 7.87 38.68 24.05
N VAL A 570 6.63 38.25 24.21
CA VAL A 570 5.52 39.14 24.52
C VAL A 570 4.88 38.63 25.79
N ASN A 571 4.90 39.47 26.83
CA ASN A 571 4.10 39.30 28.06
C ASN A 571 2.92 40.29 28.07
N VAL A 572 1.76 39.81 28.48
CA VAL A 572 0.58 40.64 28.65
C VAL A 572 0.49 41.02 30.15
N GLY A 573 0.52 42.33 30.43
CA GLY A 573 0.58 42.85 31.77
C GLY A 573 -0.77 42.91 32.48
N ASP A 574 -0.70 43.33 33.75
CA ASP A 574 -1.85 43.45 34.68
C ASP A 574 -3.04 44.16 34.06
N GLN A 575 -2.80 45.34 33.50
CA GLN A 575 -3.84 46.14 32.89
C GLN A 575 -4.00 45.93 31.38
N GLY A 576 -3.28 44.95 30.80
CA GLY A 576 -3.52 44.60 29.40
C GLY A 576 -2.49 45.20 28.45
N GLU A 577 -1.41 45.71 29.02
CA GLU A 577 -0.29 46.18 28.23
C GLU A 577 0.31 45.06 27.38
N ILE A 578 0.93 45.45 26.27
CA ILE A 578 1.70 44.54 25.48
C ILE A 578 3.17 44.82 25.69
N ASN A 579 3.79 44.00 26.54
CA ASN A 579 5.18 44.17 26.89
C ASN A 579 5.98 43.28 25.98
N ILE A 580 6.80 43.91 25.19
CA ILE A 580 7.64 43.21 24.25
C ILE A 580 8.98 43.17 24.93
N ASP A 581 9.37 42.03 25.49
CA ASP A 581 10.45 41.99 26.51
C ASP A 581 11.87 41.61 26.04
N PHE A 582 11.97 40.77 25.01
CA PHE A 582 13.26 40.45 24.42
C PHE A 582 12.91 40.50 22.95
N ILE A 583 13.94 40.71 22.14
CA ILE A 583 13.78 40.89 20.71
C ILE A 583 15.06 40.38 20.14
N ASN A 584 14.93 39.47 19.21
CA ASN A 584 16.07 38.91 18.53
C ASN A 584 15.91 39.26 17.03
N GLU A 585 16.86 40.01 16.47
CA GLU A 585 16.77 40.40 15.07
C GLU A 585 17.12 39.26 14.15
N GLY A 586 16.35 39.07 13.10
CA GLY A 586 16.67 38.01 12.15
C GLY A 586 17.77 38.37 11.16
N ASP A 587 18.17 37.39 10.35
CA ASP A 587 19.31 37.59 9.43
C ASP A 587 19.09 38.56 8.32
N THR A 588 20.13 39.31 8.02
CA THR A 588 20.12 40.08 6.82
C THR A 588 20.76 39.27 5.68
N VAL A 589 20.67 39.79 4.48
CA VAL A 589 21.33 39.19 3.34
C VAL A 589 22.87 39.09 3.56
N GLU A 590 23.44 40.18 4.09
CA GLU A 590 24.85 40.21 4.47
C GLU A 590 25.23 39.12 5.46
N ASP A 591 24.42 38.86 6.47
CA ASP A 591 24.69 37.67 7.29
C ASP A 591 24.84 36.35 6.49
N MET A 592 23.88 36.08 5.63
CA MET A 592 23.87 34.92 4.81
C MET A 592 25.05 34.90 3.89
N MET A 593 25.44 36.03 3.38
CA MET A 593 26.63 36.07 2.59
C MET A 593 27.89 35.69 3.40
N ARG A 594 27.98 36.09 4.65
CA ARG A 594 29.12 35.73 5.49
C ARG A 594 29.09 34.25 5.80
N TYR A 595 27.92 33.75 6.15
CA TYR A 595 27.74 32.36 6.42
C TYR A 595 28.27 31.49 5.28
N VAL A 596 28.11 31.95 4.03
CA VAL A 596 28.66 31.20 2.86
C VAL A 596 30.02 31.68 2.38
N HIS A 597 30.71 32.44 3.25
CA HIS A 597 32.11 32.79 3.13
C HIS A 597 32.41 33.83 2.08
N ILE A 598 31.44 34.63 1.70
CA ILE A 598 31.70 35.72 0.83
C ILE A 598 32.29 36.83 1.74
N ASP A 599 33.30 37.54 1.23
CA ASP A 599 33.88 38.67 2.02
C ASP A 599 33.07 39.93 1.69
N VAL A 600 32.14 40.26 2.57
CA VAL A 600 31.17 41.30 2.25
C VAL A 600 31.77 42.71 2.17
N ASP A 601 32.67 43.03 3.10
CA ASP A 601 33.36 44.32 3.07
C ASP A 601 34.05 44.47 1.73
N GLN A 602 34.68 43.42 1.21
CA GLN A 602 35.25 43.50 -0.12
C GLN A 602 34.19 43.71 -1.22
N ILE A 603 33.01 43.12 -1.06
CA ILE A 603 31.96 43.23 -2.10
C ILE A 603 31.55 44.70 -2.20
N ARG A 604 31.33 45.31 -1.06
CA ARG A 604 30.90 46.72 -0.97
C ARG A 604 31.86 47.60 -1.74
N LYS A 605 33.15 47.37 -1.51
CA LYS A 605 34.23 48.22 -2.05
C LYS A 605 34.35 47.99 -3.52
N ASN A 606 34.28 46.74 -3.97
CA ASN A 606 34.28 46.53 -5.40
C ASN A 606 33.10 47.26 -6.07
N TYR A 607 31.94 47.27 -5.39
CA TYR A 607 30.76 47.94 -5.97
C TYR A 607 30.99 49.42 -6.21
N HIS A 608 31.76 50.06 -5.35
CA HIS A 608 32.09 51.46 -5.53
C HIS A 608 32.80 51.63 -6.86
N SER A 609 33.76 50.77 -7.18
CA SER A 609 34.50 50.89 -8.46
C SER A 609 33.61 50.78 -9.65
N LEU A 610 33.01 49.60 -9.75
CA LEU A 610 32.19 49.18 -10.90
C LEU A 610 31.08 50.18 -11.22
N VAL A 611 30.46 50.75 -10.20
CA VAL A 611 29.45 51.75 -10.44
C VAL A 611 30.12 53.00 -11.03
N SER A 612 31.20 53.49 -10.39
CA SER A 612 31.83 54.68 -10.97
C SER A 612 32.30 54.42 -12.40
N GLN A 613 32.69 53.18 -12.69
CA GLN A 613 33.01 52.75 -14.07
C GLN A 613 31.84 52.76 -15.08
N ARG A 614 30.76 52.04 -14.80
CA ARG A 614 29.70 51.84 -15.82
C ARG A 614 28.42 52.66 -15.68
N VAL A 615 28.32 53.49 -14.64
CA VAL A 615 27.11 54.28 -14.42
C VAL A 615 27.31 55.79 -14.58
N ASP A 616 26.36 56.42 -15.29
CA ASP A 616 26.29 57.86 -15.40
C ASP A 616 26.28 58.52 -14.00
N GLN A 617 27.11 59.56 -13.85
CA GLN A 617 27.35 60.24 -12.57
C GLN A 617 26.09 60.63 -11.74
N GLU A 618 25.00 61.07 -12.39
CA GLU A 618 23.76 61.48 -11.68
C GLU A 618 23.21 60.31 -10.92
N GLU A 619 23.24 59.14 -11.54
CA GLU A 619 22.67 57.91 -11.01
C GLU A 619 23.54 57.24 -9.94
N GLN A 620 24.86 57.36 -10.07
CA GLN A 620 25.78 56.61 -9.21
C GLN A 620 25.39 56.51 -7.74
N GLN A 621 25.08 57.62 -7.09
CA GLN A 621 24.73 57.50 -5.70
C GLN A 621 23.50 56.59 -5.52
N GLN A 622 22.46 56.79 -6.34
CA GLN A 622 21.24 55.98 -6.32
C GLN A 622 21.55 54.46 -6.50
N ILE A 623 22.30 54.12 -7.53
CA ILE A 623 22.58 52.73 -7.79
C ILE A 623 23.36 52.12 -6.63
N LEU A 624 24.34 52.84 -6.09
CA LEU A 624 25.12 52.36 -4.96
C LEU A 624 24.24 52.20 -3.69
N ALA A 625 23.35 53.15 -3.44
CA ALA A 625 22.47 53.06 -2.28
C ALA A 625 21.65 51.77 -2.37
N GLU A 626 21.01 51.52 -3.51
CA GLU A 626 20.17 50.30 -3.63
C GLU A 626 20.96 49.00 -3.51
N LEU A 627 22.16 48.94 -4.03
CA LEU A 627 23.01 47.82 -3.76
C LEU A 627 23.33 47.63 -2.24
N GLU A 628 23.77 48.69 -1.57
CA GLU A 628 24.12 48.62 -0.14
C GLU A 628 22.87 48.25 0.63
N GLN A 629 21.74 48.84 0.28
CA GLN A 629 20.50 48.58 0.99
C GLN A 629 20.01 47.11 0.79
N GLY A 630 20.22 46.55 -0.40
CA GLY A 630 19.85 45.18 -0.62
C GLY A 630 20.69 44.29 0.28
N LEU A 631 21.99 44.54 0.38
CA LEU A 631 22.82 43.75 1.28
C LEU A 631 22.39 43.79 2.73
N SER A 632 21.91 44.94 3.20
CA SER A 632 21.53 45.19 4.60
C SER A 632 20.10 44.89 4.97
N GLY A 633 19.32 44.51 3.99
CA GLY A 633 17.89 44.24 4.23
C GLY A 633 17.68 42.87 4.83
N TYR A 634 16.57 42.69 5.56
CA TYR A 634 15.98 41.39 5.89
C TYR A 634 15.99 40.47 4.67
N THR A 635 16.27 39.17 4.82
CA THR A 635 16.28 38.25 3.67
C THR A 635 14.93 38.17 2.96
N TYR A 636 13.88 38.37 3.75
CA TYR A 636 12.48 38.18 3.33
C TYR A 636 12.01 39.34 2.48
N LEU A 637 10.81 39.26 1.96
CA LEU A 637 10.40 40.21 0.95
C LEU A 637 9.58 41.39 1.48
N GLU A 638 9.47 42.42 0.65
CA GLU A 638 8.64 43.56 0.95
C GLU A 638 7.35 43.48 0.13
N ASP A 639 6.21 43.70 0.80
CA ASP A 639 4.95 43.91 0.06
C ASP A 639 4.99 45.18 -0.80
N LEU B 11 42.60 -11.57 -2.32
CA LEU B 11 41.51 -11.19 -1.36
C LEU B 11 40.82 -9.90 -1.88
N ASP B 12 40.42 -9.97 -3.16
CA ASP B 12 39.82 -8.82 -3.91
C ASP B 12 38.38 -9.04 -4.21
N ARG B 13 37.85 -10.04 -3.52
CA ARG B 13 36.43 -10.23 -3.39
C ARG B 13 35.87 -9.01 -2.61
N VAL B 14 36.76 -8.24 -1.98
CA VAL B 14 36.37 -7.04 -1.25
C VAL B 14 35.93 -5.94 -2.22
N ARG B 15 36.77 -5.65 -3.21
CA ARG B 15 36.39 -4.69 -4.24
C ARG B 15 35.08 -5.04 -4.91
N ALA B 16 34.86 -6.34 -5.12
CA ALA B 16 33.60 -6.84 -5.67
C ALA B 16 32.42 -6.84 -4.67
N ASP B 17 32.68 -6.91 -3.38
CA ASP B 17 31.62 -6.75 -2.39
C ASP B 17 31.03 -5.33 -2.37
N TYR B 18 31.87 -4.33 -2.61
CA TYR B 18 31.48 -2.94 -2.50
C TYR B 18 31.06 -2.34 -3.82
N ASN B 19 31.74 -2.78 -4.89
CA ASN B 19 31.66 -2.24 -6.26
C ASN B 19 31.62 -0.72 -6.33
N VAL B 20 32.63 -0.12 -5.74
CA VAL B 20 32.65 1.34 -5.57
C VAL B 20 32.48 2.12 -6.88
N HIS B 21 33.17 1.69 -7.93
CA HIS B 21 33.04 2.27 -9.26
C HIS B 21 31.60 2.35 -9.78
N TYR B 22 30.66 1.57 -9.24
CA TYR B 22 29.33 1.78 -9.77
C TYR B 22 28.71 3.14 -9.43
N TRP B 23 29.12 3.80 -8.33
CA TRP B 23 28.59 5.13 -8.04
C TRP B 23 29.69 6.21 -8.03
N SER B 24 30.95 5.78 -7.97
CA SER B 24 32.06 6.74 -7.76
C SER B 24 32.41 7.54 -8.97
N GLN B 25 32.06 7.04 -10.15
CA GLN B 25 32.49 7.65 -11.40
C GLN B 25 34.02 7.74 -11.49
N GLY B 26 34.74 6.76 -10.95
CA GLY B 26 36.18 6.82 -10.94
C GLY B 26 36.89 7.83 -10.02
N PHE B 27 36.15 8.69 -9.29
CA PHE B 27 36.79 9.60 -8.32
C PHE B 27 37.22 8.97 -6.99
N TYR B 28 36.67 7.81 -6.63
CA TYR B 28 36.99 7.17 -5.35
C TYR B 28 37.14 5.71 -5.66
N GLY B 29 38.06 5.05 -4.99
CA GLY B 29 38.09 3.61 -5.04
C GLY B 29 38.94 3.10 -3.90
N ILE B 30 39.16 1.79 -3.94
CA ILE B 30 40.02 1.12 -2.98
C ILE B 30 41.38 0.76 -3.59
N ASP B 31 42.45 1.20 -2.97
CA ASP B 31 43.76 0.82 -3.50
C ASP B 31 44.25 -0.53 -2.94
N ASP B 32 45.43 -0.94 -3.39
CA ASP B 32 45.95 -2.25 -3.02
C ASP B 32 46.50 -2.34 -1.59
N GLN B 33 46.37 -1.27 -0.80
CA GLN B 33 46.82 -1.29 0.57
C GLN B 33 45.58 -1.32 1.44
N GLY B 34 44.42 -1.45 0.83
CA GLY B 34 43.16 -1.52 1.58
C GLY B 34 42.59 -0.19 1.99
N GLU B 35 43.12 0.90 1.43
CA GLU B 35 42.67 2.27 1.73
C GLU B 35 41.71 2.89 0.65
N MET B 36 40.75 3.68 1.03
CA MET B 36 39.95 4.42 0.08
C MET B 36 40.78 5.56 -0.42
N TYR B 37 40.83 5.75 -1.71
CA TYR B 37 41.52 6.87 -2.27
C TYR B 37 40.54 7.78 -3.00
N VAL B 38 40.96 9.01 -3.20
CA VAL B 38 40.30 9.86 -4.12
C VAL B 38 41.28 10.12 -5.28
N SER B 39 40.70 10.28 -6.47
CA SER B 39 41.44 10.59 -7.68
C SER B 39 40.75 11.71 -8.40
N PRO B 40 41.02 12.91 -7.99
CA PRO B 40 40.28 14.08 -8.43
C PRO B 40 40.74 14.79 -9.67
N ARG B 41 41.94 14.54 -10.15
CA ARG B 41 42.44 15.23 -11.31
C ARG B 41 41.96 14.59 -12.58
N SER B 42 41.75 15.37 -13.60
CA SER B 42 41.36 14.81 -14.87
C SER B 42 42.40 13.90 -15.43
N ASP B 43 43.65 14.18 -15.18
CA ASP B 43 44.64 13.29 -15.66
C ASP B 43 44.67 11.99 -14.89
N ASN B 44 44.02 11.95 -13.74
CA ASN B 44 44.02 10.82 -12.85
C ASN B 44 45.46 10.48 -12.42
N ALA B 45 46.33 11.47 -12.35
CA ALA B 45 47.73 11.24 -12.04
C ALA B 45 48.01 10.70 -10.70
N HIS B 46 47.34 11.20 -9.70
CA HIS B 46 47.66 10.76 -8.38
C HIS B 46 46.48 10.39 -7.57
N GLN B 47 46.48 9.24 -6.98
CA GLN B 47 45.44 8.86 -6.06
C GLN B 47 46.00 9.14 -4.68
N ILE B 48 45.18 9.76 -3.86
CA ILE B 48 45.57 10.14 -2.55
C ILE B 48 44.65 9.41 -1.61
N GLN B 49 45.22 8.80 -0.61
CA GLN B 49 44.47 8.05 0.38
C GLN B 49 43.78 9.01 1.35
N LEU B 50 42.49 8.77 1.55
CA LEU B 50 41.65 9.68 2.32
C LEU B 50 42.09 9.73 3.79
N SER B 51 42.53 8.60 4.35
CA SER B 51 43.17 8.60 5.67
C SER B 51 44.42 9.48 5.74
N LYS B 52 45.20 9.63 4.66
CA LYS B 52 46.33 10.58 4.75
C LYS B 52 45.85 12.03 4.82
N ILE B 53 44.72 12.37 4.19
CA ILE B 53 44.15 13.70 4.42
C ILE B 53 43.76 13.90 5.88
N VAL B 54 43.20 12.84 6.48
CA VAL B 54 42.83 12.97 7.87
C VAL B 54 44.08 13.10 8.75
N LYS B 55 45.09 12.25 8.59
CA LYS B 55 46.35 12.46 9.32
C LYS B 55 46.93 13.88 9.12
N GLN B 56 46.90 14.36 7.90
CA GLN B 56 47.40 15.71 7.69
C GLN B 56 46.59 16.77 8.45
N LEU B 57 45.28 16.58 8.59
CA LEU B 57 44.48 17.52 9.38
C LEU B 57 44.71 17.41 10.89
N GLU B 58 44.80 16.18 11.37
CA GLU B 58 45.15 15.86 12.75
C GLU B 58 46.41 16.59 13.14
N GLU B 59 47.37 16.70 12.23
CA GLU B 59 48.62 17.36 12.53
C GLU B 59 48.47 18.87 12.57
N ARG B 60 47.32 19.40 12.14
CA ARG B 60 47.05 20.82 12.23
C ARG B 60 45.95 21.07 13.25
N GLN B 61 45.78 20.14 14.18
CA GLN B 61 44.84 20.31 15.28
C GLN B 61 43.36 20.24 14.95
N LEU B 62 42.98 19.82 13.75
CA LEU B 62 41.56 19.65 13.43
C LEU B 62 41.17 18.17 13.51
N ASN B 63 40.15 17.87 14.29
CA ASN B 63 39.66 16.50 14.46
C ASN B 63 38.42 16.22 13.64
N VAL B 64 38.17 14.97 13.34
CA VAL B 64 36.97 14.62 12.61
C VAL B 64 35.86 14.86 13.61
N PRO B 65 34.62 15.07 13.16
CA PRO B 65 34.12 15.03 11.81
C PRO B 65 34.64 16.21 10.95
N VAL B 66 34.85 15.90 9.67
CA VAL B 66 35.30 16.86 8.71
C VAL B 66 34.64 16.60 7.37
N LEU B 67 34.14 17.70 6.83
CA LEU B 67 33.70 17.76 5.47
C LEU B 67 34.87 18.15 4.57
N VAL B 68 35.23 17.26 3.65
CA VAL B 68 36.32 17.50 2.74
C VAL B 68 35.77 17.70 1.34
N ARG B 69 36.16 18.79 0.72
CA ARG B 69 35.72 19.07 -0.62
C ARG B 69 36.87 19.16 -1.70
N PHE B 70 36.64 18.60 -2.89
CA PHE B 70 37.65 18.51 -3.94
C PHE B 70 37.25 19.30 -5.16
N PRO B 71 37.77 20.52 -5.32
CA PRO B 71 37.38 21.40 -6.41
C PRO B 71 37.75 20.79 -7.75
N GLN B 72 38.77 19.91 -7.81
CA GLN B 72 39.10 19.35 -9.14
C GLN B 72 38.01 18.37 -9.64
N ILE B 73 37.21 17.81 -8.74
CA ILE B 73 36.07 17.02 -9.10
C ILE B 73 35.00 17.97 -9.69
N LEU B 74 34.71 19.09 -9.02
CA LEU B 74 33.80 20.08 -9.60
C LEU B 74 34.26 20.41 -11.03
N HIS B 75 35.58 20.62 -11.24
CA HIS B 75 36.08 21.05 -12.55
C HIS B 75 35.75 19.99 -13.58
N GLN B 76 36.00 18.73 -13.25
CA GLN B 76 35.68 17.62 -14.12
C GLN B 76 34.16 17.49 -14.44
N ARG B 77 33.31 17.73 -13.42
CA ARG B 77 31.88 17.69 -13.60
C ARG B 77 31.45 18.72 -14.65
N VAL B 78 31.96 19.96 -14.56
CA VAL B 78 31.65 20.95 -15.57
C VAL B 78 32.07 20.49 -17.02
N HIS B 79 33.25 19.92 -17.14
CA HIS B 79 33.70 19.47 -18.43
C HIS B 79 32.96 18.23 -18.90
N SER B 80 32.58 17.35 -17.99
CA SER B 80 31.86 16.13 -18.39
C SER B 80 30.46 16.50 -18.91
N ILE B 81 29.77 17.40 -18.22
CA ILE B 81 28.41 17.75 -18.64
C ILE B 81 28.49 18.50 -19.98
N CYS B 82 29.43 19.42 -20.14
CA CYS B 82 29.57 20.14 -21.43
C CYS B 82 29.94 19.23 -22.60
N ASP B 83 30.85 18.29 -22.34
CA ASP B 83 31.26 17.28 -23.36
C ASP B 83 30.09 16.39 -23.72
N ALA B 84 29.26 16.04 -22.75
CA ALA B 84 28.10 15.20 -23.03
C ALA B 84 27.19 15.95 -23.98
N PHE B 85 26.88 17.21 -23.67
CA PHE B 85 26.04 17.95 -24.58
C PHE B 85 26.67 18.18 -25.93
N ASN B 86 27.97 18.49 -25.93
CA ASN B 86 28.68 18.72 -27.17
C ASN B 86 28.73 17.51 -28.03
N GLN B 87 28.87 16.35 -27.40
CA GLN B 87 28.85 15.16 -28.17
C GLN B 87 27.46 14.95 -28.77
N ALA B 88 26.42 15.20 -27.99
CA ALA B 88 25.06 14.96 -28.54
C ALA B 88 24.86 15.95 -29.65
N ILE B 89 25.29 17.19 -29.45
CA ILE B 89 25.12 18.21 -30.47
C ILE B 89 25.78 17.76 -31.78
N GLU B 90 27.00 17.20 -31.70
CA GLU B 90 27.72 16.75 -32.88
C GLU B 90 27.14 15.52 -33.51
N GLU B 91 26.64 14.56 -32.71
CA GLU B 91 25.98 13.37 -33.31
C GLU B 91 24.72 13.73 -34.11
N TYR B 92 23.90 14.62 -33.58
CA TYR B 92 22.68 15.07 -34.22
C TYR B 92 22.94 16.08 -35.35
N GLN B 93 24.07 16.82 -35.28
CA GLN B 93 24.37 18.03 -36.09
C GLN B 93 23.40 19.11 -35.70
N TYR B 94 23.30 19.34 -34.39
CA TYR B 94 22.48 20.40 -33.87
C TYR B 94 23.16 21.77 -34.07
N PRO B 95 22.51 22.68 -34.80
CA PRO B 95 23.19 23.89 -35.26
C PRO B 95 23.22 25.03 -34.24
N ASN B 96 23.34 24.73 -32.96
CA ASN B 96 23.45 25.79 -31.99
C ASN B 96 24.19 25.26 -30.78
N LYS B 97 24.36 26.07 -29.76
CA LYS B 97 25.22 25.67 -28.66
C LYS B 97 24.46 25.27 -27.39
N TYR B 98 25.25 24.71 -26.47
CA TYR B 98 24.82 24.37 -25.11
C TYR B 98 25.44 25.37 -24.13
N LEU B 99 24.73 25.69 -23.07
CA LEU B 99 25.27 26.54 -22.04
C LEU B 99 24.88 26.00 -20.67
N LEU B 100 25.87 25.70 -19.85
CA LEU B 100 25.59 25.16 -18.53
C LEU B 100 25.44 26.32 -17.56
N VAL B 101 24.33 26.37 -16.82
CA VAL B 101 24.12 27.42 -15.84
C VAL B 101 23.99 26.76 -14.47
N TYR B 102 24.77 27.24 -13.49
CA TYR B 102 24.77 26.63 -12.16
C TYR B 102 23.78 27.31 -11.24
N PRO B 103 22.79 26.59 -10.70
CA PRO B 103 21.80 27.10 -9.72
C PRO B 103 22.31 26.98 -8.29
N ILE B 104 22.68 28.11 -7.71
CA ILE B 104 23.44 28.10 -6.48
C ILE B 104 22.67 27.53 -5.27
N LYS B 105 21.37 27.34 -5.41
CA LYS B 105 20.53 26.75 -4.40
C LYS B 105 21.04 25.37 -4.00
N VAL B 106 21.64 24.66 -4.92
CA VAL B 106 22.17 23.37 -4.64
C VAL B 106 23.31 23.41 -3.60
N ASN B 107 24.20 24.36 -3.73
CA ASN B 107 25.26 24.64 -2.80
C ASN B 107 25.72 26.07 -2.97
N GLN B 108 25.48 26.92 -2.00
CA GLN B 108 25.84 28.30 -2.15
C GLN B 108 27.24 28.74 -1.72
N GLN B 109 28.05 27.85 -1.18
CA GLN B 109 29.37 28.21 -0.70
C GLN B 109 30.29 28.79 -1.75
N ARG B 110 30.96 29.85 -1.38
CA ARG B 110 31.81 30.57 -2.28
C ARG B 110 32.91 29.70 -2.82
N GLU B 111 33.44 28.88 -1.99
CA GLU B 111 34.45 28.01 -2.42
C GLU B 111 33.94 27.03 -3.47
N VAL B 112 32.73 26.56 -3.38
CA VAL B 112 32.18 25.74 -4.43
C VAL B 112 31.87 26.49 -5.71
N VAL B 113 31.15 27.59 -5.59
CA VAL B 113 30.78 28.44 -6.71
C VAL B 113 31.97 28.99 -7.46
N ASP B 114 33.01 29.49 -6.75
CA ASP B 114 34.28 29.94 -7.35
C ASP B 114 34.84 28.90 -8.25
N GLU B 115 34.88 27.66 -7.77
CA GLU B 115 35.53 26.58 -8.51
C GLU B 115 34.76 26.24 -9.74
N ILE B 116 33.44 26.18 -9.62
CA ILE B 116 32.62 26.06 -10.82
C ILE B 116 32.87 27.21 -11.81
N LEU B 117 32.77 28.44 -11.32
CA LEU B 117 33.13 29.58 -12.17
C LEU B 117 34.54 29.43 -12.75
N ALA B 118 35.51 28.95 -11.97
CA ALA B 118 36.89 28.90 -12.47
C ALA B 118 37.06 27.93 -13.67
N SER B 119 36.21 26.91 -13.75
CA SER B 119 36.05 26.16 -14.98
C SER B 119 35.57 27.01 -16.16
N GLN B 120 34.37 27.64 -16.03
CA GLN B 120 33.65 28.52 -17.04
C GLN B 120 34.59 29.26 -17.93
N ALA B 121 35.53 29.90 -17.26
CA ALA B 121 36.58 30.65 -17.89
C ALA B 121 37.28 29.77 -18.96
N GLN B 122 37.62 28.52 -18.60
CA GLN B 122 38.63 27.73 -19.31
C GLN B 122 38.23 26.93 -20.58
N LEU B 123 36.96 26.51 -20.66
CA LEU B 123 36.44 25.90 -21.91
C LEU B 123 36.33 26.98 -22.98
N GLU B 124 36.96 26.72 -24.13
CA GLU B 124 37.23 27.69 -25.23
C GLU B 124 36.02 28.54 -25.74
N THR B 125 34.80 28.10 -25.41
CA THR B 125 33.57 28.87 -25.62
C THR B 125 33.47 29.92 -24.49
N LYS B 126 34.24 29.69 -23.43
CA LYS B 126 34.47 30.70 -22.37
C LYS B 126 33.19 31.42 -21.90
N GLN B 127 32.19 30.61 -21.52
CA GLN B 127 30.98 31.13 -20.88
C GLN B 127 30.44 30.05 -19.94
N LEU B 128 29.90 30.50 -18.82
CA LEU B 128 28.91 29.71 -18.06
C LEU B 128 28.19 30.59 -17.04
N GLY B 129 26.99 30.22 -16.65
CA GLY B 129 26.20 31.15 -15.89
C GLY B 129 25.82 30.67 -14.54
N LEU B 130 25.07 31.53 -13.88
CA LEU B 130 24.62 31.24 -12.57
C LEU B 130 23.12 31.48 -12.58
N GLU B 131 22.40 30.74 -11.76
CA GLU B 131 20.98 30.92 -11.65
C GLU B 131 20.73 31.25 -10.22
N ALA B 132 19.82 32.20 -9.94
CA ALA B 132 19.44 32.52 -8.59
C ALA B 132 17.95 32.24 -8.50
N GLY B 133 17.51 31.79 -7.36
CA GLY B 133 16.10 31.52 -7.17
C GLY B 133 15.43 32.26 -6.01
N SER B 134 16.00 33.41 -5.62
CA SER B 134 15.42 34.24 -4.61
C SER B 134 16.24 35.51 -4.49
N LYS B 135 15.68 36.49 -3.78
CA LYS B 135 16.29 37.80 -3.65
C LYS B 135 17.68 37.66 -3.06
N PRO B 136 17.81 36.93 -1.96
CA PRO B 136 19.17 36.93 -1.41
C PRO B 136 20.21 36.15 -2.25
N GLU B 137 19.77 35.15 -3.03
CA GLU B 137 20.63 34.42 -3.95
C GLU B 137 21.10 35.28 -5.05
N LEU B 138 20.23 36.19 -5.53
CA LEU B 138 20.62 37.16 -6.52
C LEU B 138 21.79 38.03 -6.07
N LEU B 139 21.69 38.55 -4.85
CA LEU B 139 22.83 39.28 -4.29
C LEU B 139 24.10 38.42 -4.12
N ALA B 140 23.94 37.17 -3.68
CA ALA B 140 25.08 36.28 -3.59
C ALA B 140 25.62 36.02 -5.00
N VAL B 141 24.77 35.85 -5.99
CA VAL B 141 25.27 35.60 -7.35
C VAL B 141 25.97 36.85 -7.90
N LEU B 142 25.42 38.02 -7.63
CA LEU B 142 26.01 39.26 -8.11
C LEU B 142 27.38 39.46 -7.46
N ALA B 143 27.46 39.18 -6.15
CA ALA B 143 28.73 39.21 -5.44
C ALA B 143 29.75 38.18 -6.01
N MET B 144 29.35 36.95 -6.25
CA MET B 144 30.20 35.93 -6.80
C MET B 144 30.64 36.15 -8.27
N ALA B 145 29.85 36.81 -9.09
CA ALA B 145 30.32 37.16 -10.44
C ALA B 145 30.83 38.62 -10.57
N GLN B 146 31.06 39.32 -9.47
CA GLN B 146 31.62 40.72 -9.54
C GLN B 146 32.84 40.96 -10.47
N HIS B 147 33.87 40.11 -10.39
CA HIS B 147 35.07 40.22 -11.23
C HIS B 147 34.79 40.21 -12.77
N ALA B 148 33.76 39.47 -13.22
CA ALA B 148 33.54 39.22 -14.68
C ALA B 148 32.08 39.31 -15.12
N SER B 149 31.85 39.83 -16.30
CA SER B 149 30.49 39.87 -16.84
C SER B 149 29.93 38.42 -17.08
N SER B 150 28.63 38.22 -16.89
CA SER B 150 28.11 36.87 -16.71
C SER B 150 26.63 36.71 -17.13
N VAL B 151 26.25 35.50 -17.50
CA VAL B 151 24.84 35.16 -17.66
C VAL B 151 24.28 34.84 -16.28
N ILE B 152 23.16 35.47 -15.94
CA ILE B 152 22.47 35.24 -14.69
C ILE B 152 20.98 35.02 -14.95
N VAL B 153 20.41 33.89 -14.52
CA VAL B 153 19.01 33.61 -14.66
C VAL B 153 18.35 33.76 -13.29
N CYS B 154 17.27 34.55 -13.21
CA CYS B 154 16.55 34.87 -11.96
C CYS B 154 15.19 34.21 -11.89
N ASN B 155 15.03 33.31 -10.91
CA ASN B 155 13.80 32.65 -10.68
C ASN B 155 13.30 32.98 -9.29
N GLY B 156 12.16 32.43 -8.91
CA GLY B 156 11.64 32.68 -7.57
C GLY B 156 10.66 33.84 -7.50
N TYR B 157 10.25 34.14 -6.29
CA TYR B 157 9.27 35.13 -6.11
C TYR B 157 9.94 36.48 -6.05
N LYS B 158 9.44 37.36 -6.89
CA LYS B 158 10.08 38.62 -7.13
C LYS B 158 9.31 39.83 -6.57
N ASP B 159 9.88 40.54 -5.60
CA ASP B 159 9.33 41.83 -5.17
C ASP B 159 10.00 42.94 -5.96
N ARG B 160 9.63 44.15 -5.62
CA ARG B 160 10.16 45.31 -6.28
C ARG B 160 11.67 45.37 -6.13
N GLU B 161 12.16 45.07 -4.94
CA GLU B 161 13.61 45.10 -4.70
C GLU B 161 14.39 44.05 -5.51
N TYR B 162 13.90 42.82 -5.56
CA TYR B 162 14.53 41.76 -6.36
C TYR B 162 14.58 42.25 -7.84
N ILE B 163 13.43 42.63 -8.39
CA ILE B 163 13.34 43.13 -9.75
C ILE B 163 14.38 44.25 -10.04
N ARG B 164 14.47 45.26 -9.16
CA ARG B 164 15.37 46.39 -9.37
C ARG B 164 16.83 45.99 -9.29
N LEU B 165 17.17 45.15 -8.31
CA LEU B 165 18.52 44.55 -8.22
C LEU B 165 18.87 43.80 -9.52
N ALA B 166 17.93 43.01 -10.02
CA ALA B 166 18.21 42.30 -11.28
C ALA B 166 18.47 43.27 -12.41
N LEU B 167 17.73 44.37 -12.44
CA LEU B 167 17.89 45.28 -13.56
C LEU B 167 19.18 46.13 -13.39
N ILE B 168 19.58 46.37 -12.15
CA ILE B 168 20.84 47.00 -11.89
C ILE B 168 21.95 46.07 -12.32
N GLY B 169 21.81 44.76 -12.07
CA GLY B 169 22.76 43.75 -12.54
C GLY B 169 23.01 43.89 -14.04
N GLU B 170 21.96 44.17 -14.80
CA GLU B 170 22.05 44.32 -16.25
C GLU B 170 22.74 45.68 -16.53
N LYS B 171 22.31 46.73 -15.86
CA LYS B 171 22.99 48.01 -15.94
C LYS B 171 24.52 47.88 -15.83
N LEU B 172 24.99 47.08 -14.87
CA LEU B 172 26.41 46.91 -14.68
C LEU B 172 27.06 45.90 -15.63
N GLY B 173 26.38 45.50 -16.69
CA GLY B 173 27.04 44.68 -17.71
C GLY B 173 26.79 43.16 -17.73
N HIS B 174 26.04 42.62 -16.75
CA HIS B 174 25.67 41.22 -16.78
C HIS B 174 24.57 40.97 -17.81
N LYS B 175 24.41 39.73 -18.27
CA LYS B 175 23.19 39.42 -19.03
C LYS B 175 22.22 38.79 -18.05
N VAL B 176 21.22 39.55 -17.62
CA VAL B 176 20.36 39.09 -16.55
C VAL B 176 19.01 38.75 -17.13
N PHE B 177 18.59 37.47 -17.10
CA PHE B 177 17.26 37.01 -17.53
C PHE B 177 16.37 36.94 -16.36
N ILE B 178 15.35 37.79 -16.39
CA ILE B 178 14.38 37.80 -15.33
C ILE B 178 13.28 36.88 -15.85
N VAL B 179 13.19 35.66 -15.31
CA VAL B 179 12.23 34.68 -15.85
C VAL B 179 10.89 34.96 -15.15
N LEU B 180 9.85 35.23 -15.94
CA LEU B 180 8.51 35.44 -15.38
C LEU B 180 7.88 34.14 -14.92
N GLU B 181 7.48 34.13 -13.66
CA GLU B 181 6.96 32.94 -13.01
C GLU B 181 5.56 33.16 -12.50
N LYS B 182 5.11 34.39 -12.62
CA LYS B 182 3.81 34.83 -12.14
C LYS B 182 3.35 35.98 -13.06
N MET B 183 2.10 36.01 -13.43
CA MET B 183 1.61 36.96 -14.40
C MET B 183 1.83 38.40 -13.98
N SER B 184 1.60 38.74 -12.72
CA SER B 184 1.71 40.10 -12.21
C SER B 184 3.10 40.66 -12.24
N GLU B 185 4.09 39.78 -12.39
CA GLU B 185 5.42 40.23 -12.37
C GLU B 185 5.90 40.90 -13.69
N LEU B 186 5.18 40.70 -14.79
CA LEU B 186 5.48 41.44 -16.07
C LEU B 186 5.31 42.99 -16.01
N ASP B 187 4.19 43.44 -15.47
CA ASP B 187 3.93 44.85 -15.26
C ASP B 187 5.00 45.54 -14.35
N LEU B 188 5.36 44.81 -13.28
CA LEU B 188 6.38 45.22 -12.34
C LEU B 188 7.74 45.38 -13.01
N VAL B 189 8.17 44.36 -13.77
CA VAL B 189 9.41 44.43 -14.55
C VAL B 189 9.41 45.65 -15.49
N LEU B 190 8.36 45.80 -16.28
CA LEU B 190 8.28 46.88 -17.28
C LEU B 190 8.30 48.27 -16.65
N ARG B 191 7.52 48.48 -15.60
CA ARG B 191 7.58 49.71 -14.77
C ARG B 191 8.98 50.03 -14.25
N GLU B 192 9.61 49.07 -13.59
CA GLU B 192 10.88 49.28 -12.94
C GLU B 192 12.00 49.45 -13.98
N ALA B 193 11.84 48.88 -15.17
CA ALA B 193 12.90 49.00 -16.17
C ALA B 193 12.93 50.40 -16.75
N LYS B 194 11.72 50.94 -16.93
CA LYS B 194 11.47 52.28 -17.34
C LYS B 194 12.08 53.22 -16.29
N SER B 195 11.71 53.06 -15.01
CA SER B 195 12.31 53.78 -13.88
C SER B 195 13.85 53.82 -13.79
N LEU B 196 14.50 52.68 -14.03
CA LEU B 196 15.96 52.62 -14.10
C LEU B 196 16.52 52.80 -15.51
N GLY B 197 15.68 53.04 -16.49
CA GLY B 197 16.16 53.32 -17.82
C GLY B 197 17.03 52.21 -18.35
N VAL B 198 16.53 50.96 -18.24
CA VAL B 198 17.26 49.78 -18.70
C VAL B 198 16.30 48.99 -19.57
N THR B 199 16.82 48.43 -20.66
CA THR B 199 16.07 47.47 -21.47
C THR B 199 16.12 46.08 -20.78
N PRO B 200 14.94 45.55 -20.40
CA PRO B 200 14.93 44.22 -19.73
C PRO B 200 15.21 43.04 -20.68
N ARG B 201 15.84 41.98 -20.19
CA ARG B 201 15.83 40.68 -20.87
C ARG B 201 14.91 39.76 -20.08
N LEU B 202 13.95 39.14 -20.78
CA LEU B 202 12.92 38.38 -20.13
C LEU B 202 13.02 36.92 -20.56
N GLY B 203 12.64 36.04 -19.62
CA GLY B 203 12.33 34.69 -19.98
C GLY B 203 10.93 34.46 -19.56
N ILE B 204 10.43 33.27 -19.83
CA ILE B 204 9.12 32.87 -19.29
C ILE B 204 9.23 31.43 -18.88
N ARG B 205 8.75 31.13 -17.69
CA ARG B 205 8.58 29.75 -17.29
C ARG B 205 7.15 29.25 -17.63
N ILE B 206 7.08 28.12 -18.28
CA ILE B 206 5.83 27.70 -18.82
C ILE B 206 5.36 26.54 -17.97
N ARG B 207 4.07 26.41 -17.74
CA ARG B 207 3.50 25.22 -17.08
C ARG B 207 3.23 24.11 -18.06
N LEU B 208 3.59 22.91 -17.67
CA LEU B 208 3.44 21.73 -18.54
C LEU B 208 2.24 20.90 -18.16
N ALA B 209 1.60 20.30 -19.14
CA ALA B 209 0.53 19.39 -18.84
C ALA B 209 1.02 17.89 -18.85
N SER B 210 2.30 17.64 -19.16
CA SER B 210 2.83 16.29 -19.42
C SER B 210 3.43 15.64 -18.17
N GLN B 211 3.42 16.38 -17.08
CA GLN B 211 4.07 15.94 -15.86
C GLN B 211 3.10 15.65 -14.72
N GLY B 212 1.82 15.43 -15.03
CA GLY B 212 0.84 15.11 -13.97
C GLY B 212 -0.31 16.10 -13.86
N ALA B 213 -1.45 15.62 -13.39
CA ALA B 213 -2.65 16.45 -13.23
C ALA B 213 -2.45 17.80 -12.50
N GLY B 214 -3.13 18.84 -13.01
CA GLY B 214 -3.18 20.15 -12.35
C GLY B 214 -1.99 21.10 -12.60
N LYS B 215 -0.94 20.60 -13.22
CA LYS B 215 0.33 21.37 -13.32
C LYS B 215 0.22 22.48 -14.37
N TRP B 216 -0.76 22.33 -15.26
CA TRP B 216 -0.98 23.25 -16.38
C TRP B 216 -1.57 24.53 -15.92
N GLN B 217 -2.13 24.51 -14.73
CA GLN B 217 -2.98 25.60 -14.28
C GLN B 217 -2.20 26.50 -13.35
N ALA B 218 -2.33 27.81 -13.51
CA ALA B 218 -1.72 28.79 -12.55
C ALA B 218 -2.36 28.86 -11.15
N SER B 219 -3.67 29.06 -11.09
CA SER B 219 -4.44 28.96 -9.85
C SER B 219 -4.67 27.49 -9.49
N GLY B 220 -5.54 27.25 -8.51
CA GLY B 220 -5.89 25.93 -8.05
C GLY B 220 -4.96 25.35 -6.98
N GLY B 221 -5.33 24.16 -6.51
CA GLY B 221 -4.73 23.56 -5.32
C GLY B 221 -3.51 22.70 -5.58
N GLU B 222 -3.17 22.45 -6.84
CA GLU B 222 -1.98 21.69 -7.17
C GLU B 222 -0.74 22.56 -6.87
N LYS B 223 0.29 21.95 -6.29
CA LYS B 223 1.41 22.69 -5.68
C LYS B 223 2.57 23.15 -6.55
N SER B 224 2.48 23.10 -7.87
CA SER B 224 3.52 23.71 -8.72
C SER B 224 3.40 25.24 -8.64
N LYS B 225 4.37 25.81 -7.95
CA LYS B 225 4.37 27.19 -7.50
C LYS B 225 4.43 28.18 -8.62
N PHE B 226 5.35 27.93 -9.55
CA PHE B 226 5.73 28.94 -10.47
C PHE B 226 5.39 28.56 -11.91
N GLY B 227 5.27 29.57 -12.75
CA GLY B 227 5.09 29.33 -14.15
C GLY B 227 3.82 29.96 -14.69
N LEU B 228 3.83 30.24 -15.98
CA LEU B 228 2.65 30.76 -16.59
C LEU B 228 1.87 29.70 -17.36
N SER B 229 0.55 29.78 -17.21
CA SER B 229 -0.37 28.96 -17.98
C SER B 229 -0.36 29.42 -19.48
N ALA B 230 -0.83 28.58 -20.39
CA ALA B 230 -0.78 28.88 -21.85
C ALA B 230 -1.47 30.21 -22.14
N SER B 231 -2.56 30.46 -21.44
CA SER B 231 -3.30 31.67 -21.66
C SER B 231 -2.50 32.93 -21.20
N GLN B 232 -1.82 32.81 -20.05
CA GLN B 232 -1.02 33.90 -19.53
C GLN B 232 0.20 34.12 -20.39
N VAL B 233 0.77 33.05 -20.97
CA VAL B 233 1.88 33.24 -21.87
C VAL B 233 1.42 34.12 -23.00
N LEU B 234 0.20 33.91 -23.48
CA LEU B 234 -0.32 34.79 -24.54
C LEU B 234 -0.58 36.19 -24.08
N ASN B 235 -0.94 36.38 -22.80
CA ASN B 235 -1.15 37.72 -22.28
C ASN B 235 0.20 38.41 -22.30
N VAL B 236 1.25 37.69 -21.97
CA VAL B 236 2.59 38.28 -22.02
C VAL B 236 2.94 38.77 -23.42
N ILE B 237 2.77 37.89 -24.43
CA ILE B 237 3.02 38.25 -25.83
C ILE B 237 2.19 39.52 -26.24
N SER B 238 0.93 39.51 -25.88
CA SER B 238 0.04 40.59 -26.27
C SER B 238 0.47 41.91 -25.62
N ARG B 239 0.89 41.90 -24.35
CA ARG B 239 1.29 43.12 -23.67
C ARG B 239 2.60 43.64 -24.26
N LEU B 240 3.53 42.75 -24.60
CA LEU B 240 4.80 43.19 -25.11
C LEU B 240 4.65 43.68 -26.52
N LYS B 241 3.74 43.10 -27.28
CA LYS B 241 3.48 43.65 -28.66
C LYS B 241 2.96 45.10 -28.57
N LYS B 242 2.03 45.34 -27.64
CA LYS B 242 1.46 46.66 -27.40
C LYS B 242 2.48 47.71 -26.85
N GLU B 243 3.39 47.28 -25.98
CA GLU B 243 4.50 48.13 -25.49
C GLU B 243 5.66 48.21 -26.52
N ASN B 244 5.51 47.59 -27.69
CA ASN B 244 6.64 47.49 -28.57
C ASN B 244 7.88 46.85 -27.98
N GLN B 245 7.73 45.86 -27.14
CA GLN B 245 8.86 45.36 -26.40
C GLN B 245 9.03 43.89 -26.51
N LEU B 246 8.60 43.34 -27.65
CA LEU B 246 8.58 41.90 -27.87
C LEU B 246 9.95 41.28 -27.96
N ASP B 247 10.92 42.02 -28.52
CA ASP B 247 12.32 41.62 -28.51
C ASP B 247 12.93 41.42 -27.14
N THR B 248 12.31 41.92 -26.07
CA THR B 248 12.92 41.70 -24.79
C THR B 248 12.72 40.24 -24.31
N LEU B 249 11.86 39.46 -24.97
CA LEU B 249 11.63 38.11 -24.55
C LEU B 249 12.53 37.15 -25.31
N GLN B 250 13.54 36.62 -24.59
CA GLN B 250 14.65 35.90 -25.18
C GLN B 250 14.81 34.45 -24.67
N LEU B 251 14.11 34.09 -23.61
CA LEU B 251 14.35 32.80 -23.02
C LEU B 251 13.05 32.09 -22.64
N VAL B 252 13.01 30.79 -22.94
CA VAL B 252 11.96 29.90 -22.45
C VAL B 252 12.49 28.97 -21.36
N HIS B 253 11.74 28.85 -20.25
CA HIS B 253 12.20 28.07 -19.16
C HIS B 253 11.19 27.02 -18.64
N PHE B 254 11.67 25.84 -18.26
CA PHE B 254 10.86 24.96 -17.46
C PHE B 254 11.71 24.15 -16.50
N HIS B 255 11.11 23.72 -15.42
CA HIS B 255 11.83 22.88 -14.53
C HIS B 255 10.88 21.72 -14.08
N LEU B 256 11.33 20.48 -14.25
CA LEU B 256 10.53 19.34 -13.83
C LEU B 256 10.63 19.00 -12.36
N GLY B 257 11.66 19.46 -11.68
CA GLY B 257 11.92 18.96 -10.35
C GLY B 257 13.32 18.37 -10.33
N SER B 258 13.84 18.11 -9.14
CA SER B 258 15.17 17.59 -8.99
C SER B 258 15.16 16.08 -9.04
N GLN B 259 16.31 15.48 -9.37
CA GLN B 259 16.48 14.01 -9.25
C GLN B 259 15.39 13.25 -10.11
N MET B 260 15.33 13.50 -11.38
CA MET B 260 14.39 12.85 -12.22
C MET B 260 14.96 11.51 -12.56
N ALA B 261 14.27 10.48 -12.11
CA ALA B 261 14.73 9.12 -12.24
C ALA B 261 14.37 8.44 -13.59
N ASN B 262 13.37 8.98 -14.26
CA ASN B 262 12.85 8.35 -15.47
C ASN B 262 13.16 9.22 -16.69
N ILE B 263 14.01 8.74 -17.58
CA ILE B 263 14.39 9.50 -18.75
C ILE B 263 13.11 9.86 -19.58
N ARG B 264 12.03 9.07 -19.48
CA ARG B 264 10.80 9.32 -20.21
C ARG B 264 10.16 10.67 -19.84
N ASP B 265 10.17 10.97 -18.55
CA ASP B 265 9.66 12.25 -18.11
C ASP B 265 10.46 13.42 -18.66
N VAL B 266 11.76 13.23 -18.83
CA VAL B 266 12.59 14.28 -19.38
C VAL B 266 12.20 14.55 -20.84
N ARG B 267 12.16 13.47 -21.60
CA ARG B 267 11.83 13.54 -22.97
C ARG B 267 10.38 14.11 -23.15
N ASN B 268 9.44 13.70 -22.31
CA ASN B 268 8.05 14.27 -22.44
C ASN B 268 8.01 15.77 -22.15
N GLY B 269 8.83 16.21 -21.18
CA GLY B 269 8.89 17.61 -20.82
C GLY B 269 9.51 18.48 -21.90
N VAL B 270 10.68 18.05 -22.35
CA VAL B 270 11.29 18.70 -23.51
C VAL B 270 10.38 18.79 -24.76
N ASN B 271 9.71 17.72 -25.13
CA ASN B 271 8.78 17.73 -26.24
C ASN B 271 7.72 18.82 -26.09
N GLU B 272 7.07 18.85 -24.94
CA GLU B 272 6.02 19.78 -24.79
C GLU B 272 6.55 21.23 -24.83
N SER B 273 7.70 21.43 -24.19
CA SER B 273 8.28 22.78 -24.10
C SER B 273 8.85 23.26 -25.39
N ALA B 274 9.44 22.36 -26.17
CA ALA B 274 9.89 22.66 -27.52
C ALA B 274 8.70 23.14 -28.33
N ARG B 275 7.52 22.62 -28.06
CA ARG B 275 6.35 23.02 -28.86
C ARG B 275 5.89 24.41 -28.51
N PHE B 276 5.92 24.74 -27.21
CA PHE B 276 5.77 26.14 -26.77
C PHE B 276 6.79 27.07 -27.43
N TYR B 277 8.06 26.71 -27.35
CA TYR B 277 9.09 27.53 -28.02
C TYR B 277 8.75 27.80 -29.53
N CYS B 278 8.40 26.76 -30.25
CA CYS B 278 8.15 26.93 -31.68
C CYS B 278 6.83 27.65 -31.88
N GLU B 279 5.83 27.40 -31.06
CA GLU B 279 4.59 28.20 -31.13
C GLU B 279 4.86 29.70 -30.80
N LEU B 280 5.67 30.01 -29.79
CA LEU B 280 5.99 31.43 -29.52
C LEU B 280 6.69 32.11 -30.74
N ARG B 281 7.53 31.37 -31.43
CA ARG B 281 8.23 31.98 -32.57
C ARG B 281 7.22 32.33 -33.67
N THR B 282 6.33 31.39 -33.92
CA THR B 282 5.16 31.57 -34.74
C THR B 282 4.35 32.86 -34.49
N LEU B 283 4.39 33.39 -33.27
CA LEU B 283 3.72 34.62 -32.93
C LEU B 283 4.71 35.76 -32.87
N GLY B 284 5.80 35.66 -33.63
CA GLY B 284 6.76 36.73 -33.78
C GLY B 284 7.72 36.88 -32.60
N ALA B 285 7.68 35.98 -31.63
CA ALA B 285 8.68 36.11 -30.55
C ALA B 285 10.04 35.58 -31.03
N ASN B 286 11.11 36.25 -30.63
CA ASN B 286 12.45 35.86 -31.05
C ASN B 286 13.17 35.24 -29.84
N ILE B 287 12.82 33.99 -29.52
CA ILE B 287 13.36 33.35 -28.35
C ILE B 287 14.66 32.76 -28.78
N THR B 288 15.70 33.04 -28.02
CA THR B 288 17.02 32.57 -28.34
C THR B 288 17.48 31.39 -27.46
N TYR B 289 17.01 31.33 -26.21
CA TYR B 289 17.54 30.39 -25.20
C TYR B 289 16.43 29.52 -24.75
N PHE B 290 16.79 28.26 -24.46
CA PHE B 290 15.83 27.22 -24.14
C PHE B 290 16.41 26.51 -22.94
N ASP B 291 15.84 26.74 -21.76
CA ASP B 291 16.46 26.34 -20.51
C ASP B 291 15.57 25.24 -19.91
N VAL B 292 16.16 24.04 -19.75
CA VAL B 292 15.47 22.83 -19.36
C VAL B 292 15.54 22.58 -17.87
N GLY B 293 16.18 23.47 -17.10
CA GLY B 293 16.12 23.40 -15.64
C GLY B 293 17.08 22.32 -15.10
N GLY B 294 16.76 21.84 -13.91
CA GLY B 294 17.51 20.83 -13.25
C GLY B 294 16.86 19.49 -13.51
N GLY B 295 17.14 18.51 -12.67
CA GLY B 295 16.47 17.27 -12.90
C GLY B 295 17.44 16.17 -13.17
N LEU B 296 18.58 16.55 -13.78
CA LEU B 296 19.63 15.62 -14.16
C LEU B 296 20.10 14.95 -12.87
N ALA B 297 19.80 13.67 -12.79
CA ALA B 297 19.95 12.95 -11.53
C ALA B 297 21.39 12.49 -11.25
N ILE B 298 21.57 12.04 -10.02
CA ILE B 298 22.79 11.38 -9.60
C ILE B 298 22.44 9.95 -9.17
N ASP B 299 23.24 9.01 -9.57
CA ASP B 299 22.98 7.62 -9.25
C ASP B 299 23.59 7.31 -7.86
N TYR B 300 22.80 7.51 -6.82
CA TYR B 300 23.29 7.36 -5.44
C TYR B 300 23.59 5.95 -5.03
N ASP B 301 22.93 4.97 -5.66
CA ASP B 301 23.16 3.62 -5.29
C ASP B 301 23.87 2.79 -6.33
N GLY B 302 24.23 3.39 -7.47
CA GLY B 302 25.01 2.63 -8.43
C GLY B 302 24.23 1.59 -9.26
N THR B 303 22.92 1.51 -9.06
CA THR B 303 22.11 0.50 -9.77
C THR B 303 21.56 0.95 -11.14
N ARG B 304 21.61 2.26 -11.44
CA ARG B 304 21.05 2.77 -12.68
C ARG B 304 19.60 2.28 -12.94
N SER B 305 18.79 2.35 -11.90
CA SER B 305 17.44 1.90 -11.99
C SER B 305 16.47 3.07 -11.78
N GLN B 306 15.23 2.86 -12.13
CA GLN B 306 14.24 3.90 -12.01
C GLN B 306 13.74 3.81 -10.58
N SER B 307 14.40 4.52 -9.67
CA SER B 307 14.01 4.58 -8.27
C SER B 307 14.40 5.90 -7.71
N SER B 308 13.87 6.18 -6.53
CA SER B 308 14.03 7.47 -5.90
C SER B 308 15.52 7.83 -5.77
N ASN B 309 16.39 6.84 -5.49
CA ASN B 309 17.82 7.12 -5.38
C ASN B 309 18.74 6.96 -6.62
N SER B 310 18.22 6.86 -7.83
CA SER B 310 19.02 6.42 -8.93
C SER B 310 18.37 6.94 -10.17
N MET B 311 18.79 6.56 -11.35
CA MET B 311 18.08 6.92 -12.54
C MET B 311 18.24 5.85 -13.56
N ASN B 312 17.30 5.72 -14.47
CA ASN B 312 17.46 4.74 -15.57
C ASN B 312 18.29 5.20 -16.74
N TYR B 313 18.99 6.33 -16.62
CA TYR B 313 19.81 6.75 -17.76
C TYR B 313 21.20 7.26 -17.41
N GLY B 314 22.05 7.43 -18.43
CA GLY B 314 23.36 8.07 -18.23
C GLY B 314 23.41 9.49 -18.74
N LEU B 315 24.60 10.09 -18.63
CA LEU B 315 24.85 11.50 -18.90
C LEU B 315 24.64 11.84 -20.39
N VAL B 316 25.25 11.05 -21.24
CA VAL B 316 25.21 11.37 -22.63
C VAL B 316 23.76 11.19 -23.09
N GLU B 317 23.09 10.24 -22.46
CA GLU B 317 21.76 9.84 -22.81
C GLU B 317 20.81 10.98 -22.47
N TYR B 318 20.93 11.51 -21.25
CA TYR B 318 20.19 12.69 -20.88
C TYR B 318 20.31 13.79 -21.96
N ALA B 319 21.56 14.05 -22.40
CA ALA B 319 21.88 15.09 -23.35
C ALA B 319 21.26 14.79 -24.71
N ARG B 320 21.35 13.52 -25.18
CA ARG B 320 20.72 13.15 -26.46
C ARG B 320 19.22 13.37 -26.44
N ASN B 321 18.59 13.08 -25.31
CA ASN B 321 17.16 13.20 -25.20
C ASN B 321 16.75 14.62 -25.26
N ILE B 322 17.52 15.51 -24.64
CA ILE B 322 17.27 16.92 -24.79
C ILE B 322 17.45 17.40 -26.25
N VAL B 323 18.65 17.22 -26.81
CA VAL B 323 19.03 17.81 -28.09
C VAL B 323 18.20 17.23 -29.23
N ASN B 324 18.06 15.88 -29.27
CA ASN B 324 17.29 15.23 -30.33
C ASN B 324 15.84 15.61 -30.35
N THR B 325 15.23 15.77 -29.17
CA THR B 325 13.85 16.16 -29.05
C THR B 325 13.60 17.63 -29.51
N VAL B 326 14.39 18.57 -29.00
CA VAL B 326 14.28 19.96 -29.42
C VAL B 326 14.49 20.03 -30.95
N GLY B 327 15.56 19.38 -31.42
CA GLY B 327 15.91 19.37 -32.83
C GLY B 327 14.75 18.86 -33.69
N ASP B 328 14.18 17.71 -33.35
CA ASP B 328 13.12 17.10 -34.19
C ASP B 328 11.86 17.97 -34.30
N VAL B 329 11.45 18.57 -33.19
CA VAL B 329 10.33 19.43 -33.16
C VAL B 329 10.62 20.66 -33.97
N CYS B 330 11.85 21.19 -33.89
CA CYS B 330 12.15 22.37 -34.66
C CYS B 330 12.10 22.03 -36.13
N LYS B 331 12.46 20.80 -36.49
CA LYS B 331 12.51 20.45 -37.88
C LYS B 331 11.13 20.41 -38.32
N ASP B 332 10.23 20.05 -37.41
CA ASP B 332 8.84 20.04 -37.77
C ASP B 332 8.17 21.32 -38.04
N TYR B 333 8.54 22.37 -37.32
CA TYR B 333 8.05 23.67 -37.63
C TYR B 333 8.90 24.32 -38.67
N LYS B 334 9.93 23.64 -39.15
CA LYS B 334 10.92 24.27 -39.98
C LYS B 334 11.44 25.51 -39.23
N GLN B 335 11.96 25.32 -38.03
CA GLN B 335 12.40 26.51 -37.35
C GLN B 335 13.86 26.48 -36.89
N PRO B 336 14.40 27.65 -36.55
CA PRO B 336 15.78 27.61 -36.08
C PRO B 336 15.83 26.96 -34.65
N MET B 337 16.88 26.20 -34.38
CA MET B 337 17.20 25.63 -33.08
C MET B 337 17.82 26.67 -32.12
N PRO B 338 17.40 26.65 -30.88
CA PRO B 338 17.88 27.56 -29.85
C PRO B 338 19.15 27.10 -29.13
N VAL B 339 19.72 28.03 -28.40
CA VAL B 339 20.76 27.70 -27.45
C VAL B 339 20.08 26.89 -26.36
N ILE B 340 20.69 25.76 -26.02
CA ILE B 340 20.20 24.96 -24.92
C ILE B 340 20.96 25.23 -23.63
N ILE B 341 20.22 25.42 -22.55
CA ILE B 341 20.76 25.63 -21.25
C ILE B 341 20.26 24.51 -20.38
N SER B 342 21.12 23.96 -19.53
CA SER B 342 20.59 23.16 -18.41
C SER B 342 21.07 23.73 -17.07
N GLU B 343 20.25 23.58 -16.03
CA GLU B 343 20.64 24.05 -14.71
C GLU B 343 20.98 22.89 -13.80
N SER B 344 22.12 22.24 -14.02
CA SER B 344 22.30 20.95 -13.45
C SER B 344 23.15 20.96 -12.17
N GLY B 345 22.61 21.57 -11.12
CA GLY B 345 23.28 21.71 -9.86
C GLY B 345 23.71 20.45 -9.14
N ARG B 346 22.77 19.55 -8.98
CA ARG B 346 23.00 18.38 -8.24
C ARG B 346 24.10 17.56 -8.94
N SER B 347 24.02 17.42 -10.27
CA SER B 347 24.99 16.60 -10.97
C SER B 347 26.44 17.23 -10.95
N LEU B 348 26.50 18.56 -10.84
CA LEU B 348 27.76 19.25 -10.74
C LEU B 348 28.40 19.05 -9.37
N THR B 349 27.60 18.84 -8.32
CA THR B 349 28.14 18.98 -6.99
C THR B 349 28.18 17.72 -6.09
N ALA B 350 27.40 16.69 -6.40
CA ALA B 350 27.23 15.62 -5.47
C ALA B 350 28.56 14.94 -5.12
N HIS B 351 29.35 14.65 -6.15
CA HIS B 351 30.59 13.84 -5.99
C HIS B 351 31.74 14.52 -5.27
N HIS B 352 31.86 15.86 -5.38
CA HIS B 352 33.07 16.61 -4.92
C HIS B 352 33.33 16.57 -3.42
N ALA B 353 32.35 16.12 -2.63
CA ALA B 353 32.47 16.27 -1.18
C ALA B 353 32.29 14.97 -0.47
N VAL B 354 33.12 14.75 0.55
CA VAL B 354 33.04 13.56 1.41
C VAL B 354 32.98 13.97 2.92
N LEU B 355 32.05 13.41 3.69
CA LEU B 355 32.04 13.71 5.10
C LEU B 355 32.79 12.57 5.81
N ILE B 356 33.84 12.85 6.61
CA ILE B 356 34.66 11.79 7.23
C ILE B 356 34.51 11.93 8.75
N SER B 357 34.27 10.82 9.41
CA SER B 357 34.34 10.82 10.83
C SER B 357 34.72 9.48 11.39
N ASN B 358 34.84 9.40 12.71
CA ASN B 358 35.30 8.19 13.32
C ASN B 358 34.21 7.43 14.02
N VAL B 359 34.44 6.15 14.21
CA VAL B 359 33.52 5.33 14.90
C VAL B 359 34.04 5.28 16.32
N ILE B 360 33.29 5.87 17.22
CA ILE B 360 33.88 5.96 18.53
C ILE B 360 33.40 4.97 19.56
N GLY B 361 32.41 4.13 19.28
CA GLY B 361 32.10 2.98 20.15
C GLY B 361 31.23 2.04 19.36
N THR B 362 31.03 0.82 19.88
CA THR B 362 30.10 -0.13 19.27
C THR B 362 29.28 -0.88 20.29
N GLU B 363 28.16 -1.45 19.89
CA GLU B 363 27.48 -2.52 20.63
C GLU B 363 27.58 -3.69 19.70
N THR B 364 28.34 -4.69 20.10
CA THR B 364 28.44 -5.87 19.30
C THR B 364 28.02 -7.11 20.12
N TYR B 365 27.56 -8.15 19.49
CA TYR B 365 27.30 -9.32 20.28
C TYR B 365 28.61 -10.12 20.43
N LYS B 366 28.91 -10.48 21.66
CA LYS B 366 30.12 -11.25 21.95
C LYS B 366 29.67 -12.70 22.37
N PRO B 367 30.03 -13.72 21.59
CA PRO B 367 29.66 -15.13 21.89
C PRO B 367 30.03 -15.50 23.33
N GLU B 368 29.01 -15.93 24.09
CA GLU B 368 29.09 -16.37 25.50
C GLU B 368 28.60 -17.83 25.57
N THR B 369 29.10 -18.65 26.46
CA THR B 369 28.55 -20.00 26.56
C THR B 369 27.15 -20.02 27.18
N VAL B 370 26.26 -20.86 26.65
CA VAL B 370 24.92 -21.01 27.19
C VAL B 370 24.99 -21.84 28.46
N THR B 371 24.47 -21.30 29.57
CA THR B 371 24.45 -21.98 30.84
C THR B 371 23.25 -22.91 30.92
N GLU B 372 23.45 -24.06 31.57
CA GLU B 372 22.40 -25.04 31.85
C GLU B 372 21.39 -24.35 32.71
N PRO B 373 20.10 -24.54 32.42
CA PRO B 373 19.07 -24.03 33.27
C PRO B 373 19.22 -24.56 34.67
N GLU B 374 18.95 -23.71 35.65
CA GLU B 374 18.87 -24.14 37.06
C GLU B 374 17.67 -25.06 37.19
N GLU B 375 17.68 -25.88 38.23
CA GLU B 375 16.55 -26.80 38.46
C GLU B 375 15.19 -26.08 38.69
N ASP B 376 15.21 -24.83 39.16
CA ASP B 376 14.00 -23.99 39.31
C ASP B 376 13.41 -23.43 38.01
N PHE B 377 14.06 -23.66 36.88
CA PHE B 377 13.67 -22.98 35.62
C PHE B 377 12.42 -23.59 35.01
N PRO B 378 11.53 -22.77 34.45
CA PRO B 378 10.35 -23.34 33.78
C PRO B 378 10.69 -24.09 32.49
N LEU B 379 9.73 -24.90 32.05
CA LEU B 379 9.90 -25.80 30.95
C LEU B 379 10.32 -25.08 29.68
N LEU B 380 9.69 -23.93 29.47
CA LEU B 380 9.92 -23.19 28.29
C LEU B 380 11.42 -22.89 28.15
N LEU B 381 12.05 -22.48 29.23
CA LEU B 381 13.49 -22.24 29.18
C LEU B 381 14.31 -23.57 29.03
N ASN B 382 13.78 -24.70 29.49
CA ASN B 382 14.38 -25.99 29.15
C ASN B 382 14.29 -26.36 27.68
N ASN B 383 13.18 -26.00 27.06
CA ASN B 383 13.03 -26.35 25.67
C ASN B 383 14.12 -25.67 24.84
N MET B 384 14.41 -24.42 25.20
CA MET B 384 15.43 -23.57 24.64
C MET B 384 16.80 -24.13 24.86
N TRP B 385 17.03 -24.62 26.07
CA TRP B 385 18.25 -25.37 26.35
C TRP B 385 18.39 -26.58 25.37
N ARG B 386 17.31 -27.34 25.18
CA ARG B 386 17.33 -28.52 24.32
C ARG B 386 17.57 -28.13 22.88
N SER B 387 16.98 -27.02 22.41
CA SER B 387 17.33 -26.50 21.08
C SER B 387 18.81 -26.22 20.91
N TRP B 388 19.41 -25.61 21.93
CA TRP B 388 20.85 -25.34 21.90
C TRP B 388 21.74 -26.58 21.77
N LEU B 389 21.48 -27.61 22.59
CA LEU B 389 22.20 -28.91 22.46
C LEU B 389 22.06 -29.59 21.11
N ASN B 390 20.91 -29.43 20.44
CA ASN B 390 20.74 -30.03 19.12
C ASN B 390 21.31 -29.25 17.96
N LEU B 391 22.08 -28.20 18.26
CA LEU B 391 22.59 -27.28 17.26
C LEU B 391 24.12 -27.33 17.07
N HIS B 392 24.58 -28.11 16.11
CA HIS B 392 26.01 -28.35 15.93
C HIS B 392 26.26 -28.79 14.46
N ASN B 393 27.51 -29.10 14.11
CA ASN B 393 27.87 -29.47 12.71
C ASN B 393 27.13 -30.69 12.24
N GLY B 394 26.46 -31.37 13.15
CA GLY B 394 25.76 -32.57 12.77
C GLY B 394 24.33 -32.29 12.42
N THR B 395 23.79 -31.18 12.87
CA THR B 395 22.39 -30.88 12.62
C THR B 395 22.13 -30.77 11.12
N ASP B 396 21.08 -31.43 10.64
CA ASP B 396 20.78 -31.30 9.22
C ASP B 396 20.11 -29.99 8.83
N ALA B 397 20.16 -29.69 7.54
CA ALA B 397 19.72 -28.45 6.96
C ALA B 397 18.31 -27.97 7.34
N ARG B 398 17.36 -28.92 7.38
CA ARG B 398 15.99 -28.63 7.70
C ARG B 398 15.82 -28.46 9.19
N ALA B 399 16.55 -29.24 9.99
CA ALA B 399 16.54 -29.10 11.45
C ALA B 399 17.10 -27.70 11.85
N LEU B 400 18.02 -27.16 11.06
CA LEU B 400 18.51 -25.83 11.38
C LEU B 400 17.36 -24.81 11.27
N ILE B 401 16.54 -24.91 10.22
CA ILE B 401 15.45 -23.95 10.08
C ILE B 401 14.44 -24.08 11.25
N GLU B 402 14.11 -25.28 11.60
CA GLU B 402 13.19 -25.55 12.73
C GLU B 402 13.78 -25.06 14.10
N ILE B 403 15.07 -25.27 14.32
CA ILE B 403 15.67 -24.64 15.50
C ILE B 403 15.50 -23.11 15.47
N TYR B 404 15.66 -22.54 14.28
CA TYR B 404 15.45 -21.11 14.12
C TYR B 404 14.02 -20.69 14.49
N ASN B 405 13.01 -21.42 14.00
CA ASN B 405 11.63 -21.08 14.28
C ASN B 405 11.23 -21.36 15.75
N ASP B 406 11.62 -22.50 16.35
CA ASP B 406 11.36 -22.75 17.81
C ASP B 406 11.95 -21.61 18.67
N THR B 407 13.21 -21.28 18.43
CA THR B 407 13.84 -20.25 19.21
C THR B 407 13.11 -18.90 19.16
N GLN B 408 12.75 -18.40 17.97
CA GLN B 408 11.96 -17.16 17.86
C GLN B 408 10.62 -17.23 18.60
N SER B 409 9.94 -18.35 18.43
CA SER B 409 8.71 -18.61 19.10
C SER B 409 8.90 -18.62 20.63
N ASP B 410 9.93 -19.37 21.09
CA ASP B 410 10.30 -19.42 22.54
C ASP B 410 10.53 -18.03 23.12
N LEU B 411 11.34 -17.24 22.40
CA LEU B 411 11.74 -15.94 22.90
C LEU B 411 10.49 -15.06 23.04
N ALA B 412 9.61 -15.11 22.04
CA ALA B 412 8.41 -14.30 22.04
C ALA B 412 7.56 -14.70 23.21
N GLU B 413 7.53 -15.99 23.49
CA GLU B 413 6.69 -16.43 24.57
C GLU B 413 7.33 -15.97 25.90
N VAL B 414 8.66 -15.92 25.96
CA VAL B 414 9.30 -15.41 27.14
C VAL B 414 8.92 -13.94 27.43
N HIS B 415 8.99 -13.09 26.40
CA HIS B 415 8.62 -11.70 26.55
C HIS B 415 7.16 -11.51 26.99
N SER B 416 6.23 -12.26 26.41
CA SER B 416 4.85 -12.23 26.94
C SER B 416 4.79 -12.67 28.40
N GLN B 417 5.62 -13.63 28.81
CA GLN B 417 5.50 -14.05 30.20
C GLN B 417 6.11 -13.10 31.21
N PHE B 418 7.24 -12.49 30.86
CA PHE B 418 7.79 -11.36 31.63
C PHE B 418 6.76 -10.25 31.82
N ALA B 419 6.08 -9.86 30.73
CA ALA B 419 5.17 -8.76 30.75
C ALA B 419 3.93 -9.01 31.60
N THR B 420 3.51 -10.26 31.79
CA THR B 420 2.40 -10.59 32.67
C THR B 420 2.85 -11.13 34.05
N GLY B 421 4.13 -11.05 34.36
CA GLY B 421 4.58 -11.40 35.70
C GLY B 421 4.95 -12.87 35.93
N VAL B 422 4.97 -13.66 34.86
CA VAL B 422 5.15 -15.08 35.04
C VAL B 422 6.62 -15.42 35.21
N LEU B 423 7.51 -14.63 34.61
CA LEU B 423 8.94 -14.89 34.64
C LEU B 423 9.73 -13.75 35.29
N THR B 424 10.84 -14.06 35.96
CA THR B 424 11.69 -13.03 36.49
C THR B 424 12.54 -12.38 35.42
N LEU B 425 13.18 -11.24 35.76
CA LEU B 425 14.22 -10.64 34.91
C LEU B 425 15.37 -11.59 34.62
N GLU B 426 15.79 -12.36 35.60
CA GLU B 426 16.85 -13.34 35.37
C GLU B 426 16.48 -14.37 34.27
N HIS B 427 15.27 -14.90 34.31
CA HIS B 427 14.73 -15.74 33.24
C HIS B 427 14.74 -15.04 31.85
N ARG B 428 14.32 -13.79 31.82
CA ARG B 428 14.29 -13.06 30.55
C ARG B 428 15.68 -12.87 30.02
N ALA B 429 16.58 -12.52 30.94
CA ALA B 429 17.98 -12.30 30.61
C ALA B 429 18.61 -13.55 30.04
N TRP B 430 18.41 -14.65 30.72
CA TRP B 430 18.94 -15.95 30.25
C TRP B 430 18.33 -16.32 28.87
N ALA B 431 17.03 -16.11 28.69
CA ALA B 431 16.40 -16.45 27.42
C ALA B 431 16.95 -15.60 26.29
N GLU B 432 17.08 -14.29 26.52
CA GLU B 432 17.56 -13.42 25.46
C GLU B 432 18.99 -13.73 25.00
N GLN B 433 19.89 -14.03 25.95
CA GLN B 433 21.25 -14.39 25.66
C GLN B 433 21.41 -15.74 24.99
N THR B 434 20.60 -16.71 25.39
CA THR B 434 20.64 -18.03 24.74
C THR B 434 20.24 -17.92 23.24
N SER B 435 19.13 -17.19 23.00
CA SER B 435 18.63 -16.88 21.62
C SER B 435 19.70 -16.27 20.76
N LEU B 436 20.36 -15.23 21.28
CA LEU B 436 21.44 -14.64 20.56
C LEU B 436 22.55 -15.64 20.22
N ARG B 437 22.90 -16.48 21.21
CA ARG B 437 23.90 -17.51 20.94
C ARG B 437 23.44 -18.54 19.85
N ILE B 438 22.15 -18.88 19.89
CA ILE B 438 21.59 -19.79 18.93
C ILE B 438 21.62 -19.13 17.53
N TYR B 439 21.30 -17.84 17.44
CA TYR B 439 21.36 -17.08 16.16
C TYR B 439 22.75 -17.00 15.57
N TYR B 440 23.71 -16.78 16.44
CA TYR B 440 25.10 -16.60 16.09
C TYR B 440 25.60 -17.90 15.51
N GLU B 441 25.18 -19.00 16.11
CA GLU B 441 25.61 -20.32 15.60
C GLU B 441 24.80 -20.76 14.38
N LEU B 442 23.48 -20.53 14.40
CA LEU B 442 22.72 -20.68 13.15
C LEU B 442 23.47 -19.98 12.03
N ASN B 443 23.93 -18.76 12.26
CA ASN B 443 24.61 -18.02 11.21
C ASN B 443 25.94 -18.62 10.75
N ARG B 444 26.56 -19.48 11.55
CA ARG B 444 27.74 -20.16 11.13
C ARG B 444 27.45 -21.54 10.56
N LEU B 445 26.37 -22.20 10.98
CA LEU B 445 26.05 -23.58 10.53
C LEU B 445 25.24 -23.67 9.23
N MET B 446 24.45 -22.65 8.94
CA MET B 446 23.66 -22.54 7.73
C MET B 446 24.54 -22.26 6.50
N SER B 447 24.10 -22.66 5.32
CA SER B 447 24.90 -22.48 4.14
C SER B 447 24.29 -21.48 3.15
N THR B 448 25.12 -20.54 2.70
CA THR B 448 24.78 -19.62 1.58
C THR B 448 24.42 -20.37 0.29
N LYS B 449 24.75 -21.66 0.18
CA LYS B 449 24.45 -22.42 -1.05
C LYS B 449 23.07 -23.03 -1.04
N ASN B 450 22.37 -22.87 0.08
CA ASN B 450 21.07 -23.50 0.31
C ASN B 450 19.98 -22.43 0.20
N ARG B 451 18.97 -22.70 -0.62
CA ARG B 451 18.08 -21.66 -1.10
C ARG B 451 17.22 -21.19 0.03
N PHE B 452 16.86 -22.12 0.91
CA PHE B 452 16.08 -21.82 2.13
C PHE B 452 16.90 -21.27 3.35
N HIS B 453 18.22 -21.51 3.43
CA HIS B 453 18.98 -20.84 4.47
C HIS B 453 19.12 -19.33 4.18
N ARG B 454 19.33 -18.98 2.91
CA ARG B 454 19.64 -17.59 2.46
C ARG B 454 18.71 -16.54 3.01
N PRO B 455 17.41 -16.75 2.95
CA PRO B 455 16.62 -15.71 3.55
C PRO B 455 16.69 -15.68 5.11
N ILE B 456 16.87 -16.83 5.78
CA ILE B 456 17.12 -16.85 7.21
C ILE B 456 18.43 -16.11 7.50
N LEU B 457 19.45 -16.33 6.67
CA LEU B 457 20.75 -15.65 6.83
C LEU B 457 20.63 -14.15 6.65
N ASP B 458 19.69 -13.73 5.82
CA ASP B 458 19.31 -12.31 5.65
C ASP B 458 18.78 -11.72 6.93
N GLU B 459 17.82 -12.40 7.57
CA GLU B 459 17.34 -11.97 8.90
C GLU B 459 18.46 -12.05 9.94
N LEU B 460 19.28 -13.11 9.91
CA LEU B 460 20.37 -13.25 10.87
C LEU B 460 21.41 -12.15 10.78
N SER B 461 21.67 -11.70 9.57
CA SER B 461 22.63 -10.64 9.36
C SER B 461 22.24 -9.40 10.08
N GLU B 462 20.96 -9.15 10.18
CA GLU B 462 20.46 -7.99 10.84
C GLU B 462 20.45 -8.21 12.35
N ARG B 463 20.00 -9.39 12.73
CA ARG B 463 19.90 -9.77 14.12
C ARG B 463 21.29 -9.68 14.78
N LEU B 464 22.34 -9.88 13.99
CA LEU B 464 23.64 -10.05 14.54
C LEU B 464 24.58 -8.92 14.23
N ALA B 465 24.06 -7.88 13.59
CA ALA B 465 24.89 -6.75 13.09
C ALA B 465 25.50 -6.01 14.29
N ASP B 466 26.70 -5.47 14.09
CA ASP B 466 27.22 -4.52 15.07
C ASP B 466 26.54 -3.18 14.91
N LYS B 467 26.28 -2.51 16.02
CA LYS B 467 25.93 -1.08 15.96
C LYS B 467 27.22 -0.29 16.02
N PHE B 468 27.47 0.53 15.02
CA PHE B 468 28.60 1.45 15.08
C PHE B 468 28.08 2.87 15.37
N PHE B 469 28.66 3.51 16.40
CA PHE B 469 28.35 4.87 16.71
C PHE B 469 29.37 5.80 16.05
N VAL B 470 28.85 6.59 15.12
CA VAL B 470 29.69 7.51 14.36
C VAL B 470 29.54 8.89 14.97
N ASN B 471 30.67 9.58 15.03
CA ASN B 471 30.83 10.88 15.71
C ASN B 471 30.42 11.97 14.72
N PHE B 472 29.13 12.16 14.58
CA PHE B 472 28.61 13.16 13.65
C PHE B 472 27.12 13.22 13.91
N SER B 473 26.47 14.20 13.32
CA SER B 473 25.06 14.29 13.42
C SER B 473 24.49 14.14 12.04
N LEU B 474 23.71 13.09 11.83
CA LEU B 474 22.93 12.93 10.60
C LEU B 474 22.09 14.20 10.23
N PHE B 475 21.49 14.83 11.25
CA PHE B 475 20.64 16.00 11.02
C PHE B 475 21.39 17.22 10.60
N GLN B 476 22.68 17.27 10.92
CA GLN B 476 23.48 18.40 10.55
C GLN B 476 24.16 18.14 9.21
N SER B 477 24.61 16.91 9.01
CA SER B 477 25.47 16.70 7.87
C SER B 477 24.78 15.99 6.73
N LEU B 478 23.76 15.20 7.00
CA LEU B 478 23.06 14.46 5.95
C LEU B 478 21.57 14.65 6.08
N PRO B 479 21.10 15.89 6.00
CA PRO B 479 19.68 16.09 6.30
C PRO B 479 18.64 15.29 5.46
N ASP B 480 18.92 15.06 4.16
CA ASP B 480 17.94 14.39 3.26
C ASP B 480 17.75 12.92 3.60
N SER B 481 18.74 12.35 4.29
CA SER B 481 18.69 10.99 4.76
C SER B 481 17.54 10.85 5.80
N TRP B 482 17.44 11.82 6.69
CA TRP B 482 16.32 11.87 7.62
C TRP B 482 15.02 12.30 6.91
N GLY B 483 15.10 13.34 6.07
CA GLY B 483 13.89 13.97 5.47
C GLY B 483 13.20 13.28 4.30
N ILE B 484 13.98 12.67 3.41
CA ILE B 484 13.44 12.05 2.22
C ILE B 484 14.03 10.64 1.95
N ASP B 485 14.57 10.00 3.00
CA ASP B 485 15.27 8.69 2.93
C ASP B 485 16.32 8.61 1.82
N GLN B 486 16.97 9.73 1.58
CA GLN B 486 18.12 9.74 0.70
C GLN B 486 19.15 8.69 1.17
N VAL B 487 19.56 7.84 0.25
CA VAL B 487 20.66 6.90 0.44
C VAL B 487 21.93 7.60 -0.02
N PHE B 488 23.01 7.40 0.74
CA PHE B 488 24.37 7.88 0.42
C PHE B 488 25.28 6.69 0.63
N PRO B 489 26.26 6.46 -0.26
CA PRO B 489 27.24 5.44 0.08
C PRO B 489 28.03 5.85 1.30
N VAL B 490 28.30 4.84 2.12
CA VAL B 490 28.99 4.93 3.40
C VAL B 490 30.04 3.82 3.41
N LEU B 491 31.30 4.13 3.56
CA LEU B 491 32.28 3.07 3.57
C LEU B 491 33.35 3.37 4.61
N PRO B 492 33.91 2.29 5.18
CA PRO B 492 35.12 2.53 6.00
C PRO B 492 36.27 2.88 5.07
N LEU B 493 37.22 3.64 5.58
CA LEU B 493 38.31 4.20 4.79
C LEU B 493 39.58 3.34 4.73
N SER B 494 39.74 2.44 5.71
CA SER B 494 41.00 1.71 5.97
C SER B 494 40.79 0.24 6.31
N GLY B 495 41.92 -0.50 6.25
CA GLY B 495 41.94 -1.92 6.58
C GLY B 495 40.93 -2.73 5.81
N LEU B 496 40.61 -2.34 4.56
CA LEU B 496 39.54 -2.99 3.77
C LEU B 496 39.78 -4.44 3.34
N GLN B 497 41.02 -4.90 3.43
CA GLN B 497 41.30 -6.33 3.18
C GLN B 497 40.43 -7.19 4.09
N ASN B 498 40.01 -6.59 5.20
CA ASN B 498 39.24 -7.30 6.21
C ASN B 498 37.74 -7.10 6.21
N ALA B 499 37.21 -6.45 5.18
CA ALA B 499 35.80 -6.08 5.10
C ALA B 499 34.82 -7.24 5.17
N ALA B 500 35.31 -8.49 5.08
CA ALA B 500 34.44 -9.66 5.36
C ALA B 500 34.21 -9.99 6.86
N ASP B 501 34.84 -9.22 7.75
CA ASP B 501 34.70 -9.49 9.19
C ASP B 501 33.25 -9.52 9.67
N ARG B 502 32.56 -8.40 9.59
CA ARG B 502 31.20 -8.29 10.05
C ARG B 502 30.26 -7.47 9.23
N ARG B 503 29.05 -7.39 9.74
CA ARG B 503 28.02 -6.50 9.22
C ARG B 503 27.75 -5.46 10.26
N ALA B 504 27.51 -4.23 9.82
CA ALA B 504 27.19 -3.15 10.76
C ALA B 504 26.12 -2.21 10.27
N VAL B 505 25.49 -1.55 11.24
CA VAL B 505 24.65 -0.38 11.02
C VAL B 505 25.33 0.86 11.71
N MET B 506 25.11 2.02 11.13
CA MET B 506 25.74 3.24 11.50
C MET B 506 24.71 4.10 12.23
N LEU B 507 25.04 4.55 13.43
CA LEU B 507 24.12 5.34 14.25
C LEU B 507 24.87 6.59 14.52
N ASP B 508 24.18 7.72 14.52
CA ASP B 508 24.87 8.95 14.88
C ASP B 508 24.76 9.15 16.41
N ILE B 509 25.45 10.15 16.95
CA ILE B 509 25.48 10.29 18.41
C ILE B 509 24.40 11.22 18.95
N THR B 510 23.48 11.67 18.12
CA THR B 510 22.42 12.49 18.64
C THR B 510 21.53 11.62 19.52
N CYS B 511 20.73 12.25 20.38
CA CYS B 511 19.88 11.50 21.26
C CYS B 511 18.63 10.91 20.58
N ASP B 512 18.62 10.91 19.26
CA ASP B 512 17.39 10.77 18.50
C ASP B 512 17.29 9.49 17.67
N SER B 513 16.15 8.83 17.83
CA SER B 513 15.86 7.55 17.16
C SER B 513 16.08 7.65 15.65
N ASP B 514 15.69 8.77 15.07
CA ASP B 514 15.83 8.96 13.62
C ASP B 514 17.27 9.17 13.14
N GLY B 515 18.23 9.26 14.08
CA GLY B 515 19.61 9.50 13.73
C GLY B 515 20.34 8.21 13.50
N ALA B 516 19.93 7.49 12.45
CA ALA B 516 20.54 6.23 12.05
C ALA B 516 20.43 6.14 10.53
N ILE B 517 21.35 5.43 9.89
CA ILE B 517 21.13 5.12 8.46
C ILE B 517 20.45 3.76 8.28
N ASP B 518 19.39 3.77 7.52
CA ASP B 518 18.58 2.58 7.31
C ASP B 518 19.08 1.79 6.15
N ALA B 519 19.80 2.42 5.24
CA ALA B 519 20.17 1.69 4.06
C ALA B 519 21.57 1.98 3.63
N TYR B 520 22.22 0.97 3.05
CA TYR B 520 23.64 1.01 2.67
C TYR B 520 23.80 0.55 1.20
N VAL B 521 24.88 0.98 0.58
CA VAL B 521 25.18 0.70 -0.81
C VAL B 521 26.39 -0.26 -0.86
N ASP B 522 26.17 -1.52 -1.18
CA ASP B 522 27.32 -2.44 -1.33
C ASP B 522 27.36 -2.88 -2.79
N GLY B 523 28.06 -3.95 -3.13
CA GLY B 523 28.14 -4.35 -4.52
C GLY B 523 26.83 -4.67 -5.23
N GLN B 524 25.82 -5.11 -4.47
CA GLN B 524 24.50 -5.46 -5.01
C GLN B 524 23.56 -4.27 -5.11
N GLY B 525 24.01 -3.09 -4.73
CA GLY B 525 23.11 -1.97 -4.61
C GLY B 525 22.66 -1.82 -3.16
N ILE B 526 21.38 -1.66 -2.93
CA ILE B 526 20.95 -1.27 -1.61
C ILE B 526 20.84 -2.44 -0.65
N GLU B 527 21.45 -2.33 0.52
CA GLU B 527 21.30 -3.33 1.61
C GLU B 527 20.94 -2.66 2.93
N SER B 528 20.52 -3.45 3.89
CA SER B 528 20.19 -2.96 5.18
C SER B 528 21.34 -3.09 6.21
N THR B 529 22.46 -3.75 5.83
CA THR B 529 23.66 -3.74 6.63
C THR B 529 24.85 -3.58 5.68
N LEU B 530 26.00 -3.25 6.24
CA LEU B 530 27.21 -3.09 5.48
C LEU B 530 28.24 -4.09 5.95
N PRO B 531 28.91 -4.75 4.97
CA PRO B 531 30.04 -5.54 5.32
C PRO B 531 31.17 -4.59 5.73
N VAL B 532 31.88 -4.89 6.83
CA VAL B 532 32.96 -4.01 7.35
C VAL B 532 34.07 -4.77 8.13
N PRO B 533 35.28 -4.20 8.17
CA PRO B 533 36.34 -4.67 9.03
C PRO B 533 35.97 -4.52 10.50
N ALA B 534 36.53 -5.39 11.36
CA ALA B 534 36.19 -5.37 12.80
C ALA B 534 36.69 -4.09 13.51
N TRP B 535 35.90 -3.63 14.46
CA TRP B 535 36.31 -2.47 15.23
C TRP B 535 37.25 -2.95 16.37
N ASN B 536 38.33 -2.18 16.56
CA ASN B 536 39.29 -2.32 17.67
C ASN B 536 39.35 -1.00 18.42
N GLU B 537 39.25 -1.08 19.74
CA GLU B 537 39.48 0.09 20.61
C GLU B 537 40.85 0.76 20.42
N ASP B 538 41.89 -0.01 20.16
CA ASP B 538 43.28 0.51 20.08
C ASP B 538 43.57 1.37 18.86
N GLU B 539 42.76 1.24 17.81
CA GLU B 539 43.09 1.84 16.51
C GLU B 539 42.01 2.72 15.90
N PRO B 540 42.41 3.78 15.17
CA PRO B 540 41.34 4.66 14.70
C PRO B 540 40.45 3.93 13.68
N TYR B 541 39.16 4.25 13.65
CA TYR B 541 38.26 3.70 12.63
C TYR B 541 37.43 4.80 11.95
N LEU B 542 37.80 5.06 10.70
CA LEU B 542 37.29 6.14 9.95
C LEU B 542 36.27 5.66 8.93
N MET B 543 35.19 6.40 8.79
CA MET B 543 34.18 6.17 7.77
C MET B 543 34.04 7.39 6.87
N GLY B 544 33.72 7.16 5.63
CA GLY B 544 33.38 8.24 4.71
C GLY B 544 31.91 8.13 4.30
N PHE B 545 31.21 9.26 4.22
CA PHE B 545 29.92 9.33 3.57
C PHE B 545 30.16 10.13 2.30
N PHE B 546 29.77 9.56 1.16
CA PHE B 546 30.12 10.07 -0.15
C PHE B 546 28.87 10.56 -0.91
N LEU B 547 29.06 11.38 -1.94
CA LEU B 547 27.92 11.96 -2.70
C LEU B 547 27.08 13.00 -1.90
N VAL B 548 27.71 13.68 -0.97
CA VAL B 548 27.09 14.62 -0.05
C VAL B 548 27.21 16.07 -0.45
N GLY B 549 27.70 16.24 -1.64
CA GLY B 549 27.97 17.47 -2.32
C GLY B 549 26.81 18.39 -2.62
N ALA B 550 25.67 17.84 -2.98
CA ALA B 550 24.48 18.61 -3.24
C ALA B 550 23.46 18.50 -2.10
N TYR B 551 23.11 19.64 -1.57
CA TYR B 551 21.96 20.12 -0.80
C TYR B 551 22.12 19.78 0.68
N GLN B 552 23.10 18.98 1.03
CA GLN B 552 23.40 18.62 2.40
C GLN B 552 23.90 19.69 3.37
N GLU B 553 24.86 20.46 2.89
CA GLU B 553 25.54 21.46 3.68
C GLU B 553 24.65 22.55 4.20
N ILE B 554 23.73 22.99 3.38
CA ILE B 554 22.85 24.11 3.70
C ILE B 554 21.50 23.76 4.27
N LEU B 555 21.18 22.50 4.30
CA LEU B 555 19.92 22.07 4.86
C LEU B 555 20.08 21.53 6.27
N GLY B 556 21.32 21.39 6.70
CA GLY B 556 21.63 20.85 8.01
C GLY B 556 21.27 21.71 9.20
N ASP B 557 20.83 21.10 10.27
CA ASP B 557 20.43 21.85 11.47
C ASP B 557 21.04 21.39 12.79
N MET B 558 20.90 22.23 13.80
CA MET B 558 21.51 22.04 15.09
C MET B 558 20.76 21.20 16.09
N HIS B 559 20.35 20.00 15.74
CA HIS B 559 19.66 19.15 16.65
C HIS B 559 20.61 18.69 17.75
N ASN B 560 20.15 18.73 18.98
CA ASN B 560 20.98 18.36 20.16
C ASN B 560 22.15 19.23 20.38
N LEU B 561 22.13 20.40 19.72
CA LEU B 561 23.22 21.39 19.72
C LEU B 561 24.54 20.93 19.12
N PHE B 562 24.53 20.00 18.20
CA PHE B 562 25.72 19.76 17.38
C PHE B 562 25.76 20.75 16.24
N GLY B 563 26.88 21.43 16.04
CA GLY B 563 26.91 22.45 14.98
C GLY B 563 27.63 21.97 13.76
N ASP B 564 27.96 22.93 12.89
CA ASP B 564 28.84 22.70 11.75
C ASP B 564 30.09 21.97 12.11
N THR B 565 30.51 21.15 11.18
CA THR B 565 31.72 20.39 11.28
C THR B 565 32.71 21.30 10.63
N HIS B 566 33.98 21.01 10.77
CA HIS B 566 35.00 21.71 10.02
C HIS B 566 34.80 21.38 8.55
N SER B 567 35.27 22.25 7.68
CA SER B 567 35.33 21.88 6.24
C SER B 567 36.64 22.35 5.69
N VAL B 568 37.17 21.60 4.73
CA VAL B 568 38.42 22.00 4.14
C VAL B 568 38.33 21.70 2.66
N VAL B 569 39.16 22.38 1.88
CA VAL B 569 39.27 22.25 0.47
C VAL B 569 40.63 21.66 0.15
N VAL B 570 40.62 20.59 -0.65
CA VAL B 570 41.83 19.87 -0.95
C VAL B 570 42.05 19.81 -2.42
N ASN B 571 43.21 20.27 -2.87
CA ASN B 571 43.74 20.10 -4.23
C ASN B 571 44.94 19.16 -4.21
N VAL B 572 44.92 18.22 -5.14
CA VAL B 572 46.07 17.38 -5.40
C VAL B 572 46.93 18.02 -6.48
N GLY B 573 48.17 18.35 -6.14
CA GLY B 573 49.10 19.00 -7.08
C GLY B 573 49.67 18.06 -8.12
N ASP B 574 50.32 18.61 -9.14
CA ASP B 574 50.87 17.85 -10.31
C ASP B 574 51.81 16.71 -9.92
N GLN B 575 52.54 16.86 -8.83
CA GLN B 575 53.40 15.82 -8.28
C GLN B 575 52.72 15.00 -7.14
N GLY B 576 51.44 15.26 -6.88
CA GLY B 576 50.69 14.54 -5.87
C GLY B 576 50.69 15.21 -4.52
N GLU B 577 51.05 16.49 -4.43
CA GLU B 577 51.09 17.11 -3.10
C GLU B 577 49.64 17.21 -2.62
N ILE B 578 49.39 16.97 -1.34
CA ILE B 578 48.08 17.26 -0.77
C ILE B 578 48.06 18.72 -0.40
N ASN B 579 47.29 19.54 -1.11
CA ASN B 579 47.22 20.95 -0.81
C ASN B 579 45.93 21.32 -0.09
N ILE B 580 46.05 21.78 1.15
CA ILE B 580 44.89 22.14 1.94
C ILE B 580 44.72 23.65 1.94
N ASP B 581 43.90 24.14 1.03
CA ASP B 581 43.89 25.55 0.64
C ASP B 581 42.90 26.43 1.39
N PHE B 582 41.84 25.85 1.96
CA PHE B 582 40.95 26.66 2.80
C PHE B 582 40.52 25.77 3.91
N ILE B 583 40.22 26.37 5.05
CA ILE B 583 39.79 25.63 6.23
C ILE B 583 38.77 26.47 6.97
N ASN B 584 37.58 25.93 7.13
CA ASN B 584 36.57 26.59 7.91
C ASN B 584 36.29 25.83 9.14
N GLU B 585 36.52 26.49 10.26
CA GLU B 585 36.35 25.83 11.54
C GLU B 585 34.87 25.60 11.94
N GLY B 586 34.59 24.43 12.47
CA GLY B 586 33.24 24.09 12.88
C GLY B 586 32.91 24.78 14.17
N ASP B 587 31.70 24.60 14.64
CA ASP B 587 31.23 25.32 15.79
C ASP B 587 31.75 24.74 17.07
N THR B 588 31.96 25.58 18.06
CA THR B 588 32.33 25.10 19.39
C THR B 588 31.04 25.01 20.21
N VAL B 589 31.13 24.44 21.41
CA VAL B 589 30.03 24.47 22.33
C VAL B 589 29.58 25.89 22.65
N GLU B 590 30.55 26.80 22.69
CA GLU B 590 30.30 28.20 22.99
C GLU B 590 29.51 28.87 21.84
N ASP B 591 29.91 28.61 20.60
CA ASP B 591 29.09 28.98 19.45
C ASP B 591 27.62 28.56 19.60
N MET B 592 27.35 27.33 19.97
CA MET B 592 26.01 26.86 20.18
C MET B 592 25.30 27.55 21.34
N MET B 593 25.97 27.77 22.44
CA MET B 593 25.33 28.38 23.56
C MET B 593 24.90 29.78 23.26
N ARG B 594 25.74 30.49 22.56
CA ARG B 594 25.46 31.84 22.09
C ARG B 594 24.28 31.89 21.07
N TYR B 595 24.17 30.90 20.20
CA TYR B 595 23.06 30.84 19.25
C TYR B 595 21.71 30.74 19.92
N VAL B 596 21.68 30.10 21.09
CA VAL B 596 20.45 29.95 21.84
C VAL B 596 20.36 31.00 22.95
N HIS B 597 21.18 32.05 22.78
CA HIS B 597 21.11 33.30 23.55
C HIS B 597 21.61 33.21 24.98
N ILE B 598 22.55 32.31 25.24
CA ILE B 598 23.15 32.27 26.54
C ILE B 598 24.31 33.27 26.41
N ASP B 599 24.51 34.05 27.47
CA ASP B 599 25.68 34.91 27.62
C ASP B 599 26.86 34.09 28.16
N VAL B 600 27.68 33.57 27.25
CA VAL B 600 28.72 32.60 27.60
C VAL B 600 29.81 33.20 28.50
N ASP B 601 30.18 34.46 28.22
CA ASP B 601 31.17 35.16 29.00
C ASP B 601 30.67 35.39 30.41
N GLN B 602 29.39 35.70 30.59
CA GLN B 602 28.89 35.76 31.98
C GLN B 602 29.01 34.40 32.68
N ILE B 603 28.74 33.32 31.93
CA ILE B 603 28.73 31.97 32.49
C ILE B 603 30.17 31.59 32.85
N ARG B 604 31.11 31.95 32.01
CA ARG B 604 32.53 31.73 32.30
C ARG B 604 32.91 32.29 33.65
N LYS B 605 32.52 33.55 33.87
CA LYS B 605 32.72 34.25 35.10
C LYS B 605 32.06 33.61 36.29
N ASN B 606 30.77 33.30 36.22
CA ASN B 606 30.06 32.66 37.32
C ASN B 606 30.67 31.35 37.77
N TYR B 607 31.32 30.63 36.85
CA TYR B 607 32.01 29.42 37.20
C TYR B 607 33.19 29.68 38.11
N HIS B 608 33.90 30.78 37.84
CA HIS B 608 35.03 31.20 38.69
C HIS B 608 34.59 31.53 40.09
N SER B 609 33.51 32.29 40.17
CA SER B 609 32.85 32.55 41.41
C SER B 609 32.52 31.25 42.14
N LEU B 610 31.71 30.41 41.49
CA LEU B 610 31.21 29.16 42.07
C LEU B 610 32.31 28.16 42.52
N VAL B 611 33.30 27.93 41.69
CA VAL B 611 34.32 26.99 42.04
C VAL B 611 35.13 27.46 43.24
N SER B 612 35.68 28.68 43.18
CA SER B 612 36.46 29.19 44.29
C SER B 612 35.68 29.23 45.59
N GLN B 613 34.38 29.39 45.54
CA GLN B 613 33.61 29.29 46.76
C GLN B 613 33.17 27.88 47.16
N ARG B 614 33.27 26.87 46.30
CA ARG B 614 32.67 25.56 46.63
C ARG B 614 33.57 24.33 46.59
N VAL B 615 34.78 24.50 46.09
CA VAL B 615 35.68 23.43 45.71
C VAL B 615 36.96 23.64 46.52
N ASP B 616 37.50 22.55 47.10
CA ASP B 616 38.77 22.61 47.83
C ASP B 616 39.80 23.28 46.95
N GLN B 617 40.62 24.12 47.56
CA GLN B 617 41.60 24.89 46.84
C GLN B 617 42.50 24.04 45.91
N GLU B 618 42.97 22.89 46.37
CA GLU B 618 43.95 22.13 45.58
C GLU B 618 43.36 21.63 44.23
N GLU B 619 42.03 21.68 44.12
CA GLU B 619 41.27 21.13 42.98
C GLU B 619 40.78 22.19 41.95
N GLN B 620 40.68 23.45 42.39
CA GLN B 620 40.03 24.51 41.60
C GLN B 620 40.53 24.68 40.19
N GLN B 621 41.83 24.86 40.01
CA GLN B 621 42.39 25.04 38.67
C GLN B 621 42.09 23.88 37.72
N GLN B 622 42.06 22.66 38.25
CA GLN B 622 41.80 21.48 37.42
C GLN B 622 40.37 21.55 36.84
N ILE B 623 39.45 21.88 37.70
CA ILE B 623 38.06 21.86 37.42
C ILE B 623 37.65 23.01 36.52
N LEU B 624 38.17 24.20 36.83
CA LEU B 624 37.92 25.38 36.02
C LEU B 624 38.50 25.17 34.62
N ALA B 625 39.66 24.53 34.54
CA ALA B 625 40.28 24.25 33.24
C ALA B 625 39.43 23.23 32.48
N GLU B 626 38.76 22.35 33.18
CA GLU B 626 37.86 21.44 32.52
C GLU B 626 36.56 22.08 32.06
N LEU B 627 35.96 22.95 32.86
CA LEU B 627 34.76 23.65 32.41
C LEU B 627 35.06 24.52 31.19
N GLU B 628 36.23 25.14 31.16
CA GLU B 628 36.56 26.05 30.07
C GLU B 628 36.95 25.34 28.77
N GLN B 629 37.75 24.28 28.88
CA GLN B 629 37.97 23.36 27.76
C GLN B 629 36.60 22.75 27.24
N GLY B 630 35.65 22.59 28.14
CA GLY B 630 34.28 22.23 27.77
C GLY B 630 33.60 23.27 26.87
N LEU B 631 33.56 24.52 27.32
CA LEU B 631 33.03 25.62 26.51
C LEU B 631 33.73 25.84 25.18
N SER B 632 35.06 25.84 25.15
CA SER B 632 35.84 26.12 23.91
C SER B 632 36.01 24.97 22.96
N GLY B 633 35.53 23.78 23.32
CA GLY B 633 35.72 22.57 22.47
C GLY B 633 34.73 22.39 21.32
N TYR B 634 35.17 21.70 20.28
CA TYR B 634 34.29 21.28 19.20
C TYR B 634 33.03 20.61 19.79
N THR B 635 31.86 20.80 19.19
CA THR B 635 30.63 20.20 19.79
C THR B 635 30.70 18.69 19.75
N TYR B 636 31.45 18.12 18.80
CA TYR B 636 31.53 16.65 18.65
C TYR B 636 32.42 15.98 19.70
N LEU B 637 32.41 14.66 19.79
CA LEU B 637 33.10 13.97 20.87
C LEU B 637 34.53 13.51 20.63
N GLU B 638 35.21 13.10 21.68
CA GLU B 638 36.58 12.57 21.58
C GLU B 638 36.61 11.07 21.80
N ASP B 639 37.47 10.38 21.07
CA ASP B 639 37.64 8.94 21.29
C ASP B 639 38.45 8.66 22.58
N ASP C 12 20.17 -31.49 -15.23
CA ASP C 12 20.85 -30.95 -13.99
C ASP C 12 20.56 -29.42 -13.83
N ARG C 13 20.92 -28.67 -14.86
CA ARG C 13 20.75 -27.23 -14.95
C ARG C 13 19.31 -26.85 -15.34
N VAL C 14 18.64 -27.81 -15.99
CA VAL C 14 17.24 -27.72 -16.38
C VAL C 14 16.38 -27.75 -15.11
N ARG C 15 16.55 -28.85 -14.38
CA ARG C 15 15.94 -29.08 -13.09
C ARG C 15 16.18 -27.97 -12.11
N ALA C 16 17.37 -27.36 -12.10
CA ALA C 16 17.62 -26.21 -11.24
C ALA C 16 16.74 -25.04 -11.67
N ASP C 17 16.54 -24.91 -12.96
CA ASP C 17 15.65 -23.87 -13.46
C ASP C 17 14.21 -23.98 -12.90
N TYR C 18 13.67 -25.19 -12.65
CA TYR C 18 12.27 -25.37 -12.15
C TYR C 18 12.12 -25.83 -10.71
N ASN C 19 13.14 -26.51 -10.22
CA ASN C 19 13.20 -27.09 -8.86
C ASN C 19 11.87 -27.76 -8.39
N VAL C 20 11.50 -28.77 -9.17
CA VAL C 20 10.31 -29.52 -8.93
C VAL C 20 10.38 -30.16 -7.56
N HIS C 21 11.56 -30.63 -7.17
CA HIS C 21 11.67 -31.30 -5.88
C HIS C 21 11.42 -30.39 -4.65
N TYR C 22 11.41 -29.07 -4.80
CA TYR C 22 11.05 -28.22 -3.67
C TYR C 22 9.56 -28.29 -3.27
N TRP C 23 8.67 -28.64 -4.21
CA TRP C 23 7.25 -28.70 -3.89
C TRP C 23 6.72 -30.10 -4.07
N SER C 24 7.43 -30.96 -4.80
CA SER C 24 6.78 -32.22 -5.25
C SER C 24 6.74 -33.25 -4.13
N GLN C 25 7.53 -33.01 -3.09
CA GLN C 25 7.68 -33.99 -2.01
C GLN C 25 8.10 -35.37 -2.56
N GLY C 26 8.95 -35.40 -3.60
CA GLY C 26 9.34 -36.61 -4.28
C GLY C 26 8.24 -37.37 -5.05
N PHE C 27 7.00 -36.83 -5.14
CA PHE C 27 6.01 -37.56 -5.97
C PHE C 27 6.15 -37.33 -7.49
N TYR C 28 6.88 -36.28 -7.91
CA TYR C 28 6.95 -35.88 -9.31
C TYR C 28 8.35 -35.37 -9.46
N GLY C 29 8.90 -35.45 -10.67
CA GLY C 29 10.26 -35.05 -10.93
C GLY C 29 10.45 -34.97 -12.42
N ILE C 30 11.59 -34.45 -12.82
CA ILE C 30 11.95 -34.40 -14.21
C ILE C 30 13.03 -35.45 -14.41
N ASP C 31 12.81 -36.42 -15.32
CA ASP C 31 13.82 -37.46 -15.47
C ASP C 31 14.94 -36.98 -16.42
N ASP C 32 15.97 -37.82 -16.63
CA ASP C 32 17.17 -37.46 -17.46
C ASP C 32 16.84 -37.36 -18.94
N GLN C 33 15.70 -37.92 -19.32
CA GLN C 33 15.17 -37.75 -20.63
C GLN C 33 14.49 -36.36 -20.79
N GLY C 34 14.36 -35.60 -19.70
CA GLY C 34 13.59 -34.37 -19.74
C GLY C 34 12.06 -34.54 -19.77
N GLU C 35 11.56 -35.58 -19.13
CA GLU C 35 10.12 -35.87 -19.05
C GLU C 35 9.68 -35.77 -17.61
N MET C 36 8.50 -35.26 -17.36
CA MET C 36 7.96 -35.25 -16.04
C MET C 36 7.50 -36.65 -15.75
N TYR C 37 7.88 -37.18 -14.62
CA TYR C 37 7.38 -38.46 -14.17
C TYR C 37 6.61 -38.26 -12.85
N VAL C 38 5.77 -39.24 -12.51
CA VAL C 38 5.16 -39.39 -11.21
C VAL C 38 5.75 -40.66 -10.60
N SER C 39 5.95 -40.63 -9.30
CA SER C 39 6.43 -41.77 -8.60
C SER C 39 5.55 -41.94 -7.39
N PRO C 40 4.48 -42.72 -7.52
CA PRO C 40 3.46 -42.71 -6.50
C PRO C 40 3.55 -43.82 -5.48
N ARG C 41 4.42 -44.77 -5.72
CA ARG C 41 4.52 -45.94 -4.83
C ARG C 41 5.38 -45.70 -3.58
N SER C 42 4.91 -46.15 -2.41
CA SER C 42 5.69 -45.92 -1.17
C SER C 42 7.09 -46.55 -1.27
N ASP C 43 7.22 -47.62 -2.04
CA ASP C 43 8.53 -48.25 -2.30
C ASP C 43 9.39 -47.58 -3.42
N ASN C 44 8.88 -46.49 -4.01
CA ASN C 44 9.57 -45.78 -5.11
C ASN C 44 10.05 -46.59 -6.35
N ALA C 45 9.46 -47.76 -6.59
CA ALA C 45 10.04 -48.70 -7.53
C ALA C 45 9.87 -48.34 -9.00
N HIS C 46 8.85 -47.55 -9.36
CA HIS C 46 8.67 -47.28 -10.80
C HIS C 46 8.23 -45.85 -11.04
N GLN C 47 9.02 -45.11 -11.79
CA GLN C 47 8.63 -43.76 -12.17
C GLN C 47 7.92 -43.90 -13.50
N ILE C 48 6.77 -43.31 -13.61
CA ILE C 48 6.06 -43.36 -14.88
C ILE C 48 6.06 -41.95 -15.45
N GLN C 49 6.50 -41.84 -16.68
CA GLN C 49 6.37 -40.61 -17.44
C GLN C 49 4.90 -40.23 -17.63
N LEU C 50 4.52 -39.02 -17.32
CA LEU C 50 3.13 -38.65 -17.38
C LEU C 50 2.61 -38.71 -18.83
N SER C 51 3.50 -38.46 -19.80
CA SER C 51 3.12 -38.51 -21.18
C SER C 51 2.83 -39.97 -21.55
N LYS C 52 3.39 -40.92 -20.82
CA LYS C 52 3.00 -42.27 -21.09
C LYS C 52 1.55 -42.51 -20.64
N ILE C 53 1.18 -41.95 -19.50
CA ILE C 53 -0.20 -42.06 -19.04
C ILE C 53 -1.13 -41.46 -20.09
N VAL C 54 -0.81 -40.27 -20.59
CA VAL C 54 -1.63 -39.64 -21.62
C VAL C 54 -1.79 -40.50 -22.91
N LYS C 55 -0.71 -41.10 -23.37
CA LYS C 55 -0.71 -41.98 -24.51
C LYS C 55 -1.74 -43.09 -24.25
N GLN C 56 -1.67 -43.75 -23.11
CA GLN C 56 -2.57 -44.84 -22.81
C GLN C 56 -4.05 -44.41 -22.84
N LEU C 57 -4.35 -43.24 -22.29
CA LEU C 57 -5.70 -42.69 -22.31
C LEU C 57 -6.24 -42.43 -23.72
N GLU C 58 -5.36 -41.95 -24.58
CA GLU C 58 -5.67 -41.69 -25.98
C GLU C 58 -6.11 -43.00 -26.64
N GLU C 59 -5.39 -44.07 -26.37
CA GLU C 59 -5.68 -45.36 -26.91
C GLU C 59 -7.03 -45.84 -26.40
N ARG C 60 -7.44 -45.36 -25.24
CA ARG C 60 -8.76 -45.68 -24.71
C ARG C 60 -9.79 -44.64 -25.19
N GLN C 61 -9.42 -43.85 -26.19
CA GLN C 61 -10.31 -42.86 -26.75
C GLN C 61 -10.73 -41.76 -25.76
N LEU C 62 -9.93 -41.48 -24.74
CA LEU C 62 -10.21 -40.33 -23.91
C LEU C 62 -9.25 -39.19 -24.21
N ASN C 63 -9.80 -38.08 -24.64
CA ASN C 63 -8.94 -36.97 -24.94
C ASN C 63 -8.84 -35.97 -23.83
N VAL C 64 -7.76 -35.21 -23.90
CA VAL C 64 -7.37 -34.19 -22.93
C VAL C 64 -8.28 -32.94 -23.13
N PRO C 65 -8.54 -32.15 -22.06
CA PRO C 65 -8.08 -32.19 -20.69
C PRO C 65 -8.55 -33.39 -19.90
N VAL C 66 -7.72 -33.77 -18.92
CA VAL C 66 -8.04 -34.86 -18.08
C VAL C 66 -7.44 -34.67 -16.70
N LEU C 67 -8.21 -35.01 -15.69
CA LEU C 67 -7.74 -35.01 -14.31
C LEU C 67 -7.32 -36.44 -13.90
N VAL C 68 -6.06 -36.62 -13.50
CA VAL C 68 -5.50 -37.94 -13.19
C VAL C 68 -5.23 -37.95 -11.67
N ARG C 69 -5.69 -38.95 -10.95
CA ARG C 69 -5.49 -39.04 -9.51
C ARG C 69 -4.66 -40.28 -9.28
N PHE C 70 -3.78 -40.24 -8.27
CA PHE C 70 -2.91 -41.36 -7.93
C PHE C 70 -3.25 -41.70 -6.48
N PRO C 71 -4.12 -42.69 -6.25
CA PRO C 71 -4.43 -43.13 -4.92
C PRO C 71 -3.21 -43.55 -4.16
N GLN C 72 -2.14 -44.03 -4.85
CA GLN C 72 -1.01 -44.46 -4.05
C GLN C 72 -0.33 -43.28 -3.29
N ILE C 73 -0.52 -42.07 -3.81
CA ILE C 73 -0.02 -40.86 -3.16
C ILE C 73 -0.87 -40.52 -1.91
N LEU C 74 -2.20 -40.68 -2.03
CA LEU C 74 -3.09 -40.52 -0.86
C LEU C 74 -2.65 -41.45 0.25
N HIS C 75 -2.46 -42.72 -0.09
CA HIS C 75 -2.01 -43.68 0.93
C HIS C 75 -0.74 -43.22 1.64
N GLN C 76 0.29 -42.76 0.90
CA GLN C 76 1.52 -42.32 1.57
C GLN C 76 1.30 -41.03 2.44
N ARG C 77 0.48 -40.08 1.99
CA ARG C 77 0.14 -38.91 2.80
C ARG C 77 -0.48 -39.29 4.13
N VAL C 78 -1.38 -40.27 4.13
CA VAL C 78 -1.97 -40.75 5.39
C VAL C 78 -0.92 -41.34 6.32
N HIS C 79 -0.10 -42.24 5.79
CA HIS C 79 0.99 -42.76 6.56
C HIS C 79 2.05 -41.72 6.98
N SER C 80 2.32 -40.73 6.11
CA SER C 80 3.30 -39.67 6.47
C SER C 80 2.86 -38.82 7.63
N ILE C 81 1.57 -38.54 7.69
CA ILE C 81 1.05 -37.64 8.70
C ILE C 81 1.01 -38.38 10.02
N CYS C 82 0.53 -39.61 9.99
CA CYS C 82 0.59 -40.46 11.16
C CYS C 82 2.02 -40.70 11.67
N ASP C 83 2.97 -41.03 10.81
CA ASP C 83 4.38 -41.20 11.24
C ASP C 83 4.95 -40.00 11.96
N ALA C 84 4.66 -38.83 11.38
CA ALA C 84 5.18 -37.57 11.89
C ALA C 84 4.70 -37.37 13.33
N PHE C 85 3.39 -37.53 13.54
CA PHE C 85 2.83 -37.40 14.89
C PHE C 85 3.35 -38.48 15.86
N ASN C 86 3.38 -39.75 15.42
CA ASN C 86 3.98 -40.85 16.22
C ASN C 86 5.46 -40.59 16.55
N GLN C 87 6.24 -40.11 15.59
CA GLN C 87 7.58 -39.74 15.90
C GLN C 87 7.61 -38.65 16.97
N ALA C 88 6.76 -37.63 16.84
CA ALA C 88 6.70 -36.56 17.83
C ALA C 88 6.24 -37.08 19.23
N ILE C 89 5.33 -38.03 19.23
CA ILE C 89 4.89 -38.72 20.44
C ILE C 89 6.01 -39.56 21.09
N GLU C 90 6.73 -40.33 20.31
CA GLU C 90 7.88 -41.10 20.79
C GLU C 90 8.94 -40.15 21.37
N GLU C 91 9.35 -39.14 20.63
CA GLU C 91 10.41 -38.23 21.11
C GLU C 91 10.08 -37.51 22.43
N TYR C 92 8.81 -37.21 22.65
CA TYR C 92 8.41 -36.45 23.80
C TYR C 92 8.07 -37.41 24.92
N GLN C 93 7.75 -38.66 24.59
CA GLN C 93 7.17 -39.67 25.48
C GLN C 93 5.77 -39.26 25.89
N TYR C 94 5.02 -38.83 24.88
CA TYR C 94 3.69 -38.40 25.11
C TYR C 94 2.86 -39.63 25.37
N PRO C 95 2.12 -39.66 26.49
CA PRO C 95 1.45 -40.89 26.91
C PRO C 95 0.04 -41.02 26.35
N ASN C 96 -0.16 -40.71 25.07
CA ASN C 96 -1.47 -40.94 24.46
C ASN C 96 -1.31 -40.96 22.93
N LYS C 97 -2.42 -41.21 22.22
CA LYS C 97 -2.42 -41.52 20.77
C LYS C 97 -2.76 -40.30 19.93
N TYR C 98 -2.56 -40.44 18.61
CA TYR C 98 -2.91 -39.48 17.62
C TYR C 98 -3.90 -40.15 16.69
N LEU C 99 -4.86 -39.39 16.17
CA LEU C 99 -5.87 -39.86 15.26
C LEU C 99 -6.03 -38.89 14.11
N LEU C 100 -5.75 -39.32 12.88
CA LEU C 100 -6.02 -38.48 11.71
C LEU C 100 -7.48 -38.51 11.35
N VAL C 101 -8.08 -37.33 11.07
CA VAL C 101 -9.51 -37.26 10.73
C VAL C 101 -9.65 -36.49 9.43
N TYR C 102 -10.20 -37.10 8.42
CA TYR C 102 -10.22 -36.46 7.13
C TYR C 102 -11.46 -35.59 7.02
N PRO C 103 -11.31 -34.26 6.83
CA PRO C 103 -12.48 -33.41 6.55
C PRO C 103 -12.84 -33.42 5.07
N ILE C 104 -14.06 -33.81 4.84
CA ILE C 104 -14.53 -34.10 3.49
C ILE C 104 -14.70 -32.89 2.60
N LYS C 105 -14.83 -31.73 3.20
CA LYS C 105 -15.02 -30.49 2.52
C LYS C 105 -13.94 -30.23 1.51
N VAL C 106 -12.76 -30.77 1.75
CA VAL C 106 -11.60 -30.52 0.94
C VAL C 106 -11.71 -31.25 -0.40
N ASN C 107 -12.29 -32.44 -0.38
CA ASN C 107 -12.52 -33.22 -1.59
C ASN C 107 -13.48 -34.33 -1.23
N GLN C 108 -14.75 -34.18 -1.60
CA GLN C 108 -15.76 -35.20 -1.26
C GLN C 108 -15.87 -36.36 -2.25
N GLN C 109 -15.14 -36.36 -3.34
CA GLN C 109 -15.29 -37.49 -4.30
C GLN C 109 -15.13 -38.90 -3.63
N ARG C 110 -16.00 -39.86 -3.96
CA ARG C 110 -15.95 -41.21 -3.37
C ARG C 110 -14.60 -41.88 -3.61
N GLU C 111 -14.08 -41.76 -4.81
CA GLU C 111 -12.87 -42.49 -5.10
C GLU C 111 -11.68 -41.94 -4.34
N VAL C 112 -11.77 -40.70 -3.80
CA VAL C 112 -10.73 -40.15 -2.93
C VAL C 112 -10.91 -40.57 -1.47
N VAL C 113 -12.14 -40.41 -0.99
CA VAL C 113 -12.48 -40.72 0.39
C VAL C 113 -12.24 -42.20 0.62
N ASP C 114 -12.63 -43.05 -0.33
CA ASP C 114 -12.42 -44.48 -0.25
C ASP C 114 -10.95 -44.88 -0.10
N GLU C 115 -10.06 -44.26 -0.85
CA GLU C 115 -8.63 -44.56 -0.73
C GLU C 115 -8.04 -44.01 0.56
N ILE C 116 -8.50 -42.85 1.01
CA ILE C 116 -8.13 -42.34 2.34
C ILE C 116 -8.55 -43.41 3.38
N LEU C 117 -9.81 -43.84 3.39
CA LEU C 117 -10.25 -44.81 4.40
C LEU C 117 -9.56 -46.17 4.25
N ALA C 118 -9.22 -46.59 3.04
CA ALA C 118 -8.44 -47.80 2.83
C ALA C 118 -7.03 -47.75 3.45
N SER C 119 -6.41 -46.56 3.48
CA SER C 119 -5.11 -46.40 4.14
C SER C 119 -5.23 -46.48 5.65
N GLN C 120 -6.02 -45.53 6.19
CA GLN C 120 -6.33 -45.47 7.63
C GLN C 120 -6.65 -46.90 8.18
N ALA C 121 -7.15 -47.79 7.31
CA ALA C 121 -7.48 -49.15 7.69
C ALA C 121 -6.24 -49.98 7.90
N GLN C 122 -5.13 -49.59 7.29
CA GLN C 122 -3.84 -50.33 7.39
C GLN C 122 -2.80 -49.76 8.41
N LEU C 123 -3.16 -48.72 9.15
CA LEU C 123 -2.23 -48.21 10.16
C LEU C 123 -2.39 -48.92 11.52
N GLU C 124 -1.35 -48.81 12.34
CA GLU C 124 -1.16 -49.61 13.56
C GLU C 124 -2.39 -49.65 14.48
N THR C 125 -2.98 -48.48 14.71
CA THR C 125 -4.26 -48.32 15.43
C THR C 125 -5.47 -48.73 14.56
N LYS C 126 -5.25 -48.86 13.25
CA LYS C 126 -6.32 -49.07 12.25
C LYS C 126 -7.63 -48.35 12.55
N GLN C 127 -7.58 -47.06 12.87
CA GLN C 127 -8.84 -46.31 13.09
C GLN C 127 -9.24 -45.27 11.98
N LEU C 128 -10.46 -45.50 11.48
CA LEU C 128 -11.13 -44.60 10.54
C LEU C 128 -11.52 -43.28 11.23
N GLY C 129 -11.06 -42.14 10.69
CA GLY C 129 -11.62 -40.81 11.05
C GLY C 129 -12.20 -39.93 9.91
N LEU C 130 -13.46 -39.48 10.03
CA LEU C 130 -14.05 -38.55 9.05
C LEU C 130 -14.72 -37.39 9.70
N GLU C 131 -14.73 -36.28 8.98
CA GLU C 131 -15.36 -35.07 9.46
C GLU C 131 -16.32 -34.48 8.47
N ALA C 132 -17.42 -33.93 8.99
CA ALA C 132 -18.43 -33.26 8.14
C ALA C 132 -18.70 -31.82 8.62
N GLY C 133 -18.80 -30.86 7.72
CA GLY C 133 -19.02 -29.49 8.14
C GLY C 133 -20.41 -28.99 7.73
N SER C 134 -21.28 -29.90 7.29
CA SER C 134 -22.60 -29.56 6.90
C SER C 134 -23.48 -30.79 6.86
N LYS C 135 -24.77 -30.54 6.67
CA LYS C 135 -25.79 -31.58 6.76
C LYS C 135 -25.63 -32.54 5.60
N PRO C 136 -25.51 -31.99 4.36
CA PRO C 136 -25.35 -32.92 3.22
C PRO C 136 -24.06 -33.69 3.35
N GLU C 137 -23.04 -33.04 3.93
CA GLU C 137 -21.77 -33.74 4.20
C GLU C 137 -21.90 -34.92 5.17
N LEU C 138 -22.74 -34.79 6.20
CA LEU C 138 -22.87 -35.80 7.21
C LEU C 138 -23.47 -37.05 6.56
N LEU C 139 -24.52 -36.85 5.79
CA LEU C 139 -25.07 -37.91 5.00
C LEU C 139 -24.07 -38.52 4.05
N ALA C 140 -23.23 -37.72 3.38
CA ALA C 140 -22.19 -38.35 2.53
C ALA C 140 -21.18 -39.16 3.37
N VAL C 141 -20.80 -38.59 4.50
CA VAL C 141 -19.93 -39.27 5.40
C VAL C 141 -20.58 -40.57 5.92
N LEU C 142 -21.82 -40.51 6.42
CA LEU C 142 -22.51 -41.76 6.85
C LEU C 142 -22.52 -42.80 5.69
N ALA C 143 -22.83 -42.33 4.49
CA ALA C 143 -22.81 -43.21 3.34
C ALA C 143 -21.43 -43.82 3.04
N MET C 144 -20.36 -43.08 3.19
CA MET C 144 -19.05 -43.58 2.85
C MET C 144 -18.45 -44.47 3.95
N ALA C 145 -19.03 -44.50 5.13
CA ALA C 145 -18.47 -45.28 6.23
C ALA C 145 -19.37 -46.44 6.74
N GLN C 146 -20.19 -47.03 5.88
CA GLN C 146 -21.08 -48.12 6.38
C GLN C 146 -20.44 -49.51 6.45
N HIS C 147 -19.24 -49.62 5.90
CA HIS C 147 -18.46 -50.84 5.97
C HIS C 147 -17.79 -51.07 7.36
N ALA C 148 -17.64 -50.00 8.15
CA ALA C 148 -16.94 -50.12 9.44
C ALA C 148 -17.32 -49.02 10.41
N SER C 149 -17.26 -49.33 11.71
CA SER C 149 -17.40 -48.32 12.80
C SER C 149 -16.35 -47.21 12.65
N SER C 150 -16.77 -45.97 12.80
CA SER C 150 -15.88 -44.90 12.42
C SER C 150 -16.04 -43.73 13.40
N VAL C 151 -14.95 -43.04 13.74
CA VAL C 151 -15.07 -41.75 14.39
C VAL C 151 -15.65 -40.72 13.38
N ILE C 152 -16.72 -40.01 13.77
CA ILE C 152 -17.24 -38.94 12.94
C ILE C 152 -17.35 -37.64 13.74
N VAL C 153 -16.60 -36.63 13.31
CA VAL C 153 -16.69 -35.29 13.90
C VAL C 153 -17.69 -34.45 13.10
N CYS C 154 -18.72 -33.86 13.73
CA CYS C 154 -19.68 -33.03 12.98
C CYS C 154 -19.55 -31.57 13.33
N ASN C 155 -19.21 -30.76 12.32
CA ASN C 155 -19.16 -29.30 12.45
C ASN C 155 -20.22 -28.62 11.61
N GLY C 156 -20.26 -27.28 11.63
CA GLY C 156 -21.14 -26.52 10.73
C GLY C 156 -22.44 -26.13 11.41
N TYR C 157 -23.36 -25.54 10.66
CA TYR C 157 -24.60 -25.07 11.21
C TYR C 157 -25.56 -26.25 11.36
N LYS C 158 -26.11 -26.41 12.57
CA LYS C 158 -26.88 -27.58 12.91
C LYS C 158 -28.36 -27.35 13.08
N ASP C 159 -29.17 -27.88 12.17
CA ASP C 159 -30.63 -27.86 12.37
C ASP C 159 -31.10 -29.18 12.99
N ARG C 160 -32.39 -29.27 13.22
CA ARG C 160 -32.94 -30.41 13.91
C ARG C 160 -32.64 -31.69 13.08
N GLU C 161 -32.79 -31.60 11.76
CA GLU C 161 -32.44 -32.72 10.89
C GLU C 161 -30.97 -33.20 11.03
N TYR C 162 -30.03 -32.27 10.86
CA TYR C 162 -28.61 -32.56 11.08
C TYR C 162 -28.36 -33.24 12.41
N ILE C 163 -28.84 -32.64 13.51
CA ILE C 163 -28.63 -33.26 14.84
C ILE C 163 -29.22 -34.68 14.92
N ARG C 164 -30.47 -34.84 14.50
CA ARG C 164 -31.08 -36.14 14.54
C ARG C 164 -30.27 -37.17 13.75
N LEU C 165 -29.88 -36.78 12.52
CA LEU C 165 -29.15 -37.74 11.72
C LEU C 165 -27.82 -38.09 12.41
N ALA C 166 -27.18 -37.12 13.05
CA ALA C 166 -25.89 -37.47 13.66
C ALA C 166 -26.05 -38.49 14.82
N LEU C 167 -27.10 -38.26 15.61
CA LEU C 167 -27.50 -39.16 16.70
C LEU C 167 -27.88 -40.52 16.18
N ILE C 168 -28.52 -40.56 15.02
CA ILE C 168 -28.77 -41.87 14.40
C ILE C 168 -27.48 -42.58 14.05
N GLY C 169 -26.49 -41.83 13.60
CA GLY C 169 -25.17 -42.37 13.36
C GLY C 169 -24.61 -43.06 14.58
N GLU C 170 -24.74 -42.42 15.75
CA GLU C 170 -24.24 -43.03 16.98
C GLU C 170 -24.98 -44.34 17.25
N LYS C 171 -26.29 -44.26 17.02
CA LYS C 171 -27.23 -45.36 17.22
C LYS C 171 -26.80 -46.54 16.37
N LEU C 172 -26.29 -46.28 15.16
CA LEU C 172 -25.78 -47.32 14.25
C LEU C 172 -24.35 -47.84 14.49
N GLY C 173 -23.68 -47.39 15.55
CA GLY C 173 -22.37 -47.94 15.87
C GLY C 173 -21.18 -47.04 15.62
N HIS C 174 -21.38 -45.86 15.02
CA HIS C 174 -20.29 -44.94 14.79
C HIS C 174 -20.04 -44.15 16.04
N LYS C 175 -18.78 -43.81 16.30
CA LYS C 175 -18.45 -42.78 17.34
C LYS C 175 -18.54 -41.35 16.76
N VAL C 176 -19.70 -40.73 16.97
CA VAL C 176 -20.08 -39.45 16.39
C VAL C 176 -19.95 -38.31 17.37
N PHE C 177 -19.07 -37.36 17.09
CA PHE C 177 -18.90 -36.24 17.98
C PHE C 177 -19.61 -35.04 17.44
N ILE C 178 -20.49 -34.47 18.26
CA ILE C 178 -21.31 -33.40 17.82
C ILE C 178 -20.61 -32.21 18.41
N VAL C 179 -19.96 -31.42 17.55
CA VAL C 179 -19.20 -30.25 18.05
C VAL C 179 -20.06 -29.00 18.30
N LEU C 180 -20.24 -28.67 19.58
CA LEU C 180 -21.03 -27.48 19.89
C LEU C 180 -20.27 -26.27 19.39
N GLU C 181 -20.87 -25.61 18.40
CA GLU C 181 -20.27 -24.46 17.78
C GLU C 181 -21.11 -23.21 17.96
N LYS C 182 -22.33 -23.37 18.49
CA LYS C 182 -23.17 -22.24 18.83
C LYS C 182 -23.83 -22.53 20.18
N MET C 183 -24.04 -21.55 21.03
CA MET C 183 -24.58 -21.84 22.34
C MET C 183 -25.95 -22.54 22.35
N SER C 184 -26.83 -22.14 21.46
CA SER C 184 -28.14 -22.74 21.32
C SER C 184 -28.12 -24.20 20.91
N GLU C 185 -26.99 -24.74 20.45
CA GLU C 185 -27.10 -26.12 19.98
C GLU C 185 -27.13 -27.12 21.11
N LEU C 186 -26.67 -26.73 22.29
CA LEU C 186 -26.67 -27.63 23.44
C LEU C 186 -28.09 -28.11 23.74
N ASP C 187 -29.02 -27.17 23.89
CA ASP C 187 -30.39 -27.53 24.27
C ASP C 187 -31.02 -28.44 23.21
N LEU C 188 -30.79 -28.09 21.95
CA LEU C 188 -31.29 -28.87 20.84
C LEU C 188 -30.72 -30.29 20.82
N VAL C 189 -29.47 -30.47 21.22
CA VAL C 189 -28.86 -31.79 21.19
C VAL C 189 -29.41 -32.61 22.32
N LEU C 190 -29.52 -32.02 23.51
CA LEU C 190 -30.02 -32.73 24.70
C LEU C 190 -31.39 -33.30 24.45
N ARG C 191 -32.28 -32.48 23.88
CA ARG C 191 -33.66 -32.83 23.57
C ARG C 191 -33.77 -33.93 22.52
N GLU C 192 -33.09 -33.75 21.38
CA GLU C 192 -33.12 -34.77 20.35
C GLU C 192 -32.49 -36.09 20.83
N ALA C 193 -31.47 -36.01 21.68
CA ALA C 193 -30.87 -37.26 22.11
C ALA C 193 -31.85 -38.02 23.02
N LYS C 194 -32.66 -37.26 23.78
CA LYS C 194 -33.68 -37.82 24.68
C LYS C 194 -34.79 -38.47 23.88
N SER C 195 -35.24 -37.77 22.85
CA SER C 195 -36.23 -38.29 21.94
C SER C 195 -35.82 -39.57 21.21
N LEU C 196 -34.53 -39.74 20.95
CA LEU C 196 -34.03 -40.94 20.28
C LEU C 196 -33.38 -42.01 21.15
N GLY C 197 -33.40 -41.85 22.49
CA GLY C 197 -32.78 -42.81 23.42
C GLY C 197 -31.25 -42.91 23.31
N VAL C 198 -30.63 -41.89 22.72
CA VAL C 198 -29.20 -41.95 22.46
C VAL C 198 -28.50 -41.09 23.49
N THR C 199 -27.41 -41.63 24.03
CA THR C 199 -26.53 -40.87 24.89
C THR C 199 -25.53 -40.12 23.97
N PRO C 200 -25.56 -38.79 23.98
CA PRO C 200 -24.72 -37.98 23.07
C PRO C 200 -23.25 -37.93 23.46
N ARG C 201 -22.37 -37.94 22.46
CA ARG C 201 -20.96 -37.56 22.68
C ARG C 201 -20.84 -36.14 22.16
N LEU C 202 -20.36 -35.26 23.04
CA LEU C 202 -20.25 -33.84 22.74
C LEU C 202 -18.82 -33.37 22.60
N GLY C 203 -18.64 -32.44 21.66
CA GLY C 203 -17.42 -31.65 21.60
C GLY C 203 -17.78 -30.21 21.81
N ILE C 204 -16.76 -29.36 21.90
CA ILE C 204 -16.94 -27.90 21.95
C ILE C 204 -15.86 -27.24 21.05
N ARG C 205 -16.31 -26.36 20.16
CA ARG C 205 -15.42 -25.46 19.46
C ARG C 205 -15.18 -24.23 20.35
N ILE C 206 -13.93 -23.92 20.61
CA ILE C 206 -13.65 -22.79 21.49
C ILE C 206 -13.22 -21.59 20.64
N ARG C 207 -13.52 -20.39 21.12
CA ARG C 207 -13.07 -19.15 20.45
C ARG C 207 -11.79 -18.65 21.08
N LEU C 208 -10.79 -18.35 20.28
CA LEU C 208 -9.45 -18.04 20.80
C LEU C 208 -9.19 -16.54 20.80
N ALA C 209 -8.39 -16.04 21.72
CA ALA C 209 -8.06 -14.60 21.68
C ALA C 209 -6.71 -14.25 21.02
N SER C 210 -5.96 -15.25 20.63
CA SER C 210 -4.57 -15.03 20.19
C SER C 210 -4.46 -15.04 18.69
N GLN C 211 -5.59 -15.01 18.00
CA GLN C 211 -5.50 -15.15 16.57
C GLN C 211 -6.04 -13.92 15.88
N GLY C 212 -6.07 -12.78 16.60
CA GLY C 212 -6.60 -11.49 16.09
C GLY C 212 -7.81 -10.92 16.84
N ALA C 213 -7.99 -9.60 16.77
CA ALA C 213 -9.07 -8.91 17.50
C ALA C 213 -10.44 -9.48 17.19
N GLY C 214 -11.33 -9.41 18.16
CA GLY C 214 -12.72 -9.80 17.99
C GLY C 214 -13.07 -11.28 17.98
N LYS C 215 -12.10 -12.15 17.68
CA LYS C 215 -12.47 -13.53 17.46
C LYS C 215 -12.89 -14.27 18.73
N TRP C 216 -12.50 -13.74 19.89
CA TRP C 216 -12.94 -14.29 21.18
C TRP C 216 -14.46 -14.15 21.39
N GLN C 217 -15.09 -13.17 20.74
CA GLN C 217 -16.48 -12.83 21.02
C GLN C 217 -17.40 -13.60 20.08
N ALA C 218 -18.53 -14.04 20.64
CA ALA C 218 -19.52 -14.82 19.90
C ALA C 218 -20.48 -13.93 19.08
N SER C 219 -21.06 -12.91 19.72
CA SER C 219 -21.77 -11.84 19.00
C SER C 219 -20.77 -10.90 18.30
N GLY C 220 -21.25 -9.80 17.74
CA GLY C 220 -20.32 -8.79 17.23
C GLY C 220 -20.06 -8.97 15.75
N GLY C 221 -19.47 -7.96 15.14
CA GLY C 221 -19.30 -7.94 13.67
C GLY C 221 -18.04 -8.51 13.07
N GLU C 222 -17.18 -9.12 13.89
CA GLU C 222 -16.06 -9.87 13.35
C GLU C 222 -16.59 -11.24 12.84
N LYS C 223 -16.07 -11.66 11.67
CA LYS C 223 -16.64 -12.75 10.85
C LYS C 223 -16.20 -14.19 11.16
N SER C 224 -15.78 -14.51 12.37
CA SER C 224 -15.59 -15.94 12.67
C SER C 224 -16.92 -16.51 13.06
N LYS C 225 -17.40 -17.46 12.28
CA LYS C 225 -18.76 -17.97 12.43
C LYS C 225 -19.01 -18.81 13.68
N PHE C 226 -18.04 -19.65 13.99
CA PHE C 226 -18.29 -20.76 14.89
C PHE C 226 -17.44 -20.69 16.15
N GLY C 227 -17.99 -21.21 17.22
CA GLY C 227 -17.20 -21.35 18.43
C GLY C 227 -17.90 -20.65 19.55
N LEU C 228 -17.75 -21.19 20.75
CA LEU C 228 -18.27 -20.55 21.94
C LEU C 228 -17.21 -19.69 22.60
N SER C 229 -17.63 -18.50 23.00
CA SER C 229 -16.87 -17.63 23.90
C SER C 229 -16.64 -18.31 25.27
N ALA C 230 -15.74 -17.78 26.08
CA ALA C 230 -15.39 -18.36 27.41
C ALA C 230 -16.58 -18.50 28.30
N SER C 231 -17.43 -17.52 28.24
CA SER C 231 -18.53 -17.51 29.14
C SER C 231 -19.53 -18.57 28.75
N GLN C 232 -19.72 -18.71 27.44
CA GLN C 232 -20.62 -19.71 26.91
C GLN C 232 -20.05 -21.09 27.19
N VAL C 233 -18.72 -21.22 27.14
CA VAL C 233 -18.11 -22.46 27.50
C VAL C 233 -18.52 -22.81 28.95
N LEU C 234 -18.52 -21.81 29.84
CA LEU C 234 -18.91 -22.08 31.21
C LEU C 234 -20.41 -22.40 31.35
N ASN C 235 -21.25 -21.94 30.41
CA ASN C 235 -22.69 -22.19 30.50
C ASN C 235 -22.92 -23.66 30.14
N VAL C 236 -22.09 -24.16 29.24
CA VAL C 236 -22.24 -25.54 28.84
C VAL C 236 -22.01 -26.47 30.02
N ILE C 237 -20.97 -26.16 30.80
CA ILE C 237 -20.54 -26.96 31.93
C ILE C 237 -21.56 -26.90 33.03
N SER C 238 -22.20 -25.75 33.24
CA SER C 238 -23.21 -25.67 34.28
C SER C 238 -24.43 -26.40 33.83
N ARG C 239 -24.78 -26.28 32.55
CA ARG C 239 -25.97 -26.92 32.11
C ARG C 239 -25.76 -28.42 32.23
N LEU C 240 -24.66 -28.95 31.69
CA LEU C 240 -24.41 -30.40 31.74
C LEU C 240 -24.32 -30.92 33.18
N LYS C 241 -23.91 -30.09 34.12
CA LYS C 241 -23.86 -30.51 35.53
C LYS C 241 -25.29 -30.59 36.06
N LYS C 242 -26.12 -29.63 35.71
CA LYS C 242 -27.52 -29.71 36.07
C LYS C 242 -28.15 -30.97 35.48
N GLU C 243 -27.82 -31.34 34.23
CA GLU C 243 -28.44 -32.54 33.65
C GLU C 243 -27.82 -33.85 34.17
N ASN C 244 -26.82 -33.77 35.05
CA ASN C 244 -25.97 -34.93 35.33
C ASN C 244 -25.38 -35.54 34.05
N GLN C 245 -24.86 -34.72 33.16
CA GLN C 245 -24.38 -35.27 31.91
C GLN C 245 -23.03 -34.72 31.48
N LEU C 246 -22.18 -34.40 32.46
CA LEU C 246 -20.88 -33.80 32.18
C LEU C 246 -19.97 -34.74 31.41
N ASP C 247 -20.17 -36.02 31.66
CA ASP C 247 -19.43 -37.12 31.02
C ASP C 247 -19.66 -37.24 29.51
N THR C 248 -20.69 -36.60 29.00
CA THR C 248 -20.86 -36.63 27.56
C THR C 248 -19.95 -35.60 26.88
N LEU C 249 -19.39 -34.68 27.67
CA LEU C 249 -18.46 -33.71 27.06
C LEU C 249 -17.09 -34.32 26.82
N GLN C 250 -16.78 -34.73 25.60
CA GLN C 250 -15.62 -35.62 25.37
C GLN C 250 -14.45 -35.02 24.60
N LEU C 251 -14.74 -33.92 23.91
CA LEU C 251 -13.89 -33.46 22.83
C LEU C 251 -13.69 -31.96 22.88
N VAL C 252 -12.45 -31.50 22.77
CA VAL C 252 -12.26 -30.05 22.57
C VAL C 252 -11.72 -29.78 21.16
N HIS C 253 -12.30 -28.77 20.53
CA HIS C 253 -12.06 -28.41 19.13
C HIS C 253 -11.68 -26.93 18.95
N PHE C 254 -10.69 -26.65 18.09
CA PHE C 254 -10.52 -25.33 17.53
C PHE C 254 -10.14 -25.48 16.04
N HIS C 255 -10.35 -24.46 15.22
CA HIS C 255 -9.88 -24.51 13.82
C HIS C 255 -9.36 -23.11 13.51
N LEU C 256 -8.09 -23.00 13.12
CA LEU C 256 -7.48 -21.67 12.87
C LEU C 256 -7.75 -21.11 11.50
N GLY C 257 -8.14 -21.99 10.57
CA GLY C 257 -8.26 -21.60 9.17
C GLY C 257 -7.42 -22.54 8.31
N SER C 258 -7.76 -22.64 7.05
CA SER C 258 -6.96 -23.43 6.13
C SER C 258 -5.62 -22.68 5.87
N GLN C 259 -4.56 -23.41 5.57
CA GLN C 259 -3.32 -22.87 5.00
C GLN C 259 -2.64 -21.88 5.98
N MET C 260 -2.33 -22.36 7.16
CA MET C 260 -1.60 -21.57 8.09
C MET C 260 -0.14 -21.65 7.65
N ALA C 261 0.35 -20.52 7.16
CA ALA C 261 1.72 -20.36 6.64
C ALA C 261 2.79 -20.14 7.75
N ASN C 262 2.34 -19.66 8.90
CA ASN C 262 3.25 -19.32 10.00
C ASN C 262 3.12 -20.27 11.17
N ILE C 263 4.18 -21.04 11.43
CA ILE C 263 4.10 -22.00 12.47
C ILE C 263 3.82 -21.35 13.81
N ARG C 264 4.17 -20.07 13.99
CA ARG C 264 3.88 -19.34 15.23
C ARG C 264 2.39 -19.26 15.54
N ASP C 265 1.55 -19.12 14.52
CA ASP C 265 0.12 -19.01 14.73
C ASP C 265 -0.38 -20.36 15.29
N VAL C 266 0.10 -21.44 14.71
CA VAL C 266 -0.35 -22.77 15.14
C VAL C 266 -0.05 -22.93 16.64
N ARG C 267 1.18 -22.60 17.02
CA ARG C 267 1.61 -22.86 18.37
C ARG C 267 0.88 -21.96 19.34
N ASN C 268 0.68 -20.71 18.94
CA ASN C 268 -0.16 -19.88 19.81
C ASN C 268 -1.55 -20.43 20.03
N GLY C 269 -2.15 -20.99 18.98
CA GLY C 269 -3.52 -21.50 19.10
C GLY C 269 -3.55 -22.74 19.96
N VAL C 270 -2.60 -23.65 19.71
CA VAL C 270 -2.50 -24.83 20.53
C VAL C 270 -2.27 -24.46 22.02
N ASN C 271 -1.35 -23.53 22.29
CA ASN C 271 -1.13 -23.08 23.63
C ASN C 271 -2.41 -22.69 24.36
N GLU C 272 -3.18 -21.84 23.72
CA GLU C 272 -4.39 -21.27 24.34
C GLU C 272 -5.40 -22.38 24.53
N SER C 273 -5.49 -23.31 23.57
CA SER C 273 -6.55 -24.31 23.60
C SER C 273 -6.22 -25.35 24.60
N ALA C 274 -4.95 -25.63 24.74
CA ALA C 274 -4.49 -26.55 25.75
C ALA C 274 -4.81 -26.03 27.16
N ARG C 275 -4.74 -24.70 27.33
CA ARG C 275 -5.15 -24.10 28.59
C ARG C 275 -6.67 -24.20 28.82
N PHE C 276 -7.50 -23.98 27.79
CA PHE C 276 -8.95 -24.28 27.95
C PHE C 276 -9.14 -25.71 28.34
N TYR C 277 -8.43 -26.57 27.63
CA TYR C 277 -8.61 -27.99 27.88
C TYR C 277 -8.33 -28.23 29.37
N CYS C 278 -7.23 -27.70 29.89
CA CYS C 278 -6.90 -27.94 31.32
C CYS C 278 -7.90 -27.29 32.27
N GLU C 279 -8.24 -26.03 32.03
CA GLU C 279 -9.26 -25.34 32.76
C GLU C 279 -10.59 -26.10 32.80
N LEU C 280 -11.01 -26.65 31.68
CA LEU C 280 -12.19 -27.50 31.71
C LEU C 280 -12.10 -28.72 32.62
N ARG C 281 -11.03 -29.47 32.52
CA ARG C 281 -10.75 -30.58 33.45
C ARG C 281 -10.84 -30.14 34.92
N THR C 282 -10.18 -29.03 35.30
CA THR C 282 -10.32 -28.49 36.66
C THR C 282 -11.77 -28.34 37.09
N LEU C 283 -12.65 -28.03 36.16
CA LEU C 283 -14.04 -27.83 36.52
C LEU C 283 -14.84 -29.16 36.55
N GLY C 284 -14.16 -30.28 36.26
CA GLY C 284 -14.78 -31.60 36.32
C GLY C 284 -15.02 -32.35 35.02
N ALA C 285 -14.73 -31.74 33.87
CA ALA C 285 -15.00 -32.39 32.56
C ALA C 285 -13.98 -33.46 32.27
N ASN C 286 -14.40 -34.60 31.72
CA ASN C 286 -13.43 -35.64 31.37
C ASN C 286 -13.13 -35.61 29.86
N ILE C 287 -12.50 -34.52 29.42
CA ILE C 287 -12.14 -34.39 28.01
C ILE C 287 -11.04 -35.39 27.71
N THR C 288 -11.28 -36.16 26.66
CA THR C 288 -10.47 -37.25 26.16
C THR C 288 -9.80 -36.83 24.87
N TYR C 289 -10.53 -36.14 24.01
CA TYR C 289 -10.01 -35.76 22.66
C TYR C 289 -9.69 -34.27 22.46
N PHE C 290 -8.59 -34.00 21.76
CA PHE C 290 -8.11 -32.65 21.59
C PHE C 290 -7.87 -32.44 20.13
N ASP C 291 -8.80 -31.70 19.49
CA ASP C 291 -8.87 -31.61 18.04
C ASP C 291 -8.42 -30.21 17.62
N VAL C 292 -7.29 -30.16 16.93
CA VAL C 292 -6.68 -28.89 16.51
C VAL C 292 -7.09 -28.49 15.08
N GLY C 293 -8.06 -29.20 14.48
CA GLY C 293 -8.65 -28.73 13.22
C GLY C 293 -7.70 -28.75 12.02
N GLY C 294 -7.98 -27.91 11.06
CA GLY C 294 -7.24 -28.00 9.84
C GLY C 294 -6.10 -27.02 9.94
N GLY C 295 -5.52 -26.68 8.78
CA GLY C 295 -4.54 -25.59 8.67
C GLY C 295 -3.15 -26.01 8.23
N LEU C 296 -2.84 -27.31 8.36
CA LEU C 296 -1.55 -27.83 7.99
C LEU C 296 -1.41 -27.48 6.51
N ALA C 297 -0.50 -26.59 6.24
CA ALA C 297 -0.35 -25.99 4.95
C ALA C 297 0.30 -26.94 3.93
N ILE C 298 0.14 -26.58 2.68
CA ILE C 298 0.92 -27.12 1.58
C ILE C 298 1.82 -26.03 0.96
N ASP C 299 3.04 -26.42 0.60
CA ASP C 299 3.95 -25.48 0.00
C ASP C 299 3.71 -25.42 -1.51
N TYR C 300 2.75 -24.60 -1.95
CA TYR C 300 2.50 -24.42 -3.38
C TYR C 300 3.63 -23.85 -4.23
N ASP C 301 4.46 -22.95 -3.71
CA ASP C 301 5.45 -22.32 -4.59
C ASP C 301 6.88 -22.86 -4.38
N GLY C 302 7.05 -23.77 -3.43
CA GLY C 302 8.34 -24.34 -3.25
C GLY C 302 9.29 -23.42 -2.47
N THR C 303 8.82 -22.28 -1.98
CA THR C 303 9.70 -21.30 -1.36
C THR C 303 9.84 -21.41 0.18
N ARG C 304 9.08 -22.29 0.81
CA ARG C 304 9.10 -22.49 2.28
C ARG C 304 9.09 -21.15 3.06
N SER C 305 8.27 -20.22 2.60
CA SER C 305 8.26 -18.94 3.20
C SER C 305 6.90 -18.68 3.91
N GLN C 306 6.78 -17.54 4.58
CA GLN C 306 5.53 -17.20 5.28
C GLN C 306 4.52 -16.54 4.40
N SER C 307 4.44 -16.90 3.13
CA SER C 307 3.48 -16.28 2.24
C SER C 307 2.17 -17.08 2.20
N SER C 308 1.09 -16.50 1.70
CA SER C 308 -0.19 -17.23 1.64
C SER C 308 -0.10 -18.47 0.78
N ASN C 309 0.82 -18.51 -0.17
CA ASN C 309 1.03 -19.70 -0.97
C ASN C 309 2.10 -20.73 -0.48
N SER C 310 2.54 -20.61 0.75
CA SER C 310 3.66 -21.35 1.29
C SER C 310 3.50 -21.57 2.77
N MET C 311 4.51 -22.16 3.38
CA MET C 311 4.57 -22.42 4.81
C MET C 311 6.01 -22.27 5.24
N ASN C 312 6.25 -21.80 6.44
CA ASN C 312 7.60 -21.69 6.96
C ASN C 312 8.09 -22.91 7.75
N TYR C 313 7.30 -23.95 7.74
CA TYR C 313 7.57 -25.14 8.54
C TYR C 313 7.38 -26.47 7.81
N GLY C 314 7.96 -27.53 8.37
CA GLY C 314 7.80 -28.89 7.84
C GLY C 314 6.81 -29.73 8.66
N LEU C 315 6.49 -30.91 8.10
CA LEU C 315 5.47 -31.77 8.65
C LEU C 315 5.78 -32.21 10.09
N VAL C 316 7.02 -32.62 10.34
CA VAL C 316 7.39 -33.08 11.68
C VAL C 316 7.45 -31.90 12.66
N GLU C 317 7.94 -30.77 12.15
CA GLU C 317 7.91 -29.56 12.90
C GLU C 317 6.46 -29.23 13.34
N TYR C 318 5.50 -29.39 12.42
CA TYR C 318 4.11 -29.18 12.79
C TYR C 318 3.66 -30.07 13.98
N ALA C 319 3.92 -31.37 13.85
CA ALA C 319 3.57 -32.36 14.88
C ALA C 319 4.20 -32.12 16.27
N ARG C 320 5.52 -31.86 16.32
CA ARG C 320 6.20 -31.44 17.57
C ARG C 320 5.60 -30.18 18.20
N ASN C 321 5.34 -29.16 17.39
CA ASN C 321 4.70 -27.99 17.91
C ASN C 321 3.40 -28.29 18.58
N ILE C 322 2.55 -29.17 18.01
CA ILE C 322 1.28 -29.55 18.66
C ILE C 322 1.52 -30.42 19.91
N VAL C 323 2.33 -31.48 19.76
CA VAL C 323 2.49 -32.44 20.88
C VAL C 323 3.24 -31.84 22.09
N ASN C 324 4.29 -31.07 21.81
CA ASN C 324 5.14 -30.50 22.86
C ASN C 324 4.38 -29.41 23.61
N THR C 325 3.54 -28.65 22.90
CA THR C 325 2.80 -27.57 23.52
C THR C 325 1.70 -28.21 24.38
N VAL C 326 0.98 -29.18 23.85
CA VAL C 326 -0.07 -29.81 24.62
C VAL C 326 0.55 -30.46 25.87
N GLY C 327 1.63 -31.21 25.66
CA GLY C 327 2.36 -31.83 26.77
C GLY C 327 2.80 -30.88 27.89
N ASP C 328 3.44 -29.75 27.53
CA ASP C 328 4.01 -28.84 28.54
C ASP C 328 2.92 -28.21 29.35
N VAL C 329 1.82 -27.83 28.69
CA VAL C 329 0.70 -27.22 29.39
C VAL C 329 0.11 -28.23 30.37
N CYS C 330 -0.11 -29.46 29.92
CA CYS C 330 -0.61 -30.50 30.81
C CYS C 330 0.31 -30.73 31.99
N LYS C 331 1.62 -30.76 31.74
CA LYS C 331 2.59 -30.85 32.79
C LYS C 331 2.42 -29.70 33.75
N ASP C 332 2.17 -28.49 33.24
CA ASP C 332 2.01 -27.36 34.14
C ASP C 332 0.73 -27.46 35.01
N TYR C 333 -0.31 -28.06 34.49
CA TYR C 333 -1.51 -28.11 35.26
C TYR C 333 -1.57 -29.43 35.95
N LYS C 334 -0.59 -30.31 35.72
CA LYS C 334 -0.57 -31.69 36.23
C LYS C 334 -1.81 -32.48 35.80
N GLN C 335 -2.18 -32.39 34.51
CA GLN C 335 -3.41 -33.00 34.01
C GLN C 335 -3.04 -34.13 33.06
N PRO C 336 -3.87 -35.19 32.99
CA PRO C 336 -3.58 -36.16 31.90
C PRO C 336 -3.79 -35.62 30.46
N MET C 337 -2.95 -36.10 29.55
CA MET C 337 -2.85 -35.63 28.20
C MET C 337 -3.77 -36.37 27.27
N PRO C 338 -4.41 -35.68 26.37
CA PRO C 338 -5.50 -36.25 25.53
C PRO C 338 -5.03 -36.96 24.26
N VAL C 339 -5.96 -37.66 23.64
CA VAL C 339 -5.84 -38.06 22.25
C VAL C 339 -5.83 -36.76 21.44
N ILE C 340 -4.88 -36.69 20.52
CA ILE C 340 -4.75 -35.55 19.65
C ILE C 340 -5.28 -35.93 18.26
N ILE C 341 -6.22 -35.12 17.78
CA ILE C 341 -6.77 -35.28 16.47
C ILE C 341 -6.34 -34.06 15.68
N SER C 342 -5.95 -34.26 14.43
CA SER C 342 -5.89 -33.13 13.48
C SER C 342 -6.76 -33.42 12.30
N GLU C 343 -7.30 -32.35 11.69
CA GLU C 343 -8.17 -32.47 10.50
C GLU C 343 -7.52 -32.01 9.20
N SER C 344 -6.57 -32.77 8.73
CA SER C 344 -5.58 -32.18 7.85
C SER C 344 -5.87 -32.56 6.40
N GLY C 345 -7.00 -32.05 5.86
CA GLY C 345 -7.53 -32.46 4.59
C GLY C 345 -6.67 -32.04 3.43
N ARG C 346 -6.28 -30.76 3.45
CA ARG C 346 -5.51 -30.23 2.37
C ARG C 346 -4.16 -30.96 2.17
N SER C 347 -3.54 -31.29 3.28
CA SER C 347 -2.24 -31.89 3.33
C SER C 347 -2.32 -33.32 2.76
N LEU C 348 -3.41 -34.03 3.05
CA LEU C 348 -3.72 -35.32 2.49
C LEU C 348 -3.97 -35.34 0.96
N THR C 349 -4.59 -34.31 0.42
CA THR C 349 -5.13 -34.39 -0.95
C THR C 349 -4.40 -33.60 -2.03
N ALA C 350 -3.71 -32.52 -1.69
CA ALA C 350 -3.20 -31.67 -2.78
C ALA C 350 -2.36 -32.39 -3.86
N HIS C 351 -1.39 -33.20 -3.43
CA HIS C 351 -0.41 -33.80 -4.33
C HIS C 351 -0.88 -34.92 -5.23
N HIS C 352 -2.00 -35.58 -4.84
CA HIS C 352 -2.42 -36.81 -5.54
C HIS C 352 -3.05 -36.59 -6.94
N ALA C 353 -3.36 -35.34 -7.30
CA ALA C 353 -4.04 -35.06 -8.59
C ALA C 353 -3.29 -34.05 -9.46
N VAL C 354 -3.40 -34.25 -10.76
CA VAL C 354 -2.71 -33.43 -11.76
C VAL C 354 -3.66 -33.26 -12.92
N LEU C 355 -3.78 -32.04 -13.43
CA LEU C 355 -4.66 -31.76 -14.54
C LEU C 355 -3.76 -31.57 -15.71
N ILE C 356 -4.04 -32.31 -16.79
CA ILE C 356 -3.18 -32.25 -17.96
C ILE C 356 -4.01 -31.81 -19.14
N SER C 357 -3.55 -30.81 -19.86
CA SER C 357 -4.11 -30.59 -21.16
C SER C 357 -3.04 -30.16 -22.19
N ASN C 358 -3.49 -29.84 -23.41
CA ASN C 358 -2.63 -29.48 -24.47
C ASN C 358 -2.64 -27.97 -24.78
N VAL C 359 -1.53 -27.49 -25.32
CA VAL C 359 -1.43 -26.19 -25.89
C VAL C 359 -1.87 -26.28 -27.35
N ILE C 360 -3.00 -25.66 -27.64
CA ILE C 360 -3.55 -25.87 -28.95
C ILE C 360 -3.21 -24.75 -29.92
N GLY C 361 -2.73 -23.62 -29.41
CA GLY C 361 -2.08 -22.69 -30.27
C GLY C 361 -1.27 -21.68 -29.49
N THR C 362 -0.58 -20.85 -30.26
CA THR C 362 0.31 -19.84 -29.68
C THR C 362 0.24 -18.52 -30.42
N GLU C 363 0.60 -17.44 -29.74
CA GLU C 363 0.91 -16.18 -30.37
C GLU C 363 2.37 -15.91 -30.06
N THR C 364 3.10 -15.70 -31.13
CA THR C 364 4.53 -15.72 -31.12
C THR C 364 5.07 -14.57 -31.95
N TYR C 365 6.15 -13.96 -31.50
CA TYR C 365 6.84 -13.01 -32.33
C TYR C 365 7.77 -13.71 -33.31
N LYS C 366 7.56 -13.51 -34.61
CA LYS C 366 8.53 -14.04 -35.59
C LYS C 366 9.44 -12.89 -36.12
N PRO C 367 10.74 -12.93 -35.81
CA PRO C 367 11.68 -11.92 -36.28
C PRO C 367 11.60 -11.79 -37.77
N GLU C 368 11.43 -10.59 -38.23
CA GLU C 368 11.26 -10.34 -39.65
C GLU C 368 12.22 -9.25 -40.05
N THR C 369 12.41 -9.09 -41.34
CA THR C 369 13.24 -8.04 -41.84
C THR C 369 12.53 -6.72 -41.72
N VAL C 370 13.27 -5.67 -41.47
CA VAL C 370 12.72 -4.36 -41.33
C VAL C 370 12.71 -3.68 -42.66
N THR C 371 11.56 -3.28 -43.17
CA THR C 371 11.54 -2.58 -44.42
C THR C 371 12.05 -1.17 -44.30
N GLU C 372 12.66 -0.68 -45.37
CA GLU C 372 13.12 0.67 -45.41
C GLU C 372 11.96 1.56 -45.52
N PRO C 373 12.04 2.70 -44.89
CA PRO C 373 10.97 3.65 -44.92
C PRO C 373 10.82 4.25 -46.28
N GLU C 374 9.70 4.88 -46.46
CA GLU C 374 9.44 5.63 -47.66
C GLU C 374 9.76 7.08 -47.39
N GLU C 375 9.90 7.92 -48.42
CA GLU C 375 10.19 9.32 -48.15
C GLU C 375 9.00 9.96 -47.47
N ASP C 376 7.84 9.33 -47.55
CA ASP C 376 6.70 9.84 -46.84
C ASP C 376 6.57 9.44 -45.36
N PHE C 377 7.46 8.62 -44.86
CA PHE C 377 7.48 8.28 -43.46
C PHE C 377 7.84 9.51 -42.67
N PRO C 378 7.23 9.70 -41.53
CA PRO C 378 7.61 10.81 -40.69
C PRO C 378 8.96 10.60 -40.03
N LEU C 379 9.51 11.68 -39.51
CA LEU C 379 10.83 11.74 -38.94
C LEU C 379 11.01 10.76 -37.82
N LEU C 380 10.01 10.61 -36.98
CA LEU C 380 10.02 9.67 -35.87
C LEU C 380 10.18 8.22 -36.30
N LEU C 381 9.53 7.83 -37.36
CA LEU C 381 9.76 6.56 -37.94
C LEU C 381 11.14 6.43 -38.55
N ASN C 382 11.65 7.49 -39.14
CA ASN C 382 12.99 7.48 -39.72
C ASN C 382 14.05 7.26 -38.66
N ASN C 383 13.81 7.85 -37.50
CA ASN C 383 14.66 7.72 -36.36
C ASN C 383 14.70 6.29 -35.96
N MET C 384 13.57 5.60 -35.99
CA MET C 384 13.54 4.20 -35.66
C MET C 384 14.36 3.34 -36.63
N TRP C 385 14.25 3.61 -37.92
CA TRP C 385 15.01 2.98 -38.95
C TRP C 385 16.50 3.13 -38.68
N ARG C 386 16.89 4.34 -38.26
CA ARG C 386 18.28 4.63 -37.91
C ARG C 386 18.75 3.92 -36.65
N SER C 387 17.94 3.74 -35.64
CA SER C 387 18.37 2.94 -34.52
C SER C 387 18.60 1.53 -34.91
N TRP C 388 17.70 1.01 -35.71
CA TRP C 388 17.82 -0.33 -36.17
C TRP C 388 19.06 -0.54 -37.03
N LEU C 389 19.31 0.37 -37.95
CA LEU C 389 20.47 0.28 -38.78
C LEU C 389 21.69 0.36 -37.93
N ASN C 390 21.72 1.25 -36.97
CA ASN C 390 22.90 1.29 -36.17
C ASN C 390 23.08 0.06 -35.37
N LEU C 391 22.04 -0.42 -34.73
CA LEU C 391 22.15 -1.57 -33.89
C LEU C 391 22.55 -2.78 -34.65
N HIS C 392 21.93 -2.95 -35.80
CA HIS C 392 22.17 -4.08 -36.64
C HIS C 392 23.57 -4.15 -37.20
N ASN C 393 24.12 -3.02 -37.58
CA ASN C 393 25.47 -3.00 -38.10
C ASN C 393 26.57 -3.02 -37.06
N GLY C 394 26.23 -2.80 -35.81
CA GLY C 394 27.22 -2.69 -34.77
C GLY C 394 27.83 -1.31 -34.73
N THR C 395 27.18 -0.42 -35.44
CA THR C 395 27.59 0.94 -35.67
C THR C 395 27.13 1.92 -34.60
N ASP C 396 26.51 1.47 -33.54
CA ASP C 396 25.89 2.40 -32.60
C ASP C 396 26.73 2.94 -31.50
N ALA C 397 26.69 4.25 -31.35
CA ALA C 397 27.35 4.97 -30.29
C ALA C 397 26.79 4.71 -28.92
N ARG C 398 25.48 4.57 -28.85
CA ARG C 398 24.78 4.33 -27.61
C ARG C 398 24.91 2.92 -27.03
N ALA C 399 24.89 2.85 -25.73
CA ALA C 399 24.84 1.60 -25.05
C ALA C 399 23.50 0.92 -25.33
N LEU C 400 23.53 -0.39 -25.32
CA LEU C 400 22.34 -1.25 -25.39
C LEU C 400 21.12 -0.79 -24.55
N ILE C 401 21.33 -0.54 -23.26
CA ILE C 401 20.23 -0.17 -22.40
C ILE C 401 19.62 1.15 -22.84
N GLU C 402 20.46 2.00 -23.45
CA GLU C 402 20.05 3.26 -23.98
C GLU C 402 19.14 3.05 -25.20
N ILE C 403 19.60 2.23 -26.13
CA ILE C 403 18.76 1.78 -27.23
C ILE C 403 17.39 1.26 -26.68
N TYR C 404 17.43 0.35 -25.71
CA TYR C 404 16.19 -0.08 -25.03
C TYR C 404 15.31 1.12 -24.63
N ASN C 405 15.86 2.05 -23.84
CA ASN C 405 15.07 3.21 -23.46
C ASN C 405 14.46 4.01 -24.65
N ASP C 406 15.27 4.22 -25.70
CA ASP C 406 14.91 5.08 -26.83
C ASP C 406 13.75 4.46 -27.62
N THR C 407 13.81 3.15 -27.77
CA THR C 407 12.82 2.42 -28.50
C THR C 407 11.51 2.43 -27.76
N GLN C 408 11.53 2.15 -26.47
CA GLN C 408 10.31 2.30 -25.65
C GLN C 408 9.69 3.68 -25.79
N SER C 409 10.53 4.74 -25.73
CA SER C 409 10.04 6.10 -25.82
C SER C 409 9.52 6.40 -27.23
N ASP C 410 10.26 5.98 -28.27
CA ASP C 410 9.79 6.13 -29.63
C ASP C 410 8.43 5.43 -29.83
N LEU C 411 8.25 4.25 -29.24
CA LEU C 411 7.00 3.53 -29.49
C LEU C 411 5.87 4.18 -28.77
N ALA C 412 6.11 4.61 -27.54
CA ALA C 412 5.10 5.33 -26.78
C ALA C 412 4.61 6.56 -27.53
N GLU C 413 5.52 7.30 -28.15
CA GLU C 413 5.11 8.47 -28.89
C GLU C 413 4.34 8.11 -30.19
N VAL C 414 4.74 7.04 -30.87
CA VAL C 414 3.93 6.56 -31.99
C VAL C 414 2.49 6.29 -31.53
N HIS C 415 2.31 5.65 -30.38
CA HIS C 415 0.95 5.37 -29.94
C HIS C 415 0.09 6.57 -29.62
N SER C 416 0.65 7.58 -28.96
CA SER C 416 0.07 8.90 -28.77
C SER C 416 -0.32 9.61 -30.06
N GLN C 417 0.59 9.54 -31.06
CA GLN C 417 0.33 10.18 -32.31
C GLN C 417 -0.80 9.47 -33.10
N PHE C 418 -0.83 8.13 -33.04
CA PHE C 418 -1.94 7.45 -33.66
C PHE C 418 -3.23 7.88 -32.99
N ALA C 419 -3.27 7.81 -31.67
CA ALA C 419 -4.48 8.20 -30.95
C ALA C 419 -4.96 9.62 -31.27
N THR C 420 -4.16 10.46 -31.93
CA THR C 420 -4.64 11.84 -32.09
C THR C 420 -4.77 12.20 -33.55
N GLY C 421 -4.60 11.24 -34.43
CA GLY C 421 -4.81 11.50 -35.84
C GLY C 421 -3.58 11.86 -36.63
N VAL C 422 -2.38 11.82 -36.03
CA VAL C 422 -1.14 12.21 -36.69
C VAL C 422 -0.57 11.11 -37.53
N LEU C 423 -0.82 9.85 -37.16
CA LEU C 423 -0.19 8.72 -37.87
C LEU C 423 -1.17 7.74 -38.46
N THR C 424 -0.83 7.18 -39.62
CA THR C 424 -1.70 6.17 -40.22
C THR C 424 -1.52 4.85 -39.47
N LEU C 425 -2.39 3.90 -39.80
CA LEU C 425 -2.32 2.57 -39.28
C LEU C 425 -1.07 1.82 -39.81
N GLU C 426 -0.75 2.01 -41.08
CA GLU C 426 0.49 1.52 -41.64
C GLU C 426 1.68 2.03 -40.80
N HIS C 427 1.67 3.32 -40.46
CA HIS C 427 2.79 3.87 -39.69
C HIS C 427 2.90 3.18 -38.30
N ARG C 428 1.75 2.98 -37.65
CA ARG C 428 1.71 2.36 -36.35
C ARG C 428 2.22 0.96 -36.43
N ALA C 429 1.78 0.21 -37.46
CA ALA C 429 2.17 -1.20 -37.64
C ALA C 429 3.65 -1.35 -37.89
N TRP C 430 4.19 -0.54 -38.78
CA TRP C 430 5.62 -0.56 -39.07
C TRP C 430 6.41 -0.21 -37.77
N ALA C 431 5.99 0.80 -37.04
CA ALA C 431 6.70 1.14 -35.80
C ALA C 431 6.67 -0.01 -34.76
N GLU C 432 5.52 -0.68 -34.65
CA GLU C 432 5.38 -1.77 -33.69
C GLU C 432 6.24 -2.93 -34.09
N GLN C 433 6.20 -3.36 -35.35
CA GLN C 433 7.04 -4.50 -35.75
C GLN C 433 8.55 -4.19 -35.68
N THR C 434 8.90 -2.96 -36.02
CA THR C 434 10.25 -2.50 -35.89
C THR C 434 10.73 -2.44 -34.42
N SER C 435 9.91 -1.88 -33.53
CA SER C 435 10.20 -1.99 -32.08
C SER C 435 10.45 -3.43 -31.59
N LEU C 436 9.61 -4.37 -32.04
CA LEU C 436 9.76 -5.73 -31.58
C LEU C 436 11.05 -6.31 -32.16
N ARG C 437 11.33 -6.01 -33.42
CA ARG C 437 12.55 -6.53 -34.04
C ARG C 437 13.77 -6.06 -33.24
N ILE C 438 13.74 -4.78 -32.87
CA ILE C 438 14.75 -4.17 -32.02
C ILE C 438 14.84 -4.85 -30.65
N TYR C 439 13.71 -5.08 -29.99
CA TYR C 439 13.75 -5.78 -28.72
C TYR C 439 14.41 -7.11 -28.83
N TYR C 440 14.16 -7.76 -29.97
CA TYR C 440 14.61 -9.10 -30.20
C TYR C 440 16.15 -9.11 -30.32
N GLU C 441 16.71 -8.15 -31.04
CA GLU C 441 18.15 -8.00 -31.09
C GLU C 441 18.72 -7.76 -29.69
N LEU C 442 18.20 -6.76 -29.03
CA LEU C 442 18.70 -6.38 -27.69
C LEU C 442 18.76 -7.66 -26.87
N ASN C 443 17.71 -8.46 -26.95
CA ASN C 443 17.66 -9.66 -26.17
C ASN C 443 18.81 -10.58 -26.48
N ARG C 444 19.28 -10.61 -27.73
CA ARG C 444 20.41 -11.44 -28.07
C ARG C 444 21.77 -10.78 -27.86
N LEU C 445 21.85 -9.45 -27.81
CA LEU C 445 23.10 -8.75 -27.68
C LEU C 445 23.51 -8.62 -26.24
N MET C 446 22.55 -8.46 -25.34
CA MET C 446 22.80 -8.36 -23.92
C MET C 446 23.21 -9.70 -23.26
N SER C 447 23.88 -9.65 -22.10
CA SER C 447 24.29 -10.85 -21.39
C SER C 447 23.85 -10.85 -19.92
N THR C 448 23.38 -12.01 -19.44
CA THR C 448 23.03 -12.21 -18.02
C THR C 448 24.26 -12.10 -17.08
N LYS C 449 25.48 -12.08 -17.64
CA LYS C 449 26.70 -11.80 -16.84
C LYS C 449 26.83 -10.32 -16.47
N ASN C 450 26.18 -9.45 -17.24
CA ASN C 450 26.22 -8.01 -16.96
C ASN C 450 25.11 -7.61 -16.03
N ARG C 451 25.52 -7.13 -14.87
CA ARG C 451 24.63 -6.73 -13.80
C ARG C 451 23.58 -5.66 -14.25
N PHE C 452 23.96 -4.83 -15.21
CA PHE C 452 23.08 -3.82 -15.71
C PHE C 452 22.10 -4.35 -16.76
N HIS C 453 22.50 -5.35 -17.57
CA HIS C 453 21.56 -6.06 -18.49
C HIS C 453 20.47 -6.81 -17.76
N ARG C 454 20.81 -7.39 -16.61
CA ARG C 454 19.90 -8.34 -15.98
C ARG C 454 18.48 -7.85 -15.77
N PRO C 455 18.25 -6.65 -15.23
CA PRO C 455 16.81 -6.30 -15.08
C PRO C 455 16.10 -5.92 -16.40
N ILE C 456 16.83 -5.51 -17.41
CA ILE C 456 16.29 -5.25 -18.75
C ILE C 456 15.92 -6.55 -19.46
N LEU C 457 16.81 -7.55 -19.42
CA LEU C 457 16.46 -8.90 -19.87
C LEU C 457 15.23 -9.43 -19.16
N ASP C 458 15.02 -9.08 -17.90
CA ASP C 458 13.73 -9.46 -17.28
C ASP C 458 12.55 -8.80 -17.99
N GLU C 459 12.63 -7.48 -18.19
CA GLU C 459 11.57 -6.81 -18.94
C GLU C 459 11.39 -7.40 -20.35
N LEU C 460 12.50 -7.68 -21.04
CA LEU C 460 12.44 -8.18 -22.40
C LEU C 460 11.83 -9.57 -22.41
N SER C 461 12.00 -10.26 -21.31
CA SER C 461 11.49 -11.55 -21.11
C SER C 461 9.97 -11.57 -21.29
N GLU C 462 9.28 -10.62 -20.68
CA GLU C 462 7.84 -10.50 -20.77
C GLU C 462 7.44 -9.92 -22.10
N ARG C 463 8.30 -9.07 -22.63
CA ARG C 463 8.05 -8.45 -23.89
C ARG C 463 8.05 -9.45 -25.03
N LEU C 464 8.94 -10.43 -24.98
CA LEU C 464 9.16 -11.36 -26.07
C LEU C 464 8.60 -12.74 -25.75
N ALA C 465 7.79 -12.86 -24.69
CA ALA C 465 7.14 -14.14 -24.35
C ALA C 465 6.09 -14.58 -25.38
N ASP C 466 5.97 -15.87 -25.56
CA ASP C 466 4.88 -16.50 -26.21
C ASP C 466 3.62 -16.55 -25.33
N LYS C 467 2.47 -16.29 -25.95
CA LYS C 467 1.18 -16.75 -25.39
C LYS C 467 0.87 -18.21 -25.78
N PHE C 468 0.63 -19.03 -24.77
CA PHE C 468 0.21 -20.40 -24.99
C PHE C 468 -1.26 -20.48 -24.57
N PHE C 469 -2.07 -20.96 -25.51
CA PHE C 469 -3.48 -21.25 -25.27
C PHE C 469 -3.62 -22.71 -24.89
N VAL C 470 -4.01 -22.91 -23.65
CA VAL C 470 -4.16 -24.26 -23.13
C VAL C 470 -5.65 -24.64 -23.15
N ASN C 471 -5.93 -25.84 -23.67
CA ASN C 471 -7.27 -26.41 -23.79
C ASN C 471 -7.90 -26.76 -22.46
N PHE C 472 -8.33 -25.76 -21.72
CA PHE C 472 -8.94 -26.03 -20.45
C PHE C 472 -9.61 -24.74 -19.93
N SER C 473 -10.31 -24.86 -18.82
CA SER C 473 -10.95 -23.73 -18.27
C SER C 473 -10.42 -23.61 -16.88
N LEU C 474 -9.75 -22.53 -16.63
CA LEU C 474 -9.35 -22.15 -15.29
C LEU C 474 -10.47 -22.17 -14.26
N PHE C 475 -11.60 -21.61 -14.67
CA PHE C 475 -12.77 -21.50 -13.77
C PHE C 475 -13.30 -22.84 -13.43
N GLN C 476 -13.16 -23.78 -14.36
CA GLN C 476 -13.64 -25.12 -14.08
C GLN C 476 -12.65 -25.90 -13.22
N SER C 477 -11.38 -25.77 -13.54
CA SER C 477 -10.38 -26.69 -13.04
C SER C 477 -9.53 -26.12 -11.92
N LEU C 478 -9.30 -24.81 -11.92
CA LEU C 478 -8.40 -24.21 -10.96
C LEU C 478 -9.07 -22.95 -10.36
N PRO C 479 -10.23 -23.14 -9.72
CA PRO C 479 -10.96 -21.90 -9.36
C PRO C 479 -10.19 -20.95 -8.37
N ASP C 480 -9.35 -21.50 -7.48
CA ASP C 480 -8.60 -20.72 -6.53
C ASP C 480 -7.50 -19.83 -7.18
N SER C 481 -6.99 -20.27 -8.32
CA SER C 481 -6.16 -19.44 -9.15
C SER C 481 -6.89 -18.07 -9.41
N TRP C 482 -8.13 -18.12 -9.91
CA TRP C 482 -9.06 -16.98 -10.07
C TRP C 482 -9.54 -16.32 -8.73
N GLY C 483 -10.05 -17.11 -7.78
CA GLY C 483 -10.69 -16.56 -6.55
C GLY C 483 -9.80 -15.94 -5.46
N ILE C 484 -8.72 -16.62 -5.08
CA ILE C 484 -7.81 -16.16 -4.03
C ILE C 484 -6.37 -16.00 -4.57
N ASP C 485 -6.24 -15.84 -5.88
CA ASP C 485 -4.90 -15.75 -6.50
C ASP C 485 -3.83 -16.84 -6.07
N GLN C 486 -4.32 -18.02 -5.72
CA GLN C 486 -3.54 -19.22 -5.48
C GLN C 486 -2.59 -19.53 -6.63
N VAL C 487 -1.37 -19.92 -6.31
CA VAL C 487 -0.40 -20.38 -7.28
C VAL C 487 -0.38 -21.89 -7.29
N PHE C 488 -0.22 -22.47 -8.48
CA PHE C 488 0.02 -23.90 -8.63
C PHE C 488 1.20 -24.05 -9.57
N PRO C 489 2.04 -25.08 -9.37
CA PRO C 489 3.08 -25.30 -10.37
C PRO C 489 2.40 -25.76 -11.66
N VAL C 490 2.98 -25.37 -12.79
CA VAL C 490 2.49 -25.66 -14.13
C VAL C 490 3.76 -25.84 -14.95
N LEU C 491 3.92 -26.93 -15.67
CA LEU C 491 5.16 -27.24 -16.30
C LEU C 491 4.83 -27.98 -17.55
N PRO C 492 5.66 -27.87 -18.59
CA PRO C 492 5.41 -28.80 -19.69
C PRO C 492 5.86 -30.19 -19.27
N LEU C 493 5.28 -31.19 -19.90
CA LEU C 493 5.52 -32.53 -19.51
C LEU C 493 6.75 -33.16 -20.20
N SER C 494 7.20 -32.60 -21.34
CA SER C 494 8.23 -33.23 -22.24
C SER C 494 9.19 -32.27 -22.87
N GLY C 495 10.31 -32.78 -23.38
CA GLY C 495 11.33 -31.98 -24.07
C GLY C 495 11.98 -30.94 -23.16
N LEU C 496 12.06 -31.22 -21.86
CA LEU C 496 12.50 -30.22 -20.90
C LEU C 496 14.00 -29.83 -21.00
N GLN C 497 14.80 -30.61 -21.72
CA GLN C 497 16.14 -30.17 -22.03
C GLN C 497 16.12 -28.79 -22.70
N ASN C 498 15.10 -28.51 -23.49
CA ASN C 498 15.05 -27.23 -24.21
C ASN C 498 14.29 -26.12 -23.50
N ALA C 499 14.08 -26.26 -22.19
CA ALA C 499 13.21 -25.36 -21.46
C ALA C 499 13.78 -23.96 -21.48
N ALA C 500 15.04 -23.82 -21.85
CA ALA C 500 15.64 -22.51 -21.98
C ALA C 500 15.31 -21.83 -23.28
N ASP C 501 14.55 -22.46 -24.15
CA ASP C 501 14.22 -21.86 -25.44
C ASP C 501 13.43 -20.53 -25.29
N ARG C 502 12.25 -20.60 -24.68
CA ARG C 502 11.32 -19.53 -24.68
C ARG C 502 10.92 -19.19 -23.29
N ARG C 503 10.25 -18.05 -23.16
CA ARG C 503 9.36 -17.84 -22.01
C ARG C 503 7.93 -17.77 -22.49
N ALA C 504 7.00 -18.22 -21.65
CA ALA C 504 5.64 -18.20 -22.08
C ALA C 504 4.68 -17.81 -20.99
N VAL C 505 3.51 -17.31 -21.36
CA VAL C 505 2.36 -17.30 -20.46
C VAL C 505 1.23 -18.24 -20.93
N MET C 506 0.50 -18.78 -19.97
CA MET C 506 -0.57 -19.73 -20.16
C MET C 506 -1.94 -19.07 -20.08
N LEU C 507 -2.73 -19.19 -21.12
CA LEU C 507 -4.05 -18.57 -21.17
C LEU C 507 -5.09 -19.69 -21.32
N ASP C 508 -6.24 -19.59 -20.65
CA ASP C 508 -7.24 -20.62 -20.89
C ASP C 508 -8.03 -20.30 -22.16
N ILE C 509 -8.89 -21.20 -22.61
CA ILE C 509 -9.64 -20.94 -23.88
C ILE C 509 -11.01 -20.25 -23.66
N THR C 510 -11.28 -19.78 -22.46
CA THR C 510 -12.54 -19.12 -22.18
C THR C 510 -12.42 -17.68 -22.66
N CYS C 511 -13.54 -16.99 -22.76
CA CYS C 511 -13.53 -15.70 -23.35
C CYS C 511 -13.05 -14.61 -22.39
N ASP C 512 -12.88 -14.96 -21.14
CA ASP C 512 -12.64 -14.08 -20.04
C ASP C 512 -11.13 -13.78 -19.80
N SER C 513 -10.82 -12.52 -19.51
CA SER C 513 -9.44 -12.03 -19.32
C SER C 513 -8.81 -12.57 -18.06
N ASP C 514 -9.63 -12.85 -17.06
CA ASP C 514 -9.15 -13.54 -15.88
C ASP C 514 -8.84 -15.01 -16.11
N GLY C 515 -9.24 -15.58 -17.24
CA GLY C 515 -8.84 -16.98 -17.53
C GLY C 515 -7.39 -17.05 -18.05
N ALA C 516 -6.44 -16.82 -17.14
CA ALA C 516 -4.98 -16.77 -17.42
C ALA C 516 -4.27 -16.95 -16.10
N ILE C 517 -3.10 -17.60 -16.15
CA ILE C 517 -2.20 -17.68 -15.02
C ILE C 517 -1.28 -16.45 -14.97
N ASP C 518 -1.28 -15.80 -13.80
CA ASP C 518 -0.47 -14.60 -13.56
C ASP C 518 0.95 -14.88 -12.99
N ALA C 519 1.15 -16.03 -12.36
CA ALA C 519 2.37 -16.25 -11.61
C ALA C 519 2.75 -17.73 -11.77
N TYR C 520 4.04 -17.99 -11.92
CA TYR C 520 4.58 -19.28 -12.26
C TYR C 520 5.66 -19.71 -11.26
N VAL C 521 5.66 -20.98 -10.90
CA VAL C 521 6.59 -21.48 -9.95
C VAL C 521 7.77 -21.99 -10.75
N ASP C 522 8.90 -21.31 -10.69
CA ASP C 522 10.10 -21.89 -11.29
C ASP C 522 11.19 -22.18 -10.24
N GLY C 523 12.43 -22.35 -10.70
CA GLY C 523 13.54 -22.51 -9.77
C GLY C 523 13.81 -21.38 -8.78
N GLN C 524 13.24 -20.19 -8.98
CA GLN C 524 13.51 -19.02 -8.12
C GLN C 524 12.41 -18.81 -7.08
N GLY C 525 11.24 -19.31 -7.40
CA GLY C 525 10.04 -18.94 -6.65
C GLY C 525 9.06 -18.56 -7.74
N ILE C 526 8.55 -17.34 -7.64
CA ILE C 526 7.45 -16.88 -8.43
C ILE C 526 7.97 -16.00 -9.51
N GLU C 527 7.52 -16.25 -10.73
CA GLU C 527 7.84 -15.39 -11.86
C GLU C 527 6.60 -15.08 -12.69
N SER C 528 6.71 -14.12 -13.58
CA SER C 528 5.57 -13.64 -14.34
C SER C 528 5.53 -14.34 -15.71
N THR C 529 6.56 -15.14 -16.01
CA THR C 529 6.58 -16.05 -17.17
C THR C 529 7.25 -17.35 -16.78
N LEU C 530 7.07 -18.40 -17.58
CA LEU C 530 7.64 -19.71 -17.36
C LEU C 530 8.61 -20.05 -18.49
N PRO C 531 9.80 -20.63 -18.17
CA PRO C 531 10.67 -21.12 -19.25
C PRO C 531 10.02 -22.36 -19.88
N VAL C 532 10.01 -22.43 -21.21
CA VAL C 532 9.39 -23.59 -21.84
C VAL C 532 10.10 -23.92 -23.15
N PRO C 533 10.08 -25.19 -23.55
CA PRO C 533 10.48 -25.52 -24.93
C PRO C 533 9.53 -24.88 -25.96
N ALA C 534 10.06 -24.61 -27.14
CA ALA C 534 9.29 -24.16 -28.31
C ALA C 534 8.12 -25.06 -28.65
N TRP C 535 6.95 -24.45 -28.90
CA TRP C 535 5.79 -25.11 -29.45
C TRP C 535 5.97 -25.32 -30.96
N ASN C 536 5.68 -26.52 -31.46
CA ASN C 536 5.39 -26.66 -32.89
C ASN C 536 4.04 -27.24 -33.13
N GLU C 537 3.42 -26.76 -34.21
CA GLU C 537 2.11 -27.27 -34.65
C GLU C 537 2.11 -28.76 -35.01
N ASP C 538 3.27 -29.40 -35.05
CA ASP C 538 3.34 -30.76 -35.58
C ASP C 538 3.42 -31.86 -34.54
N GLU C 539 3.67 -31.50 -33.28
CA GLU C 539 3.75 -32.47 -32.18
C GLU C 539 2.87 -31.98 -31.05
N PRO C 540 2.20 -32.89 -30.35
CA PRO C 540 1.32 -32.47 -29.25
C PRO C 540 2.17 -31.86 -28.13
N TYR C 541 1.60 -30.98 -27.34
CA TYR C 541 2.38 -30.21 -26.40
C TYR C 541 1.52 -30.19 -25.18
N LEU C 542 1.90 -30.97 -24.19
CA LEU C 542 1.11 -31.18 -23.01
C LEU C 542 1.68 -30.45 -21.80
N MET C 543 0.81 -29.98 -20.93
CA MET C 543 1.11 -29.26 -19.70
C MET C 543 0.46 -29.91 -18.51
N GLY C 544 1.04 -29.76 -17.35
CA GLY C 544 0.45 -30.36 -16.19
C GLY C 544 0.30 -29.25 -15.19
N PHE C 545 -0.77 -29.29 -14.44
CA PHE C 545 -1.00 -28.39 -13.33
C PHE C 545 -1.03 -29.28 -12.13
N PHE C 546 -0.17 -28.98 -11.17
CA PHE C 546 0.05 -29.81 -10.05
C PHE C 546 -0.54 -29.23 -8.79
N LEU C 547 -0.68 -30.07 -7.80
CA LEU C 547 -1.18 -29.70 -6.51
C LEU C 547 -2.65 -29.26 -6.52
N VAL C 548 -3.42 -29.85 -7.40
CA VAL C 548 -4.83 -29.59 -7.58
C VAL C 548 -5.85 -30.45 -6.79
N GLY C 549 -5.33 -31.32 -5.98
CA GLY C 549 -6.03 -32.30 -5.19
C GLY C 549 -7.01 -31.79 -4.16
N ALA C 550 -6.78 -30.63 -3.62
CA ALA C 550 -7.60 -30.02 -2.63
C ALA C 550 -8.31 -28.79 -3.14
N TYR C 551 -9.61 -28.84 -3.03
CA TYR C 551 -10.58 -27.80 -3.15
C TYR C 551 -10.85 -27.47 -4.57
N GLN C 552 -10.04 -27.95 -5.48
CA GLN C 552 -10.20 -27.60 -6.86
C GLN C 552 -11.37 -28.23 -7.59
N GLU C 553 -11.61 -29.50 -7.33
CA GLU C 553 -12.59 -30.27 -8.04
C GLU C 553 -13.98 -29.78 -7.75
N ILE C 554 -14.19 -29.44 -6.51
CA ILE C 554 -15.44 -28.92 -6.02
C ILE C 554 -15.85 -27.50 -6.31
N LEU C 555 -14.93 -26.59 -6.32
CA LEU C 555 -15.27 -25.23 -6.51
C LEU C 555 -15.43 -24.85 -7.94
N GLY C 556 -15.13 -25.75 -8.86
CA GLY C 556 -15.18 -25.43 -10.26
C GLY C 556 -16.55 -25.06 -10.75
N ASP C 557 -16.64 -24.27 -11.80
CA ASP C 557 -17.92 -23.84 -12.38
C ASP C 557 -17.93 -23.69 -13.90
N MET C 558 -19.11 -23.57 -14.45
CA MET C 558 -19.32 -23.73 -15.86
C MET C 558 -19.32 -22.52 -16.79
N HIS C 559 -18.41 -21.61 -16.52
CA HIS C 559 -18.23 -20.41 -17.26
C HIS C 559 -17.98 -20.73 -18.72
N ASN C 560 -18.68 -20.06 -19.61
CA ASN C 560 -18.56 -20.24 -21.05
C ASN C 560 -19.05 -21.60 -21.51
N LEU C 561 -19.75 -22.32 -20.62
CA LEU C 561 -20.26 -23.65 -20.90
C LEU C 561 -19.18 -24.70 -21.15
N PHE C 562 -18.02 -24.49 -20.56
CA PHE C 562 -17.05 -25.56 -20.44
C PHE C 562 -17.39 -26.34 -19.15
N GLY C 563 -17.63 -27.65 -19.27
CA GLY C 563 -18.01 -28.45 -18.10
C GLY C 563 -16.86 -29.29 -17.54
N ASP C 564 -17.24 -30.32 -16.78
CA ASP C 564 -16.30 -31.13 -16.04
C ASP C 564 -15.43 -31.81 -17.06
N THR C 565 -14.15 -31.96 -16.76
CA THR C 565 -13.19 -32.62 -17.64
C THR C 565 -13.35 -34.11 -17.35
N HIS C 566 -12.84 -34.98 -18.21
CA HIS C 566 -12.70 -36.40 -17.82
C HIS C 566 -11.84 -36.49 -16.57
N SER C 567 -11.94 -37.60 -15.85
CA SER C 567 -11.07 -37.84 -14.74
C SER C 567 -10.83 -39.36 -14.54
N VAL C 568 -9.62 -39.72 -14.16
CA VAL C 568 -9.25 -41.10 -14.02
C VAL C 568 -8.41 -41.35 -12.79
N VAL C 569 -8.39 -42.60 -12.36
CA VAL C 569 -7.61 -43.08 -11.24
C VAL C 569 -6.57 -44.04 -11.81
N VAL C 570 -5.28 -43.70 -11.63
CA VAL C 570 -4.11 -44.52 -12.02
C VAL C 570 -3.37 -45.10 -10.83
N ASN C 571 -3.14 -46.41 -10.87
CA ASN C 571 -2.27 -47.09 -9.88
C ASN C 571 -1.15 -47.68 -10.63
N VAL C 572 0.04 -47.69 -10.05
CA VAL C 572 1.20 -48.25 -10.74
C VAL C 572 1.51 -49.61 -10.13
N GLY C 573 1.63 -50.63 -10.97
CA GLY C 573 1.74 -51.95 -10.39
C GLY C 573 3.16 -52.25 -9.97
N ASP C 574 3.30 -53.45 -9.39
CA ASP C 574 4.57 -53.99 -8.91
C ASP C 574 5.60 -54.18 -10.04
N GLN C 575 5.14 -54.50 -11.23
CA GLN C 575 6.02 -54.63 -12.39
C GLN C 575 6.06 -53.38 -13.27
N GLY C 576 5.52 -52.25 -12.75
CA GLY C 576 5.54 -50.94 -13.44
C GLY C 576 4.34 -50.73 -14.34
N GLU C 577 3.33 -51.57 -14.21
CA GLU C 577 2.10 -51.47 -15.05
C GLU C 577 1.34 -50.19 -14.74
N ILE C 578 0.78 -49.60 -15.77
CA ILE C 578 -0.11 -48.49 -15.62
C ILE C 578 -1.55 -48.99 -15.61
N ASN C 579 -2.14 -49.07 -14.42
CA ASN C 579 -3.49 -49.58 -14.25
C ASN C 579 -4.46 -48.42 -14.17
N ILE C 580 -5.35 -48.35 -15.13
CA ILE C 580 -6.40 -47.35 -15.19
C ILE C 580 -7.69 -48.00 -14.71
N ASP C 581 -8.19 -47.60 -13.53
CA ASP C 581 -9.22 -48.38 -12.78
C ASP C 581 -10.62 -47.74 -12.65
N PHE C 582 -10.71 -46.40 -12.65
CA PHE C 582 -11.99 -45.71 -12.75
C PHE C 582 -11.84 -44.66 -13.81
N ILE C 583 -12.93 -44.44 -14.53
CA ILE C 583 -12.99 -43.42 -15.52
C ILE C 583 -14.36 -42.74 -15.42
N ASN C 584 -14.33 -41.43 -15.22
CA ASN C 584 -15.50 -40.57 -15.29
C ASN C 584 -15.39 -39.59 -16.44
N GLU C 585 -16.22 -39.81 -17.44
CA GLU C 585 -16.17 -38.98 -18.63
C GLU C 585 -16.78 -37.64 -18.29
N GLY C 586 -16.20 -36.61 -18.88
CA GLY C 586 -16.63 -35.24 -18.60
C GLY C 586 -17.82 -34.81 -19.41
N ASP C 587 -18.33 -33.63 -19.15
CA ASP C 587 -19.58 -33.25 -19.75
C ASP C 587 -19.46 -33.08 -21.25
N THR C 588 -20.55 -33.36 -21.96
CA THR C 588 -20.65 -33.07 -23.41
C THR C 588 -21.33 -31.72 -23.63
N VAL C 589 -21.38 -31.20 -24.83
CA VAL C 589 -22.09 -29.97 -25.09
C VAL C 589 -23.59 -30.13 -24.78
N GLU C 590 -24.13 -31.30 -25.08
CA GLU C 590 -25.49 -31.67 -24.73
C GLU C 590 -25.79 -31.65 -23.23
N ASP C 591 -24.85 -32.11 -22.41
CA ASP C 591 -25.00 -31.91 -20.93
C ASP C 591 -25.17 -30.47 -20.49
N MET C 592 -24.37 -29.60 -21.05
CA MET C 592 -24.45 -28.19 -20.81
C MET C 592 -25.77 -27.62 -21.30
N MET C 593 -26.27 -28.09 -22.43
CA MET C 593 -27.52 -27.60 -22.94
C MET C 593 -28.60 -27.90 -21.94
N ARG C 594 -28.55 -29.07 -21.36
CA ARG C 594 -29.48 -29.41 -20.34
C ARG C 594 -29.37 -28.66 -19.03
N TYR C 595 -28.16 -28.40 -18.54
CA TYR C 595 -28.00 -27.59 -17.33
C TYR C 595 -28.59 -26.18 -17.48
N VAL C 596 -28.61 -25.65 -18.69
CA VAL C 596 -29.18 -24.32 -18.91
C VAL C 596 -30.68 -24.30 -19.41
N HIS C 597 -31.33 -25.46 -19.30
CA HIS C 597 -32.77 -25.67 -19.56
C HIS C 597 -33.18 -25.60 -21.00
N ILE C 598 -32.27 -25.93 -21.90
CA ILE C 598 -32.65 -26.11 -23.28
C ILE C 598 -33.23 -27.52 -23.43
N ASP C 599 -34.35 -27.65 -24.15
CA ASP C 599 -34.91 -28.99 -24.44
C ASP C 599 -34.29 -29.53 -25.75
N VAL C 600 -33.30 -30.38 -25.54
CA VAL C 600 -32.41 -30.82 -26.58
C VAL C 600 -33.18 -31.69 -27.56
N ASP C 601 -33.96 -32.62 -26.97
CA ASP C 601 -34.83 -33.51 -27.72
C ASP C 601 -35.62 -32.70 -28.74
N GLN C 602 -36.32 -31.69 -28.24
CA GLN C 602 -37.14 -30.79 -29.04
C GLN C 602 -36.35 -30.09 -30.14
N ILE C 603 -35.21 -29.51 -29.80
CA ILE C 603 -34.36 -28.81 -30.73
C ILE C 603 -33.74 -29.74 -31.79
N ARG C 604 -33.32 -30.93 -31.35
CA ARG C 604 -32.80 -31.92 -32.26
C ARG C 604 -33.81 -32.28 -33.35
N LYS C 605 -35.08 -32.39 -32.98
CA LYS C 605 -36.19 -32.58 -33.93
C LYS C 605 -36.34 -31.35 -34.80
N ASN C 606 -36.35 -30.18 -34.22
CA ASN C 606 -36.44 -28.99 -35.00
C ASN C 606 -35.29 -28.76 -35.97
N TYR C 607 -34.06 -29.06 -35.61
CA TYR C 607 -32.99 -28.86 -36.58
C TYR C 607 -33.21 -29.75 -37.77
N HIS C 608 -33.70 -30.94 -37.53
CA HIS C 608 -33.90 -31.88 -38.60
C HIS C 608 -34.92 -31.33 -39.59
N SER C 609 -36.01 -30.73 -39.12
CA SER C 609 -36.96 -30.14 -40.04
C SER C 609 -36.40 -29.00 -40.80
N LEU C 610 -35.72 -28.12 -40.11
CA LEU C 610 -35.17 -26.94 -40.74
C LEU C 610 -34.14 -27.25 -41.80
N VAL C 611 -33.23 -28.14 -41.53
CA VAL C 611 -32.25 -28.44 -42.52
C VAL C 611 -32.84 -29.06 -43.75
N SER C 612 -33.85 -29.89 -43.57
CA SER C 612 -34.44 -30.59 -44.71
C SER C 612 -35.11 -29.65 -45.70
N GLN C 613 -35.83 -28.66 -45.22
CA GLN C 613 -36.35 -27.63 -46.06
C GLN C 613 -35.31 -26.67 -46.63
N ARG C 614 -34.31 -26.35 -45.82
CA ARG C 614 -33.29 -25.35 -46.15
C ARG C 614 -32.01 -25.76 -46.88
N VAL C 615 -31.77 -27.02 -47.08
CA VAL C 615 -30.48 -27.36 -47.66
C VAL C 615 -30.64 -28.19 -48.88
N ASP C 616 -29.85 -27.95 -49.89
CA ASP C 616 -30.04 -28.75 -51.05
C ASP C 616 -29.81 -30.14 -50.44
N GLN C 617 -30.62 -31.11 -50.79
CA GLN C 617 -30.58 -32.39 -50.12
C GLN C 617 -29.29 -33.15 -50.28
N GLU C 618 -28.49 -32.78 -51.24
CA GLU C 618 -27.19 -33.38 -51.40
C GLU C 618 -26.26 -33.13 -50.19
N GLU C 619 -26.37 -31.98 -49.54
CA GLU C 619 -25.58 -31.69 -48.35
C GLU C 619 -26.29 -31.92 -47.03
N GLN C 620 -27.54 -32.32 -47.06
CA GLN C 620 -28.28 -32.40 -45.83
C GLN C 620 -27.73 -33.39 -44.87
N GLN C 621 -27.32 -34.54 -45.33
CA GLN C 621 -26.87 -35.47 -44.33
C GLN C 621 -25.66 -34.92 -43.63
N GLN C 622 -24.74 -34.38 -44.40
CA GLN C 622 -23.50 -33.80 -43.90
C GLN C 622 -23.71 -32.74 -42.82
N ILE C 623 -24.58 -31.77 -43.10
CA ILE C 623 -24.90 -30.72 -42.16
C ILE C 623 -25.41 -31.32 -40.85
N LEU C 624 -26.44 -32.18 -40.93
CA LEU C 624 -27.06 -32.80 -39.75
C LEU C 624 -26.06 -33.63 -38.93
N ALA C 625 -25.18 -34.36 -39.63
CA ALA C 625 -24.11 -35.07 -38.97
C ALA C 625 -23.16 -34.12 -38.18
N GLU C 626 -22.84 -32.94 -38.72
CA GLU C 626 -21.97 -32.04 -38.01
C GLU C 626 -22.70 -31.40 -36.84
N LEU C 627 -23.97 -31.04 -37.02
CA LEU C 627 -24.72 -30.50 -35.89
C LEU C 627 -24.72 -31.49 -34.74
N GLU C 628 -24.86 -32.77 -35.07
CA GLU C 628 -24.93 -33.86 -34.10
C GLU C 628 -23.62 -34.17 -33.32
N GLN C 629 -22.52 -34.41 -34.01
CA GLN C 629 -21.20 -34.49 -33.37
C GLN C 629 -20.90 -33.26 -32.48
N GLY C 630 -21.40 -32.09 -32.90
CA GLY C 630 -21.38 -30.89 -32.08
C GLY C 630 -22.04 -31.11 -30.73
N LEU C 631 -23.26 -31.64 -30.70
CA LEU C 631 -24.00 -31.83 -29.46
C LEU C 631 -23.37 -32.89 -28.64
N SER C 632 -22.95 -33.92 -29.37
CA SER C 632 -22.38 -35.14 -28.82
C SER C 632 -21.03 -35.01 -28.17
N GLY C 633 -20.28 -33.98 -28.55
CA GLY C 633 -18.87 -33.94 -28.19
C GLY C 633 -18.55 -33.35 -26.84
N TYR C 634 -17.33 -33.63 -26.43
CA TYR C 634 -16.65 -32.96 -25.32
C TYR C 634 -16.73 -31.44 -25.49
N THR C 635 -16.97 -30.70 -24.39
CA THR C 635 -17.10 -29.24 -24.51
C THR C 635 -15.78 -28.61 -24.90
N TYR C 636 -14.66 -29.24 -24.53
CA TYR C 636 -13.31 -28.81 -24.91
C TYR C 636 -13.01 -28.93 -26.38
N LEU C 637 -11.93 -28.30 -26.82
CA LEU C 637 -11.60 -28.20 -28.24
C LEU C 637 -10.82 -29.37 -28.83
N GLU C 638 -10.78 -29.43 -30.16
CA GLU C 638 -10.04 -30.42 -30.94
C GLU C 638 -8.76 -29.72 -31.49
N ASP C 639 -7.58 -30.30 -31.21
CA ASP C 639 -6.35 -30.12 -32.01
C ASP C 639 -6.54 -29.59 -33.45
N LEU D 11 -41.25 4.06 7.65
CA LEU D 11 -41.08 5.53 7.89
C LEU D 11 -40.19 6.13 6.82
N ASP D 12 -40.10 7.46 6.81
CA ASP D 12 -39.11 8.17 5.99
C ASP D 12 -37.69 7.97 6.49
N ARG D 13 -37.52 7.99 7.81
CA ARG D 13 -36.21 7.81 8.43
C ARG D 13 -35.56 6.44 8.14
N VAL D 14 -36.37 5.39 7.97
CA VAL D 14 -35.84 4.07 7.61
C VAL D 14 -35.43 4.06 6.13
N ARG D 15 -36.31 4.59 5.27
CA ARG D 15 -36.07 4.68 3.81
C ARG D 15 -34.80 5.44 3.42
N ALA D 16 -34.42 6.43 4.22
CA ALA D 16 -33.23 7.24 3.97
C ALA D 16 -32.01 6.48 4.48
N ASP D 17 -32.21 5.73 5.57
CA ASP D 17 -31.14 4.89 6.09
C ASP D 17 -30.69 3.82 5.06
N TYR D 18 -31.62 3.32 4.24
CA TYR D 18 -31.30 2.31 3.21
C TYR D 18 -30.95 2.85 1.80
N ASN D 19 -31.62 3.96 1.43
CA ASN D 19 -31.72 4.56 0.05
C ASN D 19 -31.73 3.61 -1.13
N VAL D 20 -32.62 2.64 -1.05
CA VAL D 20 -32.81 1.65 -2.10
C VAL D 20 -32.87 2.22 -3.55
N HIS D 21 -33.61 3.30 -3.77
CA HIS D 21 -33.72 3.89 -5.09
C HIS D 21 -32.37 4.36 -5.74
N TYR D 22 -31.29 4.52 -4.97
CA TYR D 22 -29.99 4.87 -5.55
C TYR D 22 -29.41 3.75 -6.40
N TRP D 23 -29.78 2.51 -6.08
CA TRP D 23 -29.33 1.35 -6.85
C TRP D 23 -30.47 0.58 -7.54
N SER D 24 -31.74 0.78 -7.14
CA SER D 24 -32.83 -0.09 -7.66
C SER D 24 -33.29 0.19 -9.07
N GLN D 25 -32.97 1.39 -9.55
CA GLN D 25 -33.38 1.82 -10.87
C GLN D 25 -34.92 1.72 -10.98
N GLY D 26 -35.62 2.06 -9.90
CA GLY D 26 -37.07 1.96 -9.82
C GLY D 26 -37.66 0.55 -9.82
N PHE D 27 -36.85 -0.50 -9.77
CA PHE D 27 -37.43 -1.84 -9.78
C PHE D 27 -37.74 -2.41 -8.42
N TYR D 28 -37.16 -1.81 -7.36
CA TYR D 28 -37.47 -2.25 -6.02
C TYR D 28 -37.57 -1.07 -5.11
N GLY D 29 -38.26 -1.24 -3.99
CA GLY D 29 -38.36 -0.16 -3.05
C GLY D 29 -38.98 -0.65 -1.78
N ILE D 30 -39.14 0.27 -0.85
CA ILE D 30 -39.73 -0.05 0.41
C ILE D 30 -41.09 0.72 0.53
N ASP D 31 -42.20 -0.01 0.67
CA ASP D 31 -43.51 0.61 0.86
C ASP D 31 -43.74 1.04 2.29
N ASP D 32 -44.81 1.77 2.53
CA ASP D 32 -45.09 2.32 3.81
C ASP D 32 -45.62 1.27 4.75
N GLN D 33 -45.83 0.06 4.28
CA GLN D 33 -46.11 -1.02 5.23
C GLN D 33 -44.82 -1.72 5.75
N GLY D 34 -43.63 -1.18 5.41
CA GLY D 34 -42.37 -1.72 5.90
C GLY D 34 -41.94 -3.01 5.21
N GLU D 35 -42.42 -3.21 3.98
CA GLU D 35 -42.06 -4.36 3.14
C GLU D 35 -41.34 -3.93 1.85
N MET D 36 -40.37 -4.72 1.39
CA MET D 36 -39.70 -4.52 0.11
C MET D 36 -40.63 -4.98 -0.96
N TYR D 37 -40.77 -4.20 -1.99
CA TYR D 37 -41.62 -4.62 -3.12
C TYR D 37 -40.79 -4.64 -4.41
N VAL D 38 -41.29 -5.35 -5.39
CA VAL D 38 -40.72 -5.29 -6.70
C VAL D 38 -41.76 -4.66 -7.60
N SER D 39 -41.29 -3.86 -8.55
CA SER D 39 -42.17 -3.22 -9.49
C SER D 39 -41.69 -3.54 -10.88
N PRO D 40 -42.09 -4.68 -11.41
CA PRO D 40 -41.34 -5.08 -12.59
C PRO D 40 -41.91 -4.54 -13.90
N ARG D 41 -43.16 -4.02 -13.88
CA ARG D 41 -43.84 -3.68 -15.13
C ARG D 41 -43.42 -2.32 -15.72
N SER D 42 -43.40 -2.21 -17.04
CA SER D 42 -43.10 -0.93 -17.68
C SER D 42 -44.15 0.15 -17.36
N ASP D 43 -45.39 -0.25 -17.10
CA ASP D 43 -46.43 0.73 -16.76
C ASP D 43 -46.41 1.13 -15.29
N ASN D 44 -45.49 0.55 -14.51
CA ASN D 44 -45.50 0.63 -13.03
C ASN D 44 -46.87 0.38 -12.39
N ALA D 45 -47.69 -0.39 -13.10
CA ALA D 45 -49.05 -0.62 -12.62
C ALA D 45 -49.03 -1.21 -11.22
N HIS D 46 -48.40 -2.36 -10.97
CA HIS D 46 -48.65 -2.97 -9.68
C HIS D 46 -47.37 -3.33 -8.97
N GLN D 47 -47.32 -3.15 -7.66
CA GLN D 47 -46.13 -3.43 -6.92
C GLN D 47 -46.47 -4.63 -6.14
N ILE D 48 -45.59 -5.62 -6.17
CA ILE D 48 -45.80 -6.81 -5.37
C ILE D 48 -44.74 -6.89 -4.24
N GLN D 49 -45.22 -6.96 -3.00
CA GLN D 49 -44.36 -7.25 -1.89
C GLN D 49 -43.67 -8.63 -2.03
N LEU D 50 -42.36 -8.66 -1.76
CA LEU D 50 -41.61 -9.87 -2.05
C LEU D 50 -41.98 -11.03 -1.12
N SER D 51 -42.25 -10.71 0.15
CA SER D 51 -42.74 -11.72 1.09
C SER D 51 -44.06 -12.37 0.61
N LYS D 52 -44.86 -11.64 -0.17
CA LYS D 52 -46.03 -12.27 -0.78
C LYS D 52 -45.66 -13.23 -1.91
N ILE D 53 -44.57 -12.96 -2.63
CA ILE D 53 -44.11 -13.97 -3.55
C ILE D 53 -43.66 -15.21 -2.79
N VAL D 54 -42.99 -15.01 -1.65
CA VAL D 54 -42.46 -16.13 -0.89
C VAL D 54 -43.60 -16.97 -0.29
N LYS D 55 -44.64 -16.29 0.15
CA LYS D 55 -45.75 -16.94 0.84
C LYS D 55 -46.48 -17.80 -0.17
N GLN D 56 -46.59 -17.31 -1.40
CA GLN D 56 -47.18 -18.08 -2.48
C GLN D 56 -46.34 -19.32 -2.89
N LEU D 57 -45.01 -19.21 -2.90
CA LEU D 57 -44.10 -20.36 -3.10
C LEU D 57 -44.20 -21.43 -2.01
N GLU D 58 -44.41 -20.98 -0.77
CA GLU D 58 -44.64 -21.91 0.32
C GLU D 58 -45.87 -22.80 0.06
N GLU D 59 -46.90 -22.20 -0.55
CA GLU D 59 -48.12 -22.91 -0.93
C GLU D 59 -47.89 -24.03 -1.96
N ARG D 60 -47.06 -23.76 -2.98
CA ARG D 60 -46.53 -24.77 -3.91
C ARG D 60 -45.53 -25.72 -3.22
N GLN D 61 -45.29 -25.50 -1.93
CA GLN D 61 -44.38 -26.34 -1.13
C GLN D 61 -42.88 -26.15 -1.47
N LEU D 62 -42.46 -24.93 -1.80
CA LEU D 62 -41.03 -24.69 -2.00
C LEU D 62 -40.51 -23.80 -0.90
N ASN D 63 -39.54 -24.28 -0.14
CA ASN D 63 -38.92 -23.43 0.88
C ASN D 63 -37.75 -22.68 0.33
N VAL D 64 -37.29 -21.72 1.11
CA VAL D 64 -36.16 -20.89 0.77
C VAL D 64 -34.90 -21.69 1.08
N PRO D 65 -33.74 -21.36 0.47
CA PRO D 65 -33.45 -20.23 -0.40
C PRO D 65 -34.07 -20.42 -1.74
N VAL D 66 -34.35 -19.30 -2.40
CA VAL D 66 -34.95 -19.37 -3.71
C VAL D 66 -34.52 -18.15 -4.48
N LEU D 67 -34.21 -18.36 -5.75
CA LEU D 67 -33.81 -17.34 -6.69
C LEU D 67 -35.00 -16.93 -7.51
N VAL D 68 -35.40 -15.68 -7.43
CA VAL D 68 -36.60 -15.26 -8.12
C VAL D 68 -36.24 -14.39 -9.35
N ARG D 69 -36.65 -14.76 -10.58
CA ARG D 69 -36.46 -13.89 -11.81
C ARG D 69 -37.71 -13.20 -12.26
N PHE D 70 -37.52 -11.98 -12.75
CA PHE D 70 -38.60 -11.17 -13.28
C PHE D 70 -38.35 -10.79 -14.71
N PRO D 71 -38.93 -11.53 -15.64
CA PRO D 71 -38.73 -11.19 -17.05
C PRO D 71 -39.14 -9.80 -17.38
N GLN D 72 -40.16 -9.26 -16.70
CA GLN D 72 -40.60 -7.96 -17.12
C GLN D 72 -39.53 -6.87 -16.98
N ILE D 73 -38.57 -7.11 -16.06
CA ILE D 73 -37.43 -6.22 -15.83
C ILE D 73 -36.40 -6.41 -17.00
N LEU D 74 -36.17 -7.62 -17.44
CA LEU D 74 -35.35 -7.83 -18.63
C LEU D 74 -35.89 -7.07 -19.83
N HIS D 75 -37.20 -7.21 -20.06
CA HIS D 75 -37.88 -6.46 -21.13
C HIS D 75 -37.55 -4.99 -21.01
N GLN D 76 -37.74 -4.41 -19.83
CA GLN D 76 -37.49 -2.97 -19.65
C GLN D 76 -36.01 -2.57 -19.91
N ARG D 77 -35.08 -3.40 -19.44
CA ARG D 77 -33.64 -3.15 -19.65
C ARG D 77 -33.29 -3.10 -21.15
N VAL D 78 -33.80 -4.04 -21.92
CA VAL D 78 -33.58 -4.07 -23.34
C VAL D 78 -34.08 -2.79 -24.01
N HIS D 79 -35.28 -2.31 -23.61
CA HIS D 79 -35.80 -1.08 -24.14
C HIS D 79 -35.07 0.17 -23.65
N SER D 80 -34.73 0.21 -22.38
CA SER D 80 -34.04 1.35 -21.82
C SER D 80 -32.70 1.56 -22.52
N ILE D 81 -31.98 0.47 -22.79
CA ILE D 81 -30.68 0.59 -23.43
C ILE D 81 -30.81 1.03 -24.89
N CYS D 82 -31.79 0.48 -25.63
CA CYS D 82 -32.02 0.95 -27.01
C CYS D 82 -32.51 2.40 -27.06
N ASP D 83 -33.40 2.79 -26.14
CA ASP D 83 -33.88 4.16 -26.07
C ASP D 83 -32.70 5.13 -25.86
N ALA D 84 -31.73 4.75 -25.02
CA ALA D 84 -30.65 5.67 -24.74
C ALA D 84 -29.81 5.81 -25.98
N PHE D 85 -29.55 4.73 -26.68
CA PHE D 85 -28.73 4.83 -27.86
C PHE D 85 -29.49 5.56 -28.96
N ASN D 86 -30.79 5.22 -29.09
CA ASN D 86 -31.69 5.94 -30.03
C ASN D 86 -31.80 7.43 -29.74
N GLN D 87 -31.82 7.79 -28.47
CA GLN D 87 -31.81 9.22 -28.13
C GLN D 87 -30.46 9.89 -28.40
N ALA D 88 -29.35 9.23 -28.12
CA ALA D 88 -28.02 9.83 -28.44
C ALA D 88 -27.87 10.00 -29.94
N ILE D 89 -28.33 9.00 -30.67
CA ILE D 89 -28.31 9.06 -32.13
C ILE D 89 -29.10 10.27 -32.72
N GLU D 90 -30.28 10.55 -32.15
CA GLU D 90 -31.11 11.66 -32.58
C GLU D 90 -30.58 13.03 -32.16
N GLU D 91 -30.01 13.15 -30.99
CA GLU D 91 -29.36 14.35 -30.59
C GLU D 91 -28.20 14.70 -31.43
N TYR D 92 -27.51 13.71 -31.92
CA TYR D 92 -26.35 13.91 -32.71
C TYR D 92 -26.70 13.93 -34.17
N GLN D 93 -27.84 13.37 -34.49
CA GLN D 93 -28.22 13.12 -35.84
C GLN D 93 -27.22 12.23 -36.50
N TYR D 94 -26.86 11.19 -35.79
CA TYR D 94 -26.02 10.15 -36.27
C TYR D 94 -26.81 9.45 -37.35
N PRO D 95 -26.16 9.14 -38.44
CA PRO D 95 -26.79 8.70 -39.66
C PRO D 95 -26.82 7.21 -39.85
N ASN D 96 -26.98 6.45 -38.80
CA ASN D 96 -27.00 4.98 -38.92
C ASN D 96 -27.64 4.41 -37.68
N LYS D 97 -27.81 3.09 -37.64
CA LYS D 97 -28.64 2.46 -36.56
C LYS D 97 -27.81 1.98 -35.33
N TYR D 98 -28.51 1.63 -34.25
CA TYR D 98 -27.97 0.90 -33.16
C TYR D 98 -28.53 -0.49 -33.02
N LEU D 99 -27.71 -1.44 -32.60
CA LEU D 99 -28.14 -2.84 -32.50
C LEU D 99 -27.62 -3.39 -31.19
N LEU D 100 -28.52 -3.92 -30.39
CA LEU D 100 -28.16 -4.57 -29.14
C LEU D 100 -27.96 -6.07 -29.29
N VAL D 101 -26.80 -6.59 -28.86
CA VAL D 101 -26.42 -7.98 -28.98
C VAL D 101 -26.19 -8.51 -27.58
N TYR D 102 -26.93 -9.54 -27.16
CA TYR D 102 -26.74 -10.11 -25.83
C TYR D 102 -25.61 -11.19 -25.76
N PRO D 103 -24.55 -10.90 -24.98
CA PRO D 103 -23.46 -11.93 -24.82
C PRO D 103 -23.93 -12.97 -23.81
N ILE D 104 -24.14 -14.22 -24.20
CA ILE D 104 -24.84 -15.14 -23.32
C ILE D 104 -23.97 -15.62 -22.16
N LYS D 105 -22.66 -15.38 -22.24
CA LYS D 105 -21.79 -15.67 -21.11
C LYS D 105 -22.22 -15.07 -19.78
N VAL D 106 -22.95 -13.96 -19.83
CA VAL D 106 -23.37 -13.34 -18.59
C VAL D 106 -24.45 -14.15 -17.89
N ASN D 107 -25.30 -14.83 -18.66
CA ASN D 107 -26.34 -15.67 -18.09
C ASN D 107 -26.90 -16.48 -19.24
N GLN D 108 -26.60 -17.78 -19.31
CA GLN D 108 -26.97 -18.56 -20.47
C GLN D 108 -28.33 -19.25 -20.27
N GLN D 109 -28.97 -19.11 -19.12
CA GLN D 109 -30.22 -19.80 -18.92
C GLN D 109 -31.30 -19.50 -20.01
N ARG D 110 -31.93 -20.56 -20.51
CA ARG D 110 -32.97 -20.47 -21.54
C ARG D 110 -34.05 -19.46 -21.12
N GLU D 111 -34.45 -19.43 -19.86
CA GLU D 111 -35.57 -18.58 -19.50
C GLU D 111 -35.19 -17.09 -19.44
N VAL D 112 -33.90 -16.80 -19.25
CA VAL D 112 -33.36 -15.48 -19.42
C VAL D 112 -33.24 -15.12 -20.91
N VAL D 113 -32.56 -15.97 -21.69
CA VAL D 113 -32.28 -15.67 -23.09
C VAL D 113 -33.55 -15.51 -23.95
N ASP D 114 -34.52 -16.41 -23.76
CA ASP D 114 -35.83 -16.36 -24.44
C ASP D 114 -36.51 -15.03 -24.18
N GLU D 115 -36.46 -14.57 -22.92
CA GLU D 115 -37.07 -13.27 -22.59
C GLU D 115 -36.32 -12.15 -23.25
N ILE D 116 -34.98 -12.18 -23.24
CA ILE D 116 -34.23 -11.12 -23.97
C ILE D 116 -34.68 -11.03 -25.43
N LEU D 117 -34.76 -12.19 -26.06
CA LEU D 117 -35.13 -12.31 -27.44
C LEU D 117 -36.61 -11.92 -27.70
N ALA D 118 -37.53 -12.31 -26.81
CA ALA D 118 -38.93 -11.87 -26.86
C ALA D 118 -39.04 -10.34 -26.91
N SER D 119 -38.33 -9.67 -26.00
CA SER D 119 -38.14 -8.22 -26.08
C SER D 119 -37.65 -7.74 -27.43
N GLN D 120 -36.40 -8.06 -27.82
CA GLN D 120 -35.78 -7.57 -29.10
C GLN D 120 -36.68 -7.71 -30.33
N ALA D 121 -37.48 -8.77 -30.37
CA ALA D 121 -38.59 -8.93 -31.30
C ALA D 121 -39.58 -7.74 -31.27
N GLN D 122 -39.91 -7.22 -30.07
CA GLN D 122 -40.87 -6.12 -29.88
C GLN D 122 -40.34 -4.68 -30.09
N LEU D 123 -39.08 -4.50 -30.49
CA LEU D 123 -38.57 -3.13 -30.80
C LEU D 123 -38.83 -2.67 -32.24
N GLU D 124 -38.82 -1.34 -32.44
CA GLU D 124 -39.14 -0.73 -33.72
C GLU D 124 -38.46 -1.48 -34.88
N THR D 125 -37.14 -1.64 -34.75
CA THR D 125 -36.33 -2.33 -35.75
C THR D 125 -36.51 -3.86 -35.84
N LYS D 126 -36.89 -4.53 -34.75
CA LYS D 126 -37.14 -5.99 -34.76
C LYS D 126 -35.93 -6.91 -35.05
N GLN D 127 -34.72 -6.53 -34.64
CA GLN D 127 -33.59 -7.41 -34.92
C GLN D 127 -33.12 -8.10 -33.66
N LEU D 128 -33.06 -9.43 -33.77
CA LEU D 128 -32.43 -10.31 -32.79
C LEU D 128 -30.89 -10.27 -32.91
N GLY D 129 -30.22 -10.16 -31.74
CA GLY D 129 -28.75 -10.21 -31.57
C GLY D 129 -28.23 -11.00 -30.36
N LEU D 130 -27.42 -12.00 -30.64
CA LEU D 130 -26.74 -12.80 -29.63
C LEU D 130 -25.21 -12.92 -29.91
N GLU D 131 -24.44 -13.03 -28.84
CA GLU D 131 -23.01 -13.25 -28.97
C GLU D 131 -22.66 -14.51 -28.21
N ALA D 132 -21.78 -15.32 -28.81
CA ALA D 132 -21.24 -16.55 -28.23
C ALA D 132 -19.74 -16.33 -28.00
N GLY D 133 -19.20 -16.89 -26.92
CA GLY D 133 -17.81 -16.71 -26.60
C GLY D 133 -17.03 -18.00 -26.64
N SER D 134 -17.68 -19.04 -27.14
CA SER D 134 -17.05 -20.33 -27.17
C SER D 134 -17.87 -21.30 -27.92
N LYS D 135 -17.23 -22.39 -28.29
CA LYS D 135 -17.86 -23.45 -29.11
C LYS D 135 -19.17 -23.94 -28.51
N PRO D 136 -19.17 -24.38 -27.23
CA PRO D 136 -20.49 -24.76 -26.71
C PRO D 136 -21.48 -23.61 -26.67
N GLU D 137 -21.03 -22.38 -26.51
CA GLU D 137 -22.01 -21.31 -26.43
C GLU D 137 -22.66 -21.07 -27.77
N LEU D 138 -21.96 -21.43 -28.85
CA LEU D 138 -22.45 -21.19 -30.15
C LEU D 138 -23.60 -22.19 -30.34
N LEU D 139 -23.38 -23.46 -30.00
CA LEU D 139 -24.45 -24.43 -30.17
C LEU D 139 -25.73 -24.05 -29.38
N ALA D 140 -25.54 -23.52 -28.17
CA ALA D 140 -26.64 -23.07 -27.32
C ALA D 140 -27.26 -21.90 -27.96
N VAL D 141 -26.43 -21.04 -28.55
CA VAL D 141 -26.99 -19.92 -29.26
C VAL D 141 -27.83 -20.44 -30.42
N LEU D 142 -27.30 -21.36 -31.22
CA LEU D 142 -28.05 -21.75 -32.37
C LEU D 142 -29.34 -22.46 -31.94
N ALA D 143 -29.23 -23.24 -30.86
CA ALA D 143 -30.40 -23.86 -30.25
C ALA D 143 -31.47 -22.84 -29.84
N MET D 144 -31.07 -21.84 -29.11
CA MET D 144 -31.98 -20.87 -28.60
C MET D 144 -32.58 -19.95 -29.67
N ALA D 145 -32.00 -19.92 -30.85
CA ALA D 145 -32.54 -19.08 -31.89
C ALA D 145 -32.92 -19.83 -33.22
N GLN D 146 -33.73 -20.89 -33.11
CA GLN D 146 -34.19 -21.59 -34.33
C GLN D 146 -35.39 -20.97 -35.04
N HIS D 147 -36.01 -20.01 -34.38
CA HIS D 147 -37.31 -19.51 -34.83
C HIS D 147 -37.21 -18.29 -35.70
N ALA D 148 -36.06 -17.59 -35.68
CA ALA D 148 -35.88 -16.49 -36.61
C ALA D 148 -34.42 -16.22 -36.98
N SER D 149 -34.22 -15.61 -38.15
CA SER D 149 -32.92 -15.09 -38.48
C SER D 149 -32.45 -14.13 -37.37
N SER D 150 -31.29 -14.42 -36.79
CA SER D 150 -30.71 -13.59 -35.75
C SER D 150 -29.30 -13.16 -36.18
N VAL D 151 -28.88 -11.99 -35.72
CA VAL D 151 -27.44 -11.64 -35.76
C VAL D 151 -26.72 -12.49 -34.70
N ILE D 152 -25.61 -13.14 -35.08
CA ILE D 152 -24.79 -13.90 -34.14
C ILE D 152 -23.30 -13.54 -34.26
N VAL D 153 -22.75 -13.02 -33.19
CA VAL D 153 -21.34 -12.65 -33.14
C VAL D 153 -20.61 -13.78 -32.41
N CYS D 154 -19.57 -14.31 -33.04
CA CYS D 154 -18.79 -15.42 -32.52
C CYS D 154 -17.40 -14.96 -32.05
N ASN D 155 -17.15 -15.00 -30.76
CA ASN D 155 -15.85 -14.64 -30.20
C ASN D 155 -15.24 -15.90 -29.54
N GLY D 156 -14.06 -15.72 -29.00
CA GLY D 156 -13.33 -16.77 -28.32
C GLY D 156 -12.44 -17.61 -29.23
N TYR D 157 -12.05 -18.76 -28.71
CA TYR D 157 -11.07 -19.58 -29.35
C TYR D 157 -11.77 -20.60 -30.26
N LYS D 158 -11.37 -20.60 -31.53
CA LYS D 158 -12.09 -21.36 -32.53
C LYS D 158 -11.22 -22.44 -33.12
N ASP D 159 -11.59 -23.70 -32.85
CA ASP D 159 -10.99 -24.81 -33.56
C ASP D 159 -11.80 -24.96 -34.86
N ARG D 160 -11.48 -26.01 -35.61
CA ARG D 160 -12.14 -26.37 -36.84
C ARG D 160 -13.63 -26.59 -36.60
N GLU D 161 -13.97 -27.29 -35.51
CA GLU D 161 -15.38 -27.56 -35.26
C GLU D 161 -16.17 -26.26 -34.99
N TYR D 162 -15.64 -25.40 -34.16
CA TYR D 162 -16.30 -24.13 -33.93
C TYR D 162 -16.57 -23.29 -35.24
N ILE D 163 -15.54 -23.19 -36.07
CA ILE D 163 -15.64 -22.46 -37.32
C ILE D 163 -16.70 -23.02 -38.24
N ARG D 164 -16.64 -24.32 -38.46
CA ARG D 164 -17.61 -25.01 -39.30
C ARG D 164 -19.05 -24.94 -38.75
N LEU D 165 -19.19 -24.93 -37.44
CA LEU D 165 -20.54 -24.79 -36.91
C LEU D 165 -21.03 -23.39 -37.14
N ALA D 166 -20.12 -22.41 -37.07
CA ALA D 166 -20.54 -21.03 -37.34
C ALA D 166 -20.95 -20.83 -38.78
N LEU D 167 -20.21 -21.41 -39.74
CA LEU D 167 -20.48 -21.26 -41.17
C LEU D 167 -21.78 -21.97 -41.49
N ILE D 168 -22.01 -23.08 -40.80
CA ILE D 168 -23.30 -23.79 -40.89
C ILE D 168 -24.46 -22.92 -40.46
N GLY D 169 -24.30 -22.17 -39.37
CA GLY D 169 -25.32 -21.30 -38.86
C GLY D 169 -25.63 -20.27 -39.92
N GLU D 170 -24.62 -19.86 -40.69
CA GLU D 170 -24.79 -18.94 -41.82
C GLU D 170 -25.59 -19.56 -42.97
N LYS D 171 -25.34 -20.82 -43.31
CA LYS D 171 -26.12 -21.52 -44.35
C LYS D 171 -27.61 -21.62 -44.05
N LEU D 172 -27.94 -21.74 -42.77
CA LEU D 172 -29.31 -21.81 -42.33
C LEU D 172 -29.94 -20.46 -42.08
N GLY D 173 -29.32 -19.37 -42.52
CA GLY D 173 -30.01 -18.06 -42.58
C GLY D 173 -29.82 -17.08 -41.42
N HIS D 174 -28.96 -17.41 -40.47
CA HIS D 174 -28.51 -16.41 -39.52
C HIS D 174 -27.41 -15.53 -40.13
N LYS D 175 -27.26 -14.31 -39.62
CA LYS D 175 -26.13 -13.45 -39.95
C LYS D 175 -25.03 -13.69 -38.93
N VAL D 176 -24.10 -14.55 -39.29
CA VAL D 176 -23.08 -15.03 -38.36
C VAL D 176 -21.74 -14.32 -38.63
N PHE D 177 -21.34 -13.43 -37.71
CA PHE D 177 -20.05 -12.77 -37.82
C PHE D 177 -19.04 -13.55 -37.03
N ILE D 178 -18.05 -14.04 -37.74
CA ILE D 178 -16.96 -14.73 -37.14
C ILE D 178 -15.83 -13.72 -36.90
N VAL D 179 -15.69 -13.30 -35.66
CA VAL D 179 -14.75 -12.26 -35.33
C VAL D 179 -13.34 -12.88 -35.22
N LEU D 180 -12.45 -12.48 -36.11
CA LEU D 180 -11.04 -12.89 -36.01
C LEU D 180 -10.41 -12.33 -34.70
N GLU D 181 -9.90 -13.25 -33.87
CA GLU D 181 -9.30 -12.89 -32.62
C GLU D 181 -7.84 -13.33 -32.51
N LYS D 182 -7.40 -14.14 -33.45
CA LYS D 182 -6.03 -14.61 -33.53
C LYS D 182 -5.72 -14.71 -35.03
N MET D 183 -4.52 -14.35 -35.41
CA MET D 183 -4.16 -14.23 -36.81
C MET D 183 -4.36 -15.50 -37.57
N SER D 184 -4.09 -16.61 -36.95
CA SER D 184 -4.13 -17.87 -37.62
C SER D 184 -5.58 -18.27 -37.93
N GLU D 185 -6.56 -17.62 -37.29
CA GLU D 185 -7.97 -17.92 -37.59
C GLU D 185 -8.38 -17.61 -39.08
N LEU D 186 -7.88 -16.56 -39.67
CA LEU D 186 -8.23 -16.27 -41.03
C LEU D 186 -8.06 -17.44 -42.02
N ASP D 187 -6.91 -18.09 -41.97
CA ASP D 187 -6.62 -19.08 -42.97
C ASP D 187 -7.56 -20.24 -42.80
N LEU D 188 -7.90 -20.52 -41.56
CA LEU D 188 -8.78 -21.63 -41.24
C LEU D 188 -10.19 -21.35 -41.77
N VAL D 189 -10.66 -20.13 -41.54
CA VAL D 189 -11.94 -19.73 -41.99
C VAL D 189 -12.10 -19.76 -43.49
N LEU D 190 -11.11 -19.24 -44.21
CA LEU D 190 -11.19 -19.24 -45.67
C LEU D 190 -11.35 -20.65 -46.22
N ARG D 191 -10.53 -21.55 -45.70
CA ARG D 191 -10.47 -22.98 -46.01
C ARG D 191 -11.79 -23.67 -45.73
N GLU D 192 -12.32 -23.49 -44.53
CA GLU D 192 -13.53 -24.18 -44.16
C GLU D 192 -14.72 -23.53 -44.91
N ALA D 193 -14.58 -22.27 -45.31
CA ALA D 193 -15.68 -21.58 -46.00
C ALA D 193 -15.85 -22.18 -47.41
N LYS D 194 -14.72 -22.46 -48.05
CA LYS D 194 -14.67 -23.04 -49.37
C LYS D 194 -15.14 -24.51 -49.30
N SER D 195 -14.68 -25.23 -48.30
CA SER D 195 -15.08 -26.61 -48.07
C SER D 195 -16.61 -26.72 -48.04
N LEU D 196 -17.28 -25.84 -47.29
CA LEU D 196 -18.72 -25.91 -47.07
C LEU D 196 -19.53 -25.05 -48.08
N GLY D 197 -18.83 -24.46 -49.05
CA GLY D 197 -19.42 -23.56 -50.04
C GLY D 197 -20.20 -22.39 -49.48
N VAL D 198 -19.70 -21.71 -48.44
CA VAL D 198 -20.39 -20.57 -47.81
C VAL D 198 -19.54 -19.35 -48.01
N THR D 199 -20.18 -18.19 -48.06
CA THR D 199 -19.48 -16.92 -48.07
C THR D 199 -19.33 -16.42 -46.63
N PRO D 200 -18.11 -16.18 -46.19
CA PRO D 200 -18.06 -15.80 -44.77
C PRO D 200 -18.39 -14.33 -44.51
N ARG D 201 -18.98 -14.02 -43.37
CA ARG D 201 -18.96 -12.64 -42.83
C ARG D 201 -17.98 -12.59 -41.66
N LEU D 202 -17.01 -11.69 -41.81
CA LEU D 202 -15.87 -11.59 -40.91
C LEU D 202 -15.90 -10.26 -40.16
N GLY D 203 -15.56 -10.35 -38.89
CA GLY D 203 -15.12 -9.21 -38.08
C GLY D 203 -13.67 -9.40 -37.62
N ILE D 204 -13.11 -8.37 -37.02
CA ILE D 204 -11.78 -8.43 -36.45
C ILE D 204 -11.83 -7.79 -35.10
N ARG D 205 -11.24 -8.45 -34.15
CA ARG D 205 -11.04 -7.84 -32.87
C ARG D 205 -9.69 -7.13 -32.93
N ILE D 206 -9.71 -5.86 -32.52
CA ILE D 206 -8.53 -5.07 -32.64
C ILE D 206 -7.91 -4.85 -31.24
N ARG D 207 -6.59 -4.66 -31.25
CA ARG D 207 -5.76 -4.38 -30.05
C ARG D 207 -5.55 -2.91 -29.80
N LEU D 208 -5.82 -2.48 -28.60
CA LEU D 208 -5.79 -1.07 -28.32
C LEU D 208 -4.51 -0.73 -27.57
N ALA D 209 -3.97 0.49 -27.78
CA ALA D 209 -2.84 0.98 -27.01
C ALA D 209 -3.27 1.89 -25.87
N SER D 210 -4.57 2.23 -25.81
CA SER D 210 -5.08 3.28 -24.91
C SER D 210 -5.55 2.79 -23.57
N GLN D 211 -5.45 1.49 -23.31
CA GLN D 211 -5.97 0.90 -22.09
C GLN D 211 -4.90 0.26 -21.23
N GLY D 212 -3.62 0.58 -21.45
CA GLY D 212 -2.57 -0.04 -20.62
C GLY D 212 -1.42 -0.57 -21.45
N ALA D 213 -0.20 -0.56 -20.85
CA ALA D 213 0.99 -1.02 -21.54
C ALA D 213 0.78 -2.47 -22.05
N GLY D 214 1.31 -2.74 -23.24
CA GLY D 214 1.36 -4.08 -23.83
C GLY D 214 0.08 -4.64 -24.46
N LYS D 215 -1.07 -4.01 -24.23
CA LYS D 215 -2.30 -4.50 -24.83
C LYS D 215 -2.30 -4.43 -26.36
N TRP D 216 -1.54 -3.52 -26.92
CA TRP D 216 -1.40 -3.41 -28.38
C TRP D 216 -0.76 -4.65 -29.00
N GLN D 217 -0.09 -5.47 -28.20
CA GLN D 217 0.78 -6.50 -28.77
C GLN D 217 0.11 -7.85 -28.75
N ALA D 218 0.21 -8.61 -29.83
CA ALA D 218 -0.46 -9.95 -29.84
C ALA D 218 0.39 -11.01 -29.10
N SER D 219 1.69 -11.02 -29.37
CA SER D 219 2.61 -11.88 -28.61
C SER D 219 2.85 -11.20 -27.28
N GLY D 220 3.83 -11.68 -26.51
CA GLY D 220 4.27 -11.00 -25.31
C GLY D 220 3.48 -11.45 -24.11
N GLY D 221 3.90 -10.96 -22.93
CA GLY D 221 3.46 -11.49 -21.64
C GLY D 221 2.28 -10.79 -20.96
N GLU D 222 1.76 -9.76 -21.61
CA GLU D 222 0.56 -9.11 -21.09
C GLU D 222 -0.66 -10.00 -21.41
N LYS D 223 -1.54 -10.12 -20.43
CA LYS D 223 -2.58 -11.14 -20.41
C LYS D 223 -3.92 -10.79 -21.13
N SER D 224 -3.93 -9.92 -22.13
CA SER D 224 -5.12 -9.78 -22.99
C SER D 224 -5.10 -10.86 -24.04
N LYS D 225 -6.03 -11.81 -23.96
CA LYS D 225 -5.99 -12.99 -24.81
C LYS D 225 -6.21 -12.71 -26.31
N PHE D 226 -7.16 -11.83 -26.59
CA PHE D 226 -7.65 -11.79 -27.95
C PHE D 226 -7.47 -10.50 -28.66
N GLY D 227 -7.31 -10.63 -29.97
CA GLY D 227 -7.31 -9.46 -30.82
C GLY D 227 -6.09 -9.49 -31.70
N LEU D 228 -6.20 -8.79 -32.80
CA LEU D 228 -5.11 -8.75 -33.69
C LEU D 228 -4.39 -7.41 -33.47
N SER D 229 -3.08 -7.43 -33.65
CA SER D 229 -2.34 -6.20 -33.56
C SER D 229 -2.44 -5.44 -34.90
N ALA D 230 -2.00 -4.18 -34.91
CA ALA D 230 -2.10 -3.32 -36.11
C ALA D 230 -1.56 -4.00 -37.37
N SER D 231 -0.41 -4.61 -37.21
CA SER D 231 0.27 -5.22 -38.31
C SER D 231 -0.47 -6.51 -38.77
N GLN D 232 -1.12 -7.21 -37.83
CA GLN D 232 -1.96 -8.39 -38.18
C GLN D 232 -3.25 -8.01 -38.92
N VAL D 233 -3.87 -6.91 -38.47
CA VAL D 233 -4.99 -6.25 -39.15
C VAL D 233 -4.58 -6.05 -40.62
N LEU D 234 -3.38 -5.55 -40.87
CA LEU D 234 -3.00 -5.30 -42.27
C LEU D 234 -2.72 -6.58 -43.02
N ASN D 235 -2.18 -7.58 -42.34
CA ASN D 235 -2.08 -8.91 -42.94
C ASN D 235 -3.46 -9.47 -43.39
N VAL D 236 -4.54 -9.18 -42.65
CA VAL D 236 -5.88 -9.67 -43.02
C VAL D 236 -6.36 -8.98 -44.28
N ILE D 237 -6.16 -7.67 -44.34
CA ILE D 237 -6.51 -6.91 -45.50
C ILE D 237 -5.73 -7.36 -46.75
N SER D 238 -4.43 -7.48 -46.66
CA SER D 238 -3.65 -8.06 -47.78
C SER D 238 -4.15 -9.42 -48.21
N ARG D 239 -4.40 -10.30 -47.25
CA ARG D 239 -4.85 -11.66 -47.56
C ARG D 239 -6.18 -11.64 -48.29
N LEU D 240 -7.16 -10.92 -47.77
CA LEU D 240 -8.44 -10.79 -48.46
C LEU D 240 -8.37 -10.20 -49.87
N LYS D 241 -7.55 -9.17 -50.08
CA LYS D 241 -7.40 -8.55 -51.41
C LYS D 241 -6.86 -9.54 -52.41
N LYS D 242 -5.89 -10.32 -51.95
CA LYS D 242 -5.31 -11.42 -52.67
C LYS D 242 -6.36 -12.45 -53.12
N GLU D 243 -7.27 -12.82 -52.23
CA GLU D 243 -8.24 -13.88 -52.51
C GLU D 243 -9.45 -13.30 -53.16
N ASN D 244 -9.49 -11.97 -53.26
CA ASN D 244 -10.68 -11.25 -53.69
C ASN D 244 -11.89 -11.35 -52.79
N GLN D 245 -11.72 -11.08 -51.50
CA GLN D 245 -12.77 -11.32 -50.56
C GLN D 245 -12.84 -10.23 -49.52
N LEU D 246 -12.33 -9.08 -49.91
CA LEU D 246 -12.30 -7.92 -49.05
C LEU D 246 -13.71 -7.62 -48.51
N ASP D 247 -14.71 -7.75 -49.36
CA ASP D 247 -16.08 -7.46 -48.97
C ASP D 247 -16.61 -8.38 -47.84
N THR D 248 -16.01 -9.56 -47.62
CA THR D 248 -16.42 -10.39 -46.49
C THR D 248 -16.22 -9.77 -45.09
N LEU D 249 -15.36 -8.77 -45.01
CA LEU D 249 -14.95 -8.19 -43.75
C LEU D 249 -15.86 -7.00 -43.41
N GLN D 250 -16.74 -7.18 -42.43
CA GLN D 250 -17.90 -6.34 -42.26
C GLN D 250 -17.93 -5.68 -40.89
N LEU D 251 -17.21 -6.27 -39.94
CA LEU D 251 -17.34 -5.87 -38.56
C LEU D 251 -15.96 -5.62 -37.87
N VAL D 252 -15.92 -4.53 -37.11
CA VAL D 252 -14.81 -4.16 -36.22
C VAL D 252 -15.33 -4.30 -34.79
N HIS D 253 -14.53 -4.95 -33.97
CA HIS D 253 -14.90 -5.33 -32.64
C HIS D 253 -13.80 -4.99 -31.64
N PHE D 254 -14.19 -4.36 -30.54
CA PHE D 254 -13.24 -4.35 -29.42
C PHE D 254 -13.99 -4.60 -28.15
N HIS D 255 -13.26 -5.06 -27.14
CA HIS D 255 -13.84 -5.26 -25.82
C HIS D 255 -12.89 -4.74 -24.75
N LEU D 256 -13.36 -3.81 -23.93
CA LEU D 256 -12.55 -3.21 -22.88
C LEU D 256 -12.51 -4.01 -21.59
N GLY D 257 -13.45 -4.93 -21.39
CA GLY D 257 -13.60 -5.61 -20.11
C GLY D 257 -15.00 -5.33 -19.54
N SER D 258 -15.39 -6.09 -18.54
CA SER D 258 -16.67 -5.93 -17.90
C SER D 258 -16.57 -4.82 -16.84
N GLN D 259 -17.68 -4.19 -16.51
CA GLN D 259 -17.75 -3.21 -15.43
C GLN D 259 -16.70 -2.09 -15.55
N MET D 260 -16.72 -1.36 -16.63
CA MET D 260 -15.87 -0.24 -16.77
C MET D 260 -16.47 0.81 -15.88
N ALA D 261 -15.75 1.15 -14.84
CA ALA D 261 -16.21 2.10 -13.82
C ALA D 261 -16.00 3.55 -14.21
N ASN D 262 -15.17 3.77 -15.25
CA ASN D 262 -14.76 5.13 -15.61
C ASN D 262 -15.08 5.52 -17.05
N ILE D 263 -15.97 6.48 -17.24
CA ILE D 263 -16.35 6.86 -18.60
C ILE D 263 -15.19 7.28 -19.52
N ARG D 264 -14.11 7.87 -18.98
CA ARG D 264 -12.93 8.27 -19.78
C ARG D 264 -12.31 7.08 -20.50
N ASP D 265 -12.29 5.92 -19.87
CA ASP D 265 -11.71 4.77 -20.49
C ASP D 265 -12.54 4.32 -21.66
N VAL D 266 -13.86 4.46 -21.55
CA VAL D 266 -14.78 4.09 -22.64
C VAL D 266 -14.55 5.07 -23.83
N ARG D 267 -14.58 6.37 -23.55
CA ARG D 267 -14.27 7.34 -24.62
C ARG D 267 -12.91 7.15 -25.33
N ASN D 268 -11.83 6.88 -24.58
CA ASN D 268 -10.52 6.60 -25.22
C ASN D 268 -10.53 5.35 -26.09
N GLY D 269 -11.17 4.26 -25.62
CA GLY D 269 -11.25 3.02 -26.41
C GLY D 269 -12.02 3.25 -27.69
N VAL D 270 -13.18 3.91 -27.54
CA VAL D 270 -14.00 4.20 -28.71
C VAL D 270 -13.21 5.10 -29.64
N ASN D 271 -12.56 6.13 -29.12
CA ASN D 271 -11.76 7.01 -29.98
C ASN D 271 -10.73 6.25 -30.80
N GLU D 272 -9.95 5.44 -30.10
CA GLU D 272 -8.92 4.69 -30.78
C GLU D 272 -9.54 3.74 -31.79
N SER D 273 -10.61 3.06 -31.40
CA SER D 273 -11.17 2.07 -32.32
C SER D 273 -11.85 2.73 -33.50
N ALA D 274 -12.44 3.92 -33.29
CA ALA D 274 -13.00 4.66 -34.46
C ALA D 274 -11.94 4.95 -35.53
N ARG D 275 -10.72 5.28 -35.09
CA ARG D 275 -9.63 5.56 -36.00
C ARG D 275 -9.18 4.32 -36.78
N PHE D 276 -9.10 3.17 -36.11
CA PHE D 276 -8.82 1.91 -36.81
C PHE D 276 -9.92 1.71 -37.85
N TYR D 277 -11.19 1.84 -37.45
CA TYR D 277 -12.34 1.75 -38.38
C TYR D 277 -12.12 2.62 -39.62
N CYS D 278 -11.85 3.90 -39.41
CA CYS D 278 -11.70 4.77 -40.56
C CYS D 278 -10.47 4.40 -41.40
N GLU D 279 -9.36 4.12 -40.72
CA GLU D 279 -8.16 3.69 -41.41
C GLU D 279 -8.47 2.48 -42.23
N LEU D 280 -9.14 1.47 -41.68
CA LEU D 280 -9.50 0.33 -42.50
C LEU D 280 -10.32 0.69 -43.77
N ARG D 281 -11.21 1.66 -43.68
CA ARG D 281 -11.99 2.07 -44.82
C ARG D 281 -11.13 2.75 -45.89
N THR D 282 -10.10 3.48 -45.47
CA THR D 282 -9.16 4.07 -46.43
C THR D 282 -8.41 2.98 -47.23
N LEU D 283 -8.33 1.77 -46.68
CA LEU D 283 -7.59 0.73 -47.33
C LEU D 283 -8.50 -0.17 -48.19
N GLY D 284 -9.76 0.20 -48.36
CA GLY D 284 -10.66 -0.55 -49.24
C GLY D 284 -11.80 -1.29 -48.56
N ALA D 285 -11.70 -1.50 -47.24
CA ALA D 285 -12.64 -2.35 -46.53
C ALA D 285 -13.98 -1.67 -46.41
N ASN D 286 -15.04 -2.40 -46.64
CA ASN D 286 -16.35 -1.84 -46.41
C ASN D 286 -16.89 -2.40 -45.09
N ILE D 287 -16.36 -1.87 -43.98
CA ILE D 287 -16.84 -2.20 -42.67
C ILE D 287 -18.14 -1.49 -42.44
N THR D 288 -19.10 -2.22 -41.91
CA THR D 288 -20.44 -1.76 -41.76
C THR D 288 -20.86 -1.73 -40.31
N TYR D 289 -20.20 -2.49 -39.48
CA TYR D 289 -20.60 -2.61 -38.08
C TYR D 289 -19.43 -2.35 -37.20
N PHE D 290 -19.68 -1.72 -36.07
CA PHE D 290 -18.65 -1.26 -35.17
C PHE D 290 -19.13 -1.69 -33.80
N ASP D 291 -18.56 -2.77 -33.28
CA ASP D 291 -18.97 -3.41 -32.07
C ASP D 291 -18.04 -3.00 -30.91
N VAL D 292 -18.60 -2.28 -29.93
CA VAL D 292 -17.84 -1.73 -28.81
C VAL D 292 -17.79 -2.66 -27.63
N GLY D 293 -18.30 -3.88 -27.77
CA GLY D 293 -18.33 -4.88 -26.66
C GLY D 293 -19.15 -4.64 -25.39
N GLY D 294 -18.65 -5.27 -24.31
CA GLY D 294 -19.19 -5.17 -22.96
C GLY D 294 -18.60 -3.98 -22.21
N GLY D 295 -18.77 -3.93 -20.90
CA GLY D 295 -18.24 -2.77 -20.19
C GLY D 295 -19.28 -1.92 -19.51
N LEU D 296 -20.52 -1.88 -20.06
CA LEU D 296 -21.52 -1.02 -19.48
C LEU D 296 -21.81 -1.44 -18.05
N ALA D 297 -21.45 -0.59 -17.11
CA ALA D 297 -21.37 -1.00 -15.71
C ALA D 297 -22.75 -0.99 -15.03
N ILE D 298 -22.85 -1.64 -13.88
CA ILE D 298 -24.02 -1.53 -13.02
C ILE D 298 -23.55 -0.89 -11.73
N ASP D 299 -24.38 -0.03 -11.17
CA ASP D 299 -24.09 0.63 -9.93
C ASP D 299 -24.52 -0.20 -8.73
N TYR D 300 -23.73 -1.19 -8.36
CA TYR D 300 -23.97 -2.06 -7.21
C TYR D 300 -24.11 -1.43 -5.82
N ASP D 301 -23.44 -0.33 -5.56
CA ASP D 301 -23.51 0.27 -4.26
C ASP D 301 -24.22 1.62 -4.23
N GLY D 302 -24.73 2.06 -5.37
CA GLY D 302 -25.52 3.29 -5.45
C GLY D 302 -24.75 4.58 -5.23
N THR D 303 -23.42 4.50 -5.18
CA THR D 303 -22.57 5.66 -4.96
C THR D 303 -22.29 6.46 -6.23
N ARG D 304 -22.59 5.90 -7.40
CA ARG D 304 -22.26 6.50 -8.71
C ARG D 304 -20.80 6.97 -8.73
N SER D 305 -19.90 6.06 -8.48
CA SER D 305 -18.56 6.50 -8.22
C SER D 305 -17.59 5.69 -9.03
N GLN D 306 -16.42 6.28 -9.20
CA GLN D 306 -15.35 5.70 -9.96
C GLN D 306 -14.64 4.66 -9.07
N SER D 307 -15.21 3.49 -8.97
CA SER D 307 -14.69 2.42 -8.10
C SER D 307 -15.23 1.09 -8.59
N SER D 308 -14.70 0.00 -8.11
CA SER D 308 -14.99 -1.24 -8.85
C SER D 308 -16.43 -1.71 -8.75
N ASN D 309 -17.12 -1.39 -7.65
CA ASN D 309 -18.48 -1.84 -7.50
C ASN D 309 -19.47 -0.83 -8.07
N SER D 310 -19.02 0.11 -8.87
CA SER D 310 -19.88 1.23 -9.19
C SER D 310 -19.43 1.91 -10.50
N MET D 311 -19.88 3.11 -10.84
CA MET D 311 -19.44 3.79 -12.06
C MET D 311 -19.65 5.30 -12.01
N ASN D 312 -19.01 6.06 -12.86
CA ASN D 312 -19.14 7.53 -12.72
C ASN D 312 -20.03 8.15 -13.79
N TYR D 313 -20.83 7.34 -14.46
CA TYR D 313 -21.66 7.82 -15.54
C TYR D 313 -23.04 7.12 -15.55
N GLY D 314 -23.95 7.71 -16.32
CA GLY D 314 -25.26 7.13 -16.57
C GLY D 314 -25.33 6.48 -17.92
N LEU D 315 -26.45 5.79 -18.11
CA LEU D 315 -26.75 5.08 -19.35
C LEU D 315 -26.71 5.97 -20.59
N VAL D 316 -27.32 7.15 -20.51
CA VAL D 316 -27.46 8.01 -21.69
C VAL D 316 -26.11 8.66 -21.98
N GLU D 317 -25.41 9.03 -20.90
CA GLU D 317 -23.99 9.48 -20.99
C GLU D 317 -23.14 8.42 -21.71
N TYR D 318 -23.28 7.15 -21.29
CA TYR D 318 -22.57 6.04 -21.97
C TYR D 318 -22.88 6.08 -23.46
N ALA D 319 -24.16 6.07 -23.83
CA ALA D 319 -24.55 6.19 -25.26
C ALA D 319 -23.96 7.40 -25.97
N ARG D 320 -24.06 8.59 -25.36
CA ARG D 320 -23.46 9.77 -25.99
C ARG D 320 -21.93 9.67 -26.21
N ASN D 321 -21.23 9.20 -25.19
CA ASN D 321 -19.82 9.02 -25.37
C ASN D 321 -19.51 8.15 -26.58
N ILE D 322 -20.22 7.04 -26.78
CA ILE D 322 -19.94 6.21 -27.94
C ILE D 322 -20.34 6.89 -29.24
N VAL D 323 -21.58 7.37 -29.29
CA VAL D 323 -22.09 7.98 -30.55
C VAL D 323 -21.33 9.26 -30.91
N ASN D 324 -21.14 10.15 -29.94
CA ASN D 324 -20.46 11.40 -30.27
C ASN D 324 -19.03 11.19 -30.76
N THR D 325 -18.29 10.31 -30.08
CA THR D 325 -16.89 10.01 -30.43
C THR D 325 -16.76 9.34 -31.79
N VAL D 326 -17.46 8.26 -32.04
CA VAL D 326 -17.44 7.69 -33.38
C VAL D 326 -17.79 8.75 -34.43
N GLY D 327 -18.82 9.54 -34.13
CA GLY D 327 -19.35 10.51 -35.10
C GLY D 327 -18.28 11.51 -35.50
N ASP D 328 -17.63 12.10 -34.48
CA ASP D 328 -16.59 13.09 -34.70
C ASP D 328 -15.40 12.52 -35.42
N VAL D 329 -15.04 11.27 -35.16
CA VAL D 329 -13.90 10.72 -35.89
C VAL D 329 -14.22 10.56 -37.38
N CYS D 330 -15.38 9.98 -37.67
CA CYS D 330 -15.86 9.83 -39.01
C CYS D 330 -15.90 11.15 -39.74
N LYS D 331 -16.38 12.20 -39.07
CA LYS D 331 -16.38 13.53 -39.65
C LYS D 331 -15.00 13.99 -40.01
N ASP D 332 -14.01 13.67 -39.19
CA ASP D 332 -12.68 14.18 -39.43
C ASP D 332 -12.03 13.48 -40.63
N TYR D 333 -12.44 12.25 -40.88
CA TYR D 333 -11.93 11.49 -42.02
C TYR D 333 -12.84 11.52 -43.24
N LYS D 334 -14.01 12.16 -43.12
CA LYS D 334 -15.04 12.18 -44.18
C LYS D 334 -15.48 10.74 -44.55
N GLN D 335 -15.66 9.90 -43.56
CA GLN D 335 -16.06 8.54 -43.82
C GLN D 335 -17.55 8.36 -43.47
N PRO D 336 -18.22 7.35 -44.06
CA PRO D 336 -19.58 7.03 -43.58
C PRO D 336 -19.58 6.34 -42.19
N MET D 337 -20.61 6.60 -41.41
CA MET D 337 -20.80 6.09 -40.06
C MET D 337 -21.44 4.70 -40.03
N PRO D 338 -20.86 3.78 -39.27
CA PRO D 338 -21.31 2.40 -39.22
C PRO D 338 -22.48 2.18 -38.26
N VAL D 339 -23.13 1.03 -38.40
CA VAL D 339 -23.99 0.51 -37.35
C VAL D 339 -23.13 0.36 -36.07
N ILE D 340 -23.68 0.81 -34.96
CA ILE D 340 -23.06 0.67 -33.65
C ILE D 340 -23.71 -0.46 -32.91
N ILE D 341 -22.91 -1.39 -32.45
CA ILE D 341 -23.40 -2.52 -31.63
C ILE D 341 -22.80 -2.40 -30.23
N SER D 342 -23.55 -2.71 -29.17
CA SER D 342 -22.92 -2.94 -27.89
C SER D 342 -23.31 -4.30 -27.42
N GLU D 343 -22.45 -4.96 -26.64
CA GLU D 343 -22.75 -6.27 -26.09
C GLU D 343 -22.91 -6.18 -24.56
N SER D 344 -23.92 -5.44 -24.16
CA SER D 344 -24.12 -5.06 -22.76
C SER D 344 -24.87 -6.08 -21.87
N GLY D 345 -24.23 -7.20 -21.53
CA GLY D 345 -24.94 -8.29 -20.87
C GLY D 345 -25.21 -8.05 -19.42
N ARG D 346 -24.17 -7.63 -18.71
CA ARG D 346 -24.32 -7.30 -17.34
C ARG D 346 -25.43 -6.25 -17.20
N SER D 347 -25.45 -5.28 -18.08
CA SER D 347 -26.43 -4.22 -17.89
C SER D 347 -27.93 -4.68 -18.16
N LEU D 348 -28.09 -5.62 -19.08
CA LEU D 348 -29.40 -6.25 -19.31
C LEU D 348 -29.93 -7.10 -18.13
N THR D 349 -29.02 -7.71 -17.36
CA THR D 349 -29.41 -8.85 -16.53
C THR D 349 -29.28 -8.65 -15.05
N ALA D 350 -28.44 -7.72 -14.59
CA ALA D 350 -28.25 -7.65 -13.16
C ALA D 350 -29.53 -7.57 -12.31
N HIS D 351 -30.41 -6.62 -12.64
CA HIS D 351 -31.50 -6.23 -11.73
C HIS D 351 -32.58 -7.30 -11.67
N HIS D 352 -32.67 -8.17 -12.69
CA HIS D 352 -33.90 -8.93 -12.84
C HIS D 352 -34.14 -10.03 -11.80
N ALA D 353 -33.15 -10.29 -10.92
CA ALA D 353 -33.20 -11.40 -10.03
C ALA D 353 -32.81 -11.10 -8.58
N VAL D 354 -33.41 -11.89 -7.67
CA VAL D 354 -33.22 -11.71 -6.26
C VAL D 354 -33.14 -13.05 -5.61
N LEU D 355 -32.16 -13.23 -4.72
CA LEU D 355 -32.03 -14.45 -4.05
C LEU D 355 -32.63 -14.18 -2.71
N ILE D 356 -33.62 -14.98 -2.31
CA ILE D 356 -34.27 -14.79 -1.02
C ILE D 356 -34.03 -15.98 -0.21
N SER D 357 -33.67 -15.75 1.05
CA SER D 357 -33.64 -16.82 2.04
C SER D 357 -33.93 -16.32 3.41
N ASN D 358 -33.88 -17.23 4.37
CA ASN D 358 -34.23 -16.86 5.74
C ASN D 358 -33.02 -16.88 6.68
N VAL D 359 -33.16 -16.12 7.77
CA VAL D 359 -32.22 -16.05 8.85
C VAL D 359 -32.70 -17.10 9.79
N ILE D 360 -31.90 -18.15 9.94
CA ILE D 360 -32.31 -19.23 10.83
C ILE D 360 -31.76 -19.17 12.21
N GLY D 361 -30.81 -18.29 12.45
CA GLY D 361 -30.39 -18.07 13.81
C GLY D 361 -29.50 -16.87 13.96
N THR D 362 -29.20 -16.54 15.21
CA THR D 362 -28.35 -15.39 15.45
C THR D 362 -27.50 -15.59 16.70
N GLU D 363 -26.46 -14.79 16.83
CA GLU D 363 -25.72 -14.61 18.06
C GLU D 363 -25.80 -13.11 18.28
N THR D 364 -26.39 -12.74 19.41
CA THR D 364 -26.52 -11.40 19.81
C THR D 364 -26.00 -11.35 21.26
N TYR D 365 -25.60 -10.17 21.71
CA TYR D 365 -25.31 -9.95 23.10
C TYR D 365 -26.56 -9.48 23.90
N LYS D 366 -26.80 -10.20 24.98
CA LYS D 366 -27.89 -9.90 25.89
C LYS D 366 -27.36 -9.14 27.14
N PRO D 367 -27.79 -7.90 27.36
CA PRO D 367 -27.31 -7.14 28.51
C PRO D 367 -27.51 -7.88 29.80
N GLU D 368 -26.45 -8.13 30.53
CA GLU D 368 -26.67 -8.80 31.80
C GLU D 368 -26.03 -8.09 33.00
N THR D 369 -26.52 -8.47 34.17
CA THR D 369 -26.19 -7.81 35.41
C THR D 369 -24.70 -8.17 35.75
N VAL D 370 -23.88 -7.18 36.06
CA VAL D 370 -22.45 -7.42 36.35
C VAL D 370 -22.25 -7.90 37.79
N THR D 371 -21.68 -9.08 37.97
CA THR D 371 -21.55 -9.64 39.31
C THR D 371 -20.39 -8.98 40.02
N GLU D 372 -20.50 -8.87 41.34
CA GLU D 372 -19.45 -8.33 42.16
C GLU D 372 -18.27 -9.27 42.17
N PRO D 373 -17.05 -8.73 42.03
CA PRO D 373 -15.88 -9.54 42.20
C PRO D 373 -15.94 -10.26 43.52
N GLU D 374 -15.43 -11.48 43.49
CA GLU D 374 -15.22 -12.24 44.69
C GLU D 374 -13.92 -11.80 45.34
N GLU D 375 -13.80 -12.17 46.61
CA GLU D 375 -12.62 -11.93 47.44
C GLU D 375 -11.29 -12.20 46.71
N ASP D 376 -11.12 -13.37 46.11
CA ASP D 376 -9.84 -13.73 45.48
C ASP D 376 -9.69 -13.31 43.99
N PHE D 377 -10.44 -12.32 43.54
CA PHE D 377 -10.26 -11.78 42.19
C PHE D 377 -8.98 -10.93 42.14
N PRO D 378 -8.21 -11.03 41.05
CA PRO D 378 -7.03 -10.18 41.06
C PRO D 378 -7.40 -8.71 40.85
N LEU D 379 -6.39 -7.87 41.03
CA LEU D 379 -6.49 -6.44 40.99
C LEU D 379 -7.05 -5.89 39.67
N LEU D 380 -6.62 -6.49 38.57
CA LEU D 380 -7.03 -6.02 37.26
C LEU D 380 -8.56 -6.14 37.10
N LEU D 381 -9.13 -7.20 37.64
CA LEU D 381 -10.57 -7.35 37.56
C LEU D 381 -11.32 -6.40 38.52
N ASN D 382 -10.80 -6.23 39.74
CA ASN D 382 -11.31 -5.22 40.66
C ASN D 382 -11.35 -3.84 40.06
N ASN D 383 -10.29 -3.47 39.35
CA ASN D 383 -10.29 -2.26 38.54
C ASN D 383 -11.43 -2.10 37.49
N MET D 384 -11.79 -3.20 36.86
CA MET D 384 -12.91 -3.27 35.92
C MET D 384 -14.25 -3.11 36.63
N TRP D 385 -14.38 -3.72 37.78
CA TRP D 385 -15.50 -3.51 38.63
C TRP D 385 -15.66 -2.01 38.93
N ARG D 386 -14.57 -1.34 39.24
CA ARG D 386 -14.65 0.07 39.59
C ARG D 386 -15.13 0.85 38.36
N SER D 387 -14.58 0.60 37.18
CA SER D 387 -15.06 1.32 35.98
C SER D 387 -16.56 1.19 35.86
N TRP D 388 -17.07 -0.02 36.01
CA TRP D 388 -18.47 -0.27 35.81
C TRP D 388 -19.31 0.54 36.82
N LEU D 389 -18.88 0.53 38.07
CA LEU D 389 -19.57 1.32 39.13
C LEU D 389 -19.57 2.82 38.93
N ASN D 390 -18.54 3.29 38.23
CA ASN D 390 -18.34 4.69 37.92
C ASN D 390 -19.07 5.07 36.65
N LEU D 391 -19.70 4.11 36.03
CA LEU D 391 -20.32 4.42 34.78
C LEU D 391 -21.82 4.52 35.00
N HIS D 392 -22.30 5.75 34.95
CA HIS D 392 -23.69 6.02 35.21
C HIS D 392 -24.13 7.26 34.44
N ASN D 393 -25.38 7.64 34.70
CA ASN D 393 -26.07 8.63 33.90
C ASN D 393 -25.54 10.02 34.17
N GLY D 394 -24.92 10.20 35.34
CA GLY D 394 -24.24 11.45 35.69
C GLY D 394 -22.88 11.63 35.02
N THR D 395 -22.38 10.60 34.33
CA THR D 395 -20.97 10.64 33.91
C THR D 395 -20.75 11.44 32.61
N ASP D 396 -19.82 12.38 32.69
CA ASP D 396 -19.65 13.37 31.64
C ASP D 396 -18.98 12.76 30.40
N ALA D 397 -19.02 13.54 29.30
CA ALA D 397 -18.66 13.11 27.94
C ALA D 397 -17.17 12.79 27.68
N ARG D 398 -16.28 13.34 28.50
CA ARG D 398 -14.85 13.06 28.27
C ARG D 398 -14.30 11.91 29.13
N ALA D 399 -14.91 11.68 30.30
CA ALA D 399 -14.71 10.42 30.98
C ALA D 399 -15.16 9.23 30.06
N LEU D 400 -16.19 9.38 29.22
CA LEU D 400 -16.72 8.24 28.48
C LEU D 400 -15.67 7.66 27.54
N ILE D 401 -15.04 8.52 26.72
CA ILE D 401 -13.97 8.09 25.84
C ILE D 401 -12.89 7.45 26.69
N GLU D 402 -12.47 8.10 27.76
CA GLU D 402 -11.49 7.52 28.63
C GLU D 402 -11.89 6.09 29.11
N ILE D 403 -13.11 5.95 29.64
CA ILE D 403 -13.56 4.65 30.11
C ILE D 403 -13.50 3.60 28.98
N TYR D 404 -13.91 4.00 27.80
CA TYR D 404 -13.72 3.19 26.63
C TYR D 404 -12.28 2.73 26.44
N ASN D 405 -11.34 3.66 26.61
CA ASN D 405 -9.94 3.33 26.44
C ASN D 405 -9.47 2.43 27.54
N ASP D 406 -9.88 2.72 28.78
CA ASP D 406 -9.47 1.90 29.91
C ASP D 406 -9.95 0.47 29.69
N THR D 407 -11.15 0.31 29.17
CA THR D 407 -11.80 -1.02 29.13
C THR D 407 -11.12 -1.92 28.06
N GLN D 408 -10.79 -1.31 26.91
CA GLN D 408 -10.09 -1.97 25.85
C GLN D 408 -8.71 -2.43 26.34
N SER D 409 -7.98 -1.55 27.02
CA SER D 409 -6.69 -1.89 27.60
C SER D 409 -6.80 -2.98 28.70
N ASP D 410 -7.82 -2.88 29.56
CA ASP D 410 -7.98 -3.89 30.62
C ASP D 410 -8.24 -5.28 30.03
N LEU D 411 -9.05 -5.35 28.99
CA LEU D 411 -9.45 -6.65 28.43
C LEU D 411 -8.30 -7.26 27.64
N ALA D 412 -7.61 -6.44 26.88
CA ALA D 412 -6.44 -6.93 26.20
C ALA D 412 -5.44 -7.53 27.18
N GLU D 413 -5.31 -6.95 28.36
CA GLU D 413 -4.37 -7.47 29.37
C GLU D 413 -4.92 -8.70 30.06
N VAL D 414 -6.19 -8.78 30.30
CA VAL D 414 -6.83 -10.06 30.63
C VAL D 414 -6.53 -11.19 29.63
N HIS D 415 -6.69 -10.94 28.33
CA HIS D 415 -6.31 -11.96 27.33
C HIS D 415 -4.84 -12.36 27.34
N SER D 416 -3.95 -11.40 27.57
CA SER D 416 -2.53 -11.70 27.67
C SER D 416 -2.25 -12.52 28.89
N GLN D 417 -2.94 -12.20 29.97
CA GLN D 417 -2.75 -12.91 31.20
C GLN D 417 -3.29 -14.34 31.15
N PHE D 418 -4.46 -14.52 30.56
CA PHE D 418 -4.99 -15.85 30.31
C PHE D 418 -4.00 -16.69 29.49
N ALA D 419 -3.51 -16.15 28.37
CA ALA D 419 -2.50 -16.86 27.49
C ALA D 419 -1.23 -17.34 28.22
N THR D 420 -0.88 -16.67 29.30
CA THR D 420 0.40 -16.96 29.93
C THR D 420 0.17 -17.70 31.26
N GLY D 421 -1.06 -18.05 31.61
CA GLY D 421 -1.22 -18.85 32.82
C GLY D 421 -1.61 -18.08 34.06
N VAL D 422 -1.78 -16.77 33.97
CA VAL D 422 -2.02 -15.97 35.20
C VAL D 422 -3.51 -15.97 35.61
N LEU D 423 -4.43 -16.17 34.68
CA LEU D 423 -5.83 -16.02 34.95
C LEU D 423 -6.54 -17.30 34.65
N THR D 424 -7.60 -17.57 35.38
CA THR D 424 -8.43 -18.74 35.10
C THR D 424 -9.38 -18.44 33.94
N LEU D 425 -10.04 -19.50 33.45
CA LEU D 425 -11.10 -19.36 32.46
C LEU D 425 -12.28 -18.53 32.95
N GLU D 426 -12.66 -18.74 34.22
CA GLU D 426 -13.77 -17.99 34.85
C GLU D 426 -13.49 -16.51 34.90
N HIS D 427 -12.27 -16.16 35.28
CA HIS D 427 -11.87 -14.79 35.24
C HIS D 427 -11.87 -14.21 33.84
N ARG D 428 -11.41 -15.00 32.87
CA ARG D 428 -11.44 -14.54 31.49
C ARG D 428 -12.86 -14.18 31.15
N ALA D 429 -13.77 -15.12 31.41
CA ALA D 429 -15.21 -14.98 31.16
C ALA D 429 -15.79 -13.76 31.85
N TRP D 430 -15.51 -13.61 33.14
CA TRP D 430 -16.07 -12.49 33.85
C TRP D 430 -15.68 -11.19 33.14
N ALA D 431 -14.41 -11.09 32.81
CA ALA D 431 -13.86 -9.88 32.18
C ALA D 431 -14.49 -9.55 30.80
N GLU D 432 -14.69 -10.59 30.01
CA GLU D 432 -15.28 -10.46 28.69
C GLU D 432 -16.72 -9.98 28.81
N GLN D 433 -17.49 -10.59 29.69
CA GLN D 433 -18.89 -10.21 29.81
C GLN D 433 -19.04 -8.83 30.41
N THR D 434 -18.18 -8.49 31.37
CA THR D 434 -18.19 -7.14 31.95
C THR D 434 -17.74 -6.05 30.96
N SER D 435 -16.80 -6.39 30.07
CA SER D 435 -16.34 -5.47 29.02
C SER D 435 -17.49 -5.19 28.07
N LEU D 436 -18.18 -6.27 27.68
CA LEU D 436 -19.36 -6.19 26.80
C LEU D 436 -20.46 -5.34 27.41
N ARG D 437 -20.71 -5.54 28.71
CA ARG D 437 -21.70 -4.71 29.38
C ARG D 437 -21.27 -3.25 29.43
N ILE D 438 -20.01 -2.99 29.72
CA ILE D 438 -19.54 -1.60 29.64
C ILE D 438 -19.65 -1.07 28.19
N TYR D 439 -19.33 -1.89 27.19
CA TYR D 439 -19.47 -1.35 25.85
C TYR D 439 -20.93 -0.97 25.56
N TYR D 440 -21.84 -1.86 25.93
CA TYR D 440 -23.25 -1.63 25.79
C TYR D 440 -23.73 -0.31 26.47
N GLU D 441 -23.25 -0.08 27.70
CA GLU D 441 -23.59 1.15 28.38
C GLU D 441 -23.07 2.37 27.67
N LEU D 442 -21.82 2.30 27.26
CA LEU D 442 -21.19 3.42 26.60
C LEU D 442 -21.97 3.79 25.35
N ASN D 443 -22.49 2.77 24.68
CA ASN D 443 -23.27 2.97 23.49
C ASN D 443 -24.61 3.70 23.72
N ARG D 444 -25.02 3.76 24.97
CA ARG D 444 -26.24 4.45 25.28
C ARG D 444 -25.91 5.84 25.77
N LEU D 445 -24.85 5.96 26.54
CA LEU D 445 -24.51 7.25 27.14
C LEU D 445 -23.94 8.22 26.16
N MET D 446 -23.19 7.76 25.18
CA MET D 446 -22.59 8.59 24.16
C MET D 446 -23.61 9.13 23.16
N SER D 447 -23.28 10.24 22.51
CA SER D 447 -24.19 10.96 21.63
C SER D 447 -23.54 11.13 20.26
N THR D 448 -24.31 10.86 19.20
CA THR D 448 -23.89 11.13 17.82
C THR D 448 -23.88 12.63 17.50
N LYS D 449 -24.30 13.47 18.45
CA LYS D 449 -24.20 14.92 18.30
C LYS D 449 -22.82 15.37 18.83
N ASN D 450 -22.01 14.42 19.27
CA ASN D 450 -20.71 14.77 19.76
C ASN D 450 -19.69 14.25 18.80
N ARG D 451 -18.91 15.19 18.27
CA ARG D 451 -17.95 14.93 17.22
C ARG D 451 -16.88 13.88 17.64
N PHE D 452 -16.55 13.80 18.92
CA PHE D 452 -15.59 12.83 19.45
C PHE D 452 -16.18 11.48 19.80
N HIS D 453 -17.45 11.44 20.23
CA HIS D 453 -18.13 10.15 20.33
C HIS D 453 -18.30 9.41 19.01
N ARG D 454 -18.53 10.13 17.91
CA ARG D 454 -18.99 9.49 16.66
C ARG D 454 -18.12 8.36 16.21
N PRO D 455 -16.77 8.57 16.06
CA PRO D 455 -15.99 7.40 15.67
C PRO D 455 -15.93 6.29 16.72
N ILE D 456 -16.18 6.59 18.00
CA ILE D 456 -16.22 5.50 18.98
C ILE D 456 -17.52 4.68 18.77
N LEU D 457 -18.61 5.39 18.52
CA LEU D 457 -19.94 4.85 18.25
C LEU D 457 -19.89 3.94 17.06
N ASP D 458 -19.06 4.30 16.07
CA ASP D 458 -18.79 3.43 14.94
C ASP D 458 -18.15 2.10 15.31
N GLU D 459 -17.10 2.16 16.13
CA GLU D 459 -16.41 0.95 16.63
C GLU D 459 -17.34 0.09 17.48
N LEU D 460 -18.18 0.72 18.29
CA LEU D 460 -19.16 0.07 19.14
C LEU D 460 -20.30 -0.63 18.38
N SER D 461 -20.75 -0.01 17.30
CA SER D 461 -21.63 -0.62 16.33
C SER D 461 -21.13 -1.97 15.85
N GLU D 462 -19.83 -2.11 15.66
CA GLU D 462 -19.28 -3.38 15.20
C GLU D 462 -19.17 -4.30 16.40
N ARG D 463 -18.79 -3.72 17.52
CA ARG D 463 -18.65 -4.49 18.72
C ARG D 463 -19.95 -5.19 19.14
N LEU D 464 -21.07 -4.49 18.96
CA LEU D 464 -22.34 -4.91 19.52
C LEU D 464 -23.31 -5.41 18.46
N ALA D 465 -22.86 -5.52 17.21
CA ALA D 465 -23.70 -6.06 16.15
C ALA D 465 -24.17 -7.52 16.43
N ASP D 466 -25.37 -7.87 16.01
CA ASP D 466 -25.77 -9.27 15.96
C ASP D 466 -25.13 -9.99 14.76
N LYS D 467 -24.77 -11.25 14.95
CA LYS D 467 -24.49 -12.18 13.85
C LYS D 467 -25.81 -12.80 13.35
N PHE D 468 -26.10 -12.72 12.06
CA PHE D 468 -27.32 -13.36 11.50
C PHE D 468 -26.86 -14.48 10.61
N PHE D 469 -27.31 -15.71 10.85
CA PHE D 469 -26.96 -16.79 9.94
C PHE D 469 -28.05 -16.96 8.92
N VAL D 470 -27.67 -16.90 7.67
CA VAL D 470 -28.60 -17.02 6.57
C VAL D 470 -28.47 -18.37 5.96
N ASN D 471 -29.60 -18.96 5.65
CA ASN D 471 -29.72 -20.30 5.13
C ASN D 471 -29.52 -20.31 3.63
N PHE D 472 -28.28 -20.12 3.25
CA PHE D 472 -27.81 -20.10 1.89
C PHE D 472 -26.31 -20.34 1.79
N SER D 473 -25.84 -20.59 0.59
CA SER D 473 -24.44 -20.58 0.38
C SER D 473 -24.02 -19.51 -0.61
N LEU D 474 -23.10 -18.70 -0.17
CA LEU D 474 -22.51 -17.65 -0.91
C LEU D 474 -21.67 -18.18 -2.08
N PHE D 475 -20.98 -19.25 -1.85
CA PHE D 475 -20.23 -19.93 -2.90
C PHE D 475 -21.17 -20.45 -3.93
N GLN D 476 -22.37 -20.84 -3.49
CA GLN D 476 -23.36 -21.27 -4.47
C GLN D 476 -24.00 -20.08 -5.21
N SER D 477 -24.37 -19.05 -4.47
CA SER D 477 -25.36 -18.11 -5.03
C SER D 477 -24.80 -16.73 -5.32
N LEU D 478 -23.68 -16.38 -4.66
CA LEU D 478 -22.99 -15.09 -4.81
C LEU D 478 -21.45 -15.26 -5.02
N PRO D 479 -21.01 -16.14 -5.96
CA PRO D 479 -19.54 -16.46 -6.06
C PRO D 479 -18.58 -15.22 -6.17
N ASP D 480 -19.01 -14.17 -6.87
CA ASP D 480 -18.25 -12.92 -7.04
C ASP D 480 -18.03 -12.12 -5.75
N SER D 481 -18.87 -12.38 -4.75
CA SER D 481 -18.71 -11.79 -3.46
C SER D 481 -17.41 -12.30 -2.82
N TRP D 482 -17.27 -13.64 -2.76
CA TRP D 482 -16.05 -14.39 -2.37
C TRP D 482 -14.82 -14.09 -3.25
N GLY D 483 -14.98 -14.18 -4.57
CA GLY D 483 -13.85 -14.12 -5.50
C GLY D 483 -13.33 -12.75 -5.95
N ILE D 484 -14.19 -11.74 -5.94
CA ILE D 484 -13.72 -10.42 -6.39
C ILE D 484 -14.16 -9.33 -5.47
N ASP D 485 -14.65 -9.72 -4.30
CA ASP D 485 -15.13 -8.75 -3.29
C ASP D 485 -16.25 -7.81 -3.83
N GLN D 486 -16.99 -8.34 -4.80
CA GLN D 486 -18.17 -7.71 -5.36
C GLN D 486 -19.17 -7.49 -4.24
N VAL D 487 -19.69 -6.29 -4.13
CA VAL D 487 -20.75 -5.98 -3.21
C VAL D 487 -22.12 -6.15 -3.88
N PHE D 488 -23.13 -6.52 -3.08
CA PHE D 488 -24.51 -6.64 -3.51
C PHE D 488 -25.40 -6.09 -2.43
N PRO D 489 -26.42 -5.31 -2.81
CA PRO D 489 -27.37 -4.88 -1.81
C PRO D 489 -28.05 -6.09 -1.14
N VAL D 490 -28.23 -6.02 0.18
CA VAL D 490 -28.76 -7.12 0.97
C VAL D 490 -29.67 -6.49 1.99
N LEU D 491 -30.93 -6.90 2.05
CA LEU D 491 -31.89 -6.27 2.93
C LEU D 491 -32.94 -7.22 3.49
N PRO D 492 -33.37 -6.96 4.73
CA PRO D 492 -34.55 -7.64 5.23
C PRO D 492 -35.69 -7.24 4.32
N LEU D 493 -36.61 -8.17 4.11
CA LEU D 493 -37.75 -7.93 3.23
C LEU D 493 -38.94 -7.26 3.96
N SER D 494 -39.03 -7.43 5.27
CA SER D 494 -40.22 -7.08 6.02
C SER D 494 -39.90 -6.38 7.30
N GLY D 495 -40.94 -5.82 7.91
CA GLY D 495 -40.84 -5.26 9.23
C GLY D 495 -39.90 -4.08 9.24
N LEU D 496 -39.71 -3.40 8.10
CA LEU D 496 -38.69 -2.36 8.02
C LEU D 496 -39.03 -1.05 8.78
N GLN D 497 -40.27 -0.87 9.24
CA GLN D 497 -40.51 0.21 10.18
C GLN D 497 -39.55 0.14 11.40
N ASN D 498 -39.15 -1.06 11.83
CA ASN D 498 -38.28 -1.17 12.98
C ASN D 498 -36.78 -1.22 12.74
N ALA D 499 -36.36 -0.89 11.50
CA ALA D 499 -34.96 -1.05 11.06
C ALA D 499 -33.89 -0.30 11.86
N ALA D 500 -34.31 0.54 12.79
CA ALA D 500 -33.33 1.22 13.68
C ALA D 500 -32.97 0.35 14.91
N ASP D 501 -33.55 -0.85 14.97
CA ASP D 501 -33.46 -1.70 16.13
C ASP D 501 -32.03 -2.18 16.50
N ARG D 502 -31.34 -2.80 15.55
CA ARG D 502 -30.05 -3.49 15.79
C ARG D 502 -29.10 -3.19 14.66
N ARG D 503 -27.88 -3.66 14.77
CA ARG D 503 -26.95 -3.71 13.63
C ARG D 503 -26.57 -5.16 13.45
N ALA D 504 -26.27 -5.54 12.22
CA ALA D 504 -25.98 -6.95 11.97
C ALA D 504 -25.01 -7.20 10.83
N VAL D 505 -24.41 -8.40 10.84
CA VAL D 505 -23.65 -8.93 9.73
C VAL D 505 -24.28 -10.25 9.31
N MET D 506 -24.22 -10.56 8.04
CA MET D 506 -24.75 -11.79 7.48
C MET D 506 -23.67 -12.84 7.27
N LEU D 507 -23.91 -14.07 7.70
CA LEU D 507 -22.99 -15.19 7.49
C LEU D 507 -23.81 -16.28 6.85
N ASP D 508 -23.20 -17.02 5.93
CA ASP D 508 -23.89 -18.16 5.32
C ASP D 508 -23.74 -19.40 6.18
N ILE D 509 -24.29 -20.52 5.76
CA ILE D 509 -24.29 -21.64 6.67
C ILE D 509 -23.24 -22.68 6.33
N THR D 510 -22.29 -22.34 5.46
CA THR D 510 -21.15 -23.21 5.16
C THR D 510 -20.19 -23.10 6.32
N CYS D 511 -19.42 -24.14 6.57
CA CYS D 511 -18.48 -24.11 7.69
C CYS D 511 -17.24 -23.23 7.39
N ASP D 512 -17.23 -22.54 6.25
CA ASP D 512 -16.05 -21.83 5.71
C ASP D 512 -16.04 -20.37 6.16
N SER D 513 -14.93 -19.85 6.66
CA SER D 513 -14.98 -18.47 7.15
C SER D 513 -15.09 -17.40 6.06
N ASP D 514 -14.82 -17.77 4.82
CA ASP D 514 -15.13 -16.89 3.71
C ASP D 514 -16.63 -16.78 3.32
N GLY D 515 -17.49 -17.59 3.94
CA GLY D 515 -18.94 -17.50 3.78
C GLY D 515 -19.59 -16.45 4.65
N ALA D 516 -19.27 -15.18 4.36
CA ALA D 516 -19.69 -14.04 5.14
C ALA D 516 -19.66 -12.80 4.23
N ILE D 517 -20.66 -11.92 4.32
CA ILE D 517 -20.63 -10.66 3.61
C ILE D 517 -19.81 -9.62 4.41
N ASP D 518 -18.92 -8.92 3.72
CA ASP D 518 -18.07 -7.92 4.33
C ASP D 518 -18.60 -6.51 4.23
N ALA D 519 -19.27 -6.21 3.13
CA ALA D 519 -19.73 -4.86 2.88
C ALA D 519 -21.23 -4.83 2.64
N TYR D 520 -21.88 -3.86 3.25
CA TYR D 520 -23.31 -3.66 3.11
C TYR D 520 -23.65 -2.35 2.37
N VAL D 521 -24.74 -2.37 1.61
CA VAL D 521 -25.19 -1.14 1.01
C VAL D 521 -26.28 -0.55 1.86
N ASP D 522 -26.03 0.61 2.43
CA ASP D 522 -27.15 1.32 3.03
C ASP D 522 -27.22 2.77 2.51
N GLY D 523 -27.96 3.62 3.22
CA GLY D 523 -28.20 5.01 2.78
C GLY D 523 -27.00 5.81 2.31
N GLN D 524 -25.91 5.78 3.06
CA GLN D 524 -24.76 6.57 2.69
C GLN D 524 -23.72 5.75 1.90
N GLY D 525 -24.03 4.51 1.53
CA GLY D 525 -23.10 3.71 0.75
C GLY D 525 -22.70 2.44 1.50
N ILE D 526 -21.41 2.11 1.44
CA ILE D 526 -20.86 0.88 2.00
C ILE D 526 -20.54 1.04 3.50
N GLU D 527 -21.15 0.20 4.34
CA GLU D 527 -20.78 0.10 5.72
C GLU D 527 -20.44 -1.35 6.01
N SER D 528 -19.91 -1.57 7.20
CA SER D 528 -19.36 -2.87 7.55
C SER D 528 -20.35 -3.62 8.41
N THR D 529 -21.46 -2.98 8.66
CA THR D 529 -22.60 -3.59 9.31
C THR D 529 -23.89 -2.97 8.70
N LEU D 530 -25.04 -3.61 8.88
CA LEU D 530 -26.30 -3.16 8.23
C LEU D 530 -27.34 -2.95 9.32
N PRO D 531 -28.11 -1.83 9.32
CA PRO D 531 -29.21 -1.68 10.32
C PRO D 531 -30.37 -2.59 9.94
N VAL D 532 -31.01 -3.21 10.93
CA VAL D 532 -32.02 -4.24 10.63
C VAL D 532 -33.07 -4.31 11.74
N PRO D 533 -34.28 -4.82 11.42
CA PRO D 533 -35.20 -5.14 12.51
C PRO D 533 -34.71 -6.26 13.43
N ALA D 534 -35.12 -6.27 14.70
CA ALA D 534 -34.74 -7.36 15.63
C ALA D 534 -35.25 -8.69 15.08
N TRP D 535 -34.48 -9.75 15.32
CA TRP D 535 -34.85 -11.10 14.94
C TRP D 535 -35.63 -11.66 16.10
N ASN D 536 -36.61 -12.50 15.79
CA ASN D 536 -37.46 -13.16 16.78
C ASN D 536 -37.49 -14.67 16.47
N GLU D 537 -37.18 -15.51 17.44
CA GLU D 537 -37.35 -16.96 17.30
C GLU D 537 -38.74 -17.43 16.78
N ASP D 538 -39.80 -16.61 16.91
CA ASP D 538 -41.18 -17.04 16.55
C ASP D 538 -41.69 -16.62 15.15
N GLU D 539 -40.96 -15.77 14.42
CA GLU D 539 -41.44 -15.23 13.13
C GLU D 539 -40.46 -15.39 11.94
N PRO D 540 -40.96 -15.66 10.72
CA PRO D 540 -39.99 -15.73 9.61
C PRO D 540 -39.24 -14.43 9.48
N TYR D 541 -38.03 -14.52 8.97
CA TYR D 541 -37.21 -13.36 8.75
C TYR D 541 -36.54 -13.53 7.40
N LEU D 542 -37.07 -12.89 6.38
CA LEU D 542 -36.50 -13.06 5.06
C LEU D 542 -35.55 -11.93 4.73
N MET D 543 -34.44 -12.28 4.13
CA MET D 543 -33.49 -11.37 3.55
C MET D 543 -33.52 -11.52 2.05
N GLY D 544 -33.21 -10.46 1.35
CA GLY D 544 -32.98 -10.60 -0.06
C GLY D 544 -31.62 -10.01 -0.44
N PHE D 545 -31.00 -10.61 -1.46
CA PHE D 545 -29.77 -10.12 -2.11
C PHE D 545 -30.08 -9.79 -3.55
N PHE D 546 -29.86 -8.57 -3.92
CA PHE D 546 -30.27 -7.97 -5.14
C PHE D 546 -29.13 -7.80 -6.14
N LEU D 547 -29.47 -7.60 -7.39
CA LEU D 547 -28.55 -7.42 -8.50
C LEU D 547 -27.62 -8.61 -8.74
N VAL D 548 -28.15 -9.78 -8.51
CA VAL D 548 -27.50 -11.09 -8.61
C VAL D 548 -27.66 -11.76 -9.96
N GLY D 549 -28.33 -11.05 -10.83
CA GLY D 549 -28.77 -11.40 -12.14
C GLY D 549 -27.69 -11.71 -13.12
N ALA D 550 -26.58 -10.99 -13.09
CA ALA D 550 -25.47 -11.27 -13.96
C ALA D 550 -24.33 -11.95 -13.23
N TYR D 551 -24.03 -13.11 -13.73
CA TYR D 551 -22.87 -13.98 -13.74
C TYR D 551 -22.87 -14.81 -12.50
N GLN D 552 -23.74 -14.55 -11.54
CA GLN D 552 -23.83 -15.33 -10.34
C GLN D 552 -24.25 -16.76 -10.45
N GLU D 553 -25.24 -16.98 -11.27
CA GLU D 553 -25.80 -18.27 -11.49
C GLU D 553 -24.93 -19.29 -12.10
N ILE D 554 -24.17 -18.90 -13.09
CA ILE D 554 -23.33 -19.83 -13.77
C ILE D 554 -21.99 -19.92 -13.11
N LEU D 555 -21.71 -18.99 -12.22
CA LEU D 555 -20.42 -19.05 -11.57
C LEU D 555 -20.46 -19.87 -10.28
N GLY D 556 -21.65 -20.15 -9.76
CA GLY D 556 -21.79 -20.94 -8.50
C GLY D 556 -21.15 -22.33 -8.47
N ASP D 557 -20.78 -22.78 -7.26
CA ASP D 557 -20.27 -24.15 -7.02
C ASP D 557 -20.67 -24.86 -5.67
N MET D 558 -20.28 -26.11 -5.53
CA MET D 558 -20.86 -27.01 -4.58
C MET D 558 -20.17 -27.16 -3.25
N HIS D 559 -19.51 -26.13 -2.81
CA HIS D 559 -18.79 -26.13 -1.56
C HIS D 559 -19.67 -26.64 -0.40
N ASN D 560 -19.12 -27.55 0.38
CA ASN D 560 -19.85 -28.16 1.51
C ASN D 560 -21.07 -28.95 1.02
N LEU D 561 -21.14 -29.21 -0.28
CA LEU D 561 -22.23 -30.02 -0.87
C LEU D 561 -23.61 -29.35 -0.75
N PHE D 562 -23.61 -28.02 -0.66
CA PHE D 562 -24.83 -27.24 -0.85
C PHE D 562 -24.96 -27.00 -2.32
N GLY D 563 -26.08 -27.47 -2.87
CA GLY D 563 -26.35 -27.43 -4.30
C GLY D 563 -27.17 -26.23 -4.79
N ASP D 564 -27.60 -26.33 -6.05
CA ASP D 564 -28.49 -25.34 -6.62
C ASP D 564 -29.74 -25.16 -5.78
N THR D 565 -30.09 -23.89 -5.56
CA THR D 565 -31.32 -23.48 -4.90
C THR D 565 -32.48 -23.58 -5.90
N HIS D 566 -33.71 -23.63 -5.43
CA HIS D 566 -34.85 -23.51 -6.34
C HIS D 566 -34.76 -22.21 -7.12
N SER D 567 -35.24 -22.19 -8.36
CA SER D 567 -35.40 -20.89 -9.03
C SER D 567 -36.75 -20.82 -9.72
N VAL D 568 -37.29 -19.61 -9.79
CA VAL D 568 -38.62 -19.40 -10.34
C VAL D 568 -38.70 -18.15 -11.16
N VAL D 569 -39.71 -18.12 -12.00
CA VAL D 569 -39.92 -17.03 -12.90
C VAL D 569 -41.24 -16.37 -12.50
N VAL D 570 -41.23 -15.08 -12.20
CA VAL D 570 -42.47 -14.44 -11.82
C VAL D 570 -42.84 -13.33 -12.83
N ASN D 571 -44.06 -13.40 -13.37
CA ASN D 571 -44.65 -12.26 -14.10
C ASN D 571 -45.77 -11.63 -13.30
N VAL D 572 -45.84 -10.31 -13.32
CA VAL D 572 -46.90 -9.60 -12.64
C VAL D 572 -47.93 -9.20 -13.69
N GLY D 573 -49.16 -9.64 -13.47
CA GLY D 573 -50.22 -9.59 -14.47
C GLY D 573 -50.96 -8.27 -14.52
N ASP D 574 -51.68 -8.05 -15.62
CA ASP D 574 -52.41 -6.81 -15.87
C ASP D 574 -53.25 -6.31 -14.68
N GLN D 575 -53.75 -7.21 -13.83
CA GLN D 575 -54.46 -6.81 -12.57
C GLN D 575 -53.76 -7.17 -11.24
N GLY D 576 -52.40 -7.18 -11.24
CA GLY D 576 -51.60 -7.40 -10.03
C GLY D 576 -51.47 -8.85 -9.59
N GLU D 577 -51.84 -9.80 -10.47
CA GLU D 577 -51.67 -11.23 -10.24
C GLU D 577 -50.23 -11.66 -10.31
N ILE D 578 -49.88 -12.50 -9.36
CA ILE D 578 -48.57 -13.05 -9.28
C ILE D 578 -48.62 -14.30 -10.10
N ASN D 579 -48.04 -14.28 -11.30
CA ASN D 579 -48.00 -15.51 -12.10
C ASN D 579 -46.66 -16.19 -11.98
N ILE D 580 -46.65 -17.42 -11.50
CA ILE D 580 -45.40 -18.17 -11.37
C ILE D 580 -45.30 -19.24 -12.45
N ASP D 581 -44.59 -18.94 -13.54
CA ASP D 581 -44.65 -19.73 -14.78
C ASP D 581 -43.64 -20.91 -14.94
N PHE D 582 -42.35 -20.70 -14.65
CA PHE D 582 -41.37 -21.81 -14.72
C PHE D 582 -40.87 -22.05 -13.29
N ILE D 583 -40.66 -23.30 -12.94
CA ILE D 583 -40.12 -23.62 -11.65
C ILE D 583 -39.09 -24.68 -11.83
N ASN D 584 -37.91 -24.45 -11.27
CA ASN D 584 -36.85 -25.45 -11.32
C ASN D 584 -36.38 -25.82 -9.91
N GLU D 585 -36.62 -27.05 -9.51
CA GLU D 585 -36.20 -27.49 -8.19
C GLU D 585 -34.69 -27.53 -8.09
N GLY D 586 -34.18 -27.06 -6.95
CA GLY D 586 -32.78 -27.19 -6.66
C GLY D 586 -32.42 -28.62 -6.27
N ASP D 587 -31.15 -28.83 -5.99
CA ASP D 587 -30.62 -30.12 -5.78
C ASP D 587 -31.06 -30.70 -4.45
N THR D 588 -31.17 -32.01 -4.42
CA THR D 588 -31.41 -32.65 -3.14
C THR D 588 -30.05 -33.19 -2.67
N VAL D 589 -30.02 -33.66 -1.43
CA VAL D 589 -28.85 -34.34 -0.90
C VAL D 589 -28.39 -35.52 -1.76
N GLU D 590 -29.33 -36.26 -2.30
CA GLU D 590 -29.03 -37.41 -3.14
C GLU D 590 -28.41 -37.02 -4.45
N ASP D 591 -28.93 -35.97 -5.08
CA ASP D 591 -28.26 -35.35 -6.23
C ASP D 591 -26.78 -35.11 -6.00
N MET D 592 -26.45 -34.50 -4.88
CA MET D 592 -25.09 -34.20 -4.49
C MET D 592 -24.29 -35.45 -4.28
N MET D 593 -24.86 -36.47 -3.67
CA MET D 593 -24.19 -37.73 -3.48
C MET D 593 -23.86 -38.40 -4.81
N ARG D 594 -24.78 -38.29 -5.73
CA ARG D 594 -24.63 -38.81 -7.09
C ARG D 594 -23.52 -38.01 -7.82
N TYR D 595 -23.52 -36.69 -7.69
CA TYR D 595 -22.40 -35.92 -8.22
C TYR D 595 -20.97 -36.35 -7.65
N VAL D 596 -20.86 -36.80 -6.40
CA VAL D 596 -19.56 -37.24 -5.91
C VAL D 596 -19.30 -38.76 -6.08
N HIS D 597 -20.03 -39.39 -7.01
CA HIS D 597 -19.88 -40.81 -7.36
C HIS D 597 -20.27 -41.76 -6.23
N ILE D 598 -21.11 -41.31 -5.29
CA ILE D 598 -21.69 -42.28 -4.37
C ILE D 598 -22.76 -43.14 -5.09
N ASP D 599 -22.64 -44.46 -5.03
CA ASP D 599 -23.76 -45.35 -5.50
C ASP D 599 -24.94 -45.31 -4.53
N VAL D 600 -25.79 -44.31 -4.68
CA VAL D 600 -26.83 -44.08 -3.68
C VAL D 600 -27.83 -45.25 -3.57
N ASP D 601 -28.15 -45.90 -4.69
CA ASP D 601 -29.02 -47.11 -4.60
C ASP D 601 -28.47 -48.23 -3.70
N GLN D 602 -27.14 -48.46 -3.73
CA GLN D 602 -26.47 -49.45 -2.87
C GLN D 602 -26.57 -49.09 -1.37
N ILE D 603 -26.42 -47.80 -1.12
CA ILE D 603 -26.38 -47.16 0.19
C ILE D 603 -27.70 -47.30 0.89
N ARG D 604 -28.82 -47.10 0.19
CA ARG D 604 -30.12 -47.42 0.78
C ARG D 604 -30.19 -48.91 1.18
N LYS D 605 -29.71 -49.81 0.32
CA LYS D 605 -29.75 -51.27 0.62
C LYS D 605 -28.92 -51.54 1.84
N ASN D 606 -27.73 -50.94 1.89
CA ASN D 606 -26.85 -51.15 3.04
C ASN D 606 -27.46 -50.67 4.34
N TYR D 607 -28.19 -49.53 4.31
CA TYR D 607 -28.85 -48.99 5.51
C TYR D 607 -29.88 -49.92 6.03
N HIS D 608 -30.77 -50.33 5.13
CA HIS D 608 -31.75 -51.36 5.38
C HIS D 608 -31.08 -52.52 6.14
N SER D 609 -30.01 -53.02 5.55
CA SER D 609 -29.28 -54.13 6.11
C SER D 609 -28.73 -53.77 7.48
N LEU D 610 -28.06 -52.64 7.56
CA LEU D 610 -27.41 -52.25 8.80
C LEU D 610 -28.48 -52.10 9.90
N VAL D 611 -29.53 -51.33 9.61
CA VAL D 611 -30.65 -51.02 10.53
C VAL D 611 -31.45 -52.27 10.92
N SER D 612 -31.50 -53.27 10.03
CA SER D 612 -32.21 -54.51 10.34
C SER D 612 -31.58 -55.14 11.56
N GLN D 613 -30.24 -55.13 11.59
CA GLN D 613 -29.51 -55.82 12.61
C GLN D 613 -29.08 -55.01 13.83
N ARG D 614 -28.99 -53.68 13.69
CA ARG D 614 -28.44 -52.85 14.80
C ARG D 614 -29.45 -52.06 15.62
N VAL D 615 -30.71 -52.05 15.20
CA VAL D 615 -31.75 -51.22 15.82
C VAL D 615 -32.90 -52.14 16.21
N ASP D 616 -33.60 -51.87 17.34
CA ASP D 616 -34.79 -52.67 17.73
C ASP D 616 -35.86 -52.56 16.65
N GLN D 617 -36.53 -53.68 16.36
CA GLN D 617 -37.60 -53.69 15.34
C GLN D 617 -38.68 -52.61 15.56
N GLU D 618 -38.96 -52.28 16.82
CA GLU D 618 -39.96 -51.26 17.17
C GLU D 618 -39.59 -49.83 16.66
N GLU D 619 -38.29 -49.56 16.53
CA GLU D 619 -37.79 -48.27 16.03
C GLU D 619 -37.37 -48.31 14.57
N GLN D 620 -37.07 -49.51 14.06
CA GLN D 620 -36.56 -49.71 12.71
C GLN D 620 -37.14 -48.82 11.60
N GLN D 621 -38.45 -48.82 11.45
CA GLN D 621 -39.07 -48.01 10.39
C GLN D 621 -38.89 -46.49 10.60
N GLN D 622 -38.83 -46.06 11.87
CA GLN D 622 -38.59 -44.65 12.19
C GLN D 622 -37.23 -44.27 11.63
N ILE D 623 -36.20 -44.93 12.13
CA ILE D 623 -34.80 -44.65 11.80
C ILE D 623 -34.59 -44.70 10.29
N LEU D 624 -35.15 -45.74 9.70
CA LEU D 624 -35.10 -45.92 8.28
C LEU D 624 -35.77 -44.76 7.55
N ALA D 625 -36.91 -44.27 8.05
CA ALA D 625 -37.61 -43.18 7.37
C ALA D 625 -36.77 -41.91 7.39
N GLU D 626 -36.23 -41.59 8.57
CA GLU D 626 -35.45 -40.35 8.78
C GLU D 626 -34.21 -40.34 7.86
N LEU D 627 -33.60 -41.50 7.69
CA LEU D 627 -32.51 -41.66 6.74
C LEU D 627 -32.90 -41.29 5.32
N GLU D 628 -34.03 -41.81 4.85
CA GLU D 628 -34.39 -41.63 3.44
C GLU D 628 -34.87 -40.21 3.22
N GLN D 629 -35.51 -39.60 4.21
CA GLN D 629 -35.91 -38.21 4.12
C GLN D 629 -34.70 -37.23 4.11
N GLY D 630 -33.64 -37.60 4.84
CA GLY D 630 -32.35 -36.95 4.74
C GLY D 630 -31.86 -36.95 3.28
N LEU D 631 -31.82 -38.12 2.67
CA LEU D 631 -31.34 -38.27 1.29
C LEU D 631 -32.17 -37.52 0.26
N SER D 632 -33.48 -37.54 0.41
CA SER D 632 -34.40 -36.92 -0.53
C SER D 632 -34.62 -35.42 -0.26
N GLY D 633 -34.06 -34.89 0.82
CA GLY D 633 -34.38 -33.54 1.20
C GLY D 633 -33.56 -32.49 0.49
N TYR D 634 -34.09 -31.27 0.46
CA TYR D 634 -33.36 -30.06 0.02
C TYR D 634 -31.98 -29.99 0.78
N THR D 635 -30.92 -29.59 0.09
CA THR D 635 -29.60 -29.58 0.75
C THR D 635 -29.54 -28.55 1.84
N TYR D 636 -30.34 -27.49 1.72
CA TYR D 636 -30.42 -26.36 2.70
C TYR D 636 -31.18 -26.69 3.95
N LEU D 637 -31.24 -25.80 4.91
CA LEU D 637 -31.64 -26.20 6.25
C LEU D 637 -33.12 -25.90 6.54
N GLU D 638 -33.65 -26.37 7.67
CA GLU D 638 -35.01 -25.98 8.09
C GLU D 638 -35.08 -25.02 9.27
N ASP D 639 -36.00 -24.05 9.21
CA ASP D 639 -36.33 -23.14 10.35
C ASP D 639 -36.29 -23.88 11.68
#